data_8GYO
#
_entry.id   8GYO
#
_cell.length_a   1.00
_cell.length_b   1.00
_cell.length_c   1.00
_cell.angle_alpha   90.00
_cell.angle_beta   90.00
_cell.angle_gamma   90.00
#
_symmetry.space_group_name_H-M   'P 1'
#
loop_
_entity.id
_entity.type
_entity.pdbx_description
1 polymer Pannexin-1
2 non-polymer 2-acetamido-2-deoxy-beta-D-glucopyranose
3 non-polymer Digitonin
4 non-polymer 1,2-DIACYL-SN-GLYCERO-3-PHOSPHOCHOLINE
#
_entity_poly.entity_id   1
_entity_poly.type   'polypeptide(L)'
_entity_poly.pdbx_seq_one_letter_code
;MAIAQLATEYVFSDFLLKEPTEPKFKGLRLELAVDKMVTCIAVGLPLLLISLAFAQEISIGTQISCFSPSSFSWRQAAFV
DSYCWAAVQQKNSLQSESGNLPLWLHKFFPYILLLFAILLYLPPLFWRFAAAPHICSDLKFIMEELDKVYNRAIKAAKSA
RDLDMRDGACSVPGVTENLGQSLWEVSESHFKYPIVEQYLKTKKNSNNLIIKYISCRLLTLIIILLACIYLGYYFSLSSL
SDEFVCSIKSGILRNDSTVPDQFQCKLIAVGIFQLLSVINLVVYVLLAPVVVYTLFVPFRQKTDVLKVYEILPTFDVLHF
KSEGYNDLSLYNLFLEENISEVKSYKCLKVLENIKSSGQGIDPMLLLTNLGMIKMDVVDGKTPMSAEMREEQGNQTAELQ
GMNIDSETKANNGEKNARQRLLDSSC
;
_entity_poly.pdbx_strand_id   A,B,C,D,E,F,G
#
loop_
_chem_comp.id
_chem_comp.type
_chem_comp.name
_chem_comp.formula
AJP non-polymer Digitonin 'C56 H92 O29'
NAG D-saccharide, beta linking 2-acetamido-2-deoxy-beta-D-glucopyranose 'C8 H15 N O6'
PC1 non-polymer 1,2-DIACYL-SN-GLYCERO-3-PHOSPHOCHOLINE 'C44 H88 N O8 P'
#
# COMPACT_ATOMS: atom_id res chain seq x y z
N ALA A 2 -7.90 17.99 -3.30
CA ALA A 2 -9.10 17.20 -3.71
C ALA A 2 -8.88 16.58 -5.09
N ILE A 3 -9.02 17.39 -6.14
CA ILE A 3 -8.70 16.92 -7.48
C ILE A 3 -7.21 17.08 -7.75
N ALA A 4 -6.64 18.22 -7.35
CA ALA A 4 -5.21 18.45 -7.56
C ALA A 4 -4.38 17.45 -6.80
N GLN A 5 -4.74 17.17 -5.54
CA GLN A 5 -4.07 16.13 -4.78
C GLN A 5 -4.06 14.84 -5.57
N LEU A 6 -5.20 14.48 -6.16
CA LEU A 6 -5.26 13.30 -7.02
C LEU A 6 -4.34 13.46 -8.23
N ALA A 7 -4.36 14.63 -8.87
CA ALA A 7 -3.65 14.81 -10.12
C ALA A 7 -2.13 14.70 -9.91
N THR A 8 -1.58 15.44 -8.95
CA THR A 8 -0.14 15.42 -8.75
C THR A 8 0.36 14.01 -8.45
N GLU A 9 -0.48 13.19 -7.81
CA GLU A 9 -0.09 11.81 -7.56
C GLU A 9 0.11 11.05 -8.86
N TYR A 10 -0.77 11.26 -9.84
CA TYR A 10 -0.67 10.53 -11.09
C TYR A 10 0.55 10.97 -11.89
N VAL A 11 0.80 12.27 -11.96
CA VAL A 11 1.89 12.78 -12.79
C VAL A 11 3.24 12.38 -12.20
N PHE A 12 3.47 12.72 -10.94
CA PHE A 12 4.76 12.42 -10.32
C PHE A 12 5.02 10.92 -10.28
N SER A 13 3.97 10.12 -10.07
CA SER A 13 4.14 8.66 -10.08
C SER A 13 4.42 8.17 -11.50
N ASP A 14 3.68 8.68 -12.48
CA ASP A 14 3.99 8.35 -13.87
C ASP A 14 5.38 8.86 -14.25
N PHE A 15 5.86 9.91 -13.58
CA PHE A 15 7.20 10.42 -13.82
C PHE A 15 8.25 9.44 -13.30
N LEU A 16 8.05 8.90 -12.09
CA LEU A 16 9.06 8.02 -11.51
C LEU A 16 9.30 6.79 -12.39
N LEU A 17 8.33 6.41 -13.21
CA LEU A 17 8.55 5.31 -14.14
C LEU A 17 9.62 5.66 -15.16
N LYS A 18 9.67 6.93 -15.57
CA LYS A 18 10.62 7.34 -16.60
C LYS A 18 12.06 7.26 -16.10
N GLU A 19 12.30 7.58 -14.83
CA GLU A 19 13.67 7.68 -14.32
C GLU A 19 14.46 6.40 -14.57
N PRO A 20 14.09 5.25 -13.99
CA PRO A 20 14.78 4.00 -14.33
C PRO A 20 14.96 3.80 -15.83
N ARG A 29 17.89 7.10 -22.50
CA ARG A 29 17.31 6.94 -23.83
C ARG A 29 15.82 7.26 -23.81
N LEU A 30 15.29 7.66 -24.96
CA LEU A 30 13.89 8.03 -25.11
C LEU A 30 13.55 9.30 -24.34
N GLU A 31 14.56 10.14 -24.13
CA GLU A 31 14.41 11.41 -23.44
C GLU A 31 15.57 12.30 -23.86
N LEU A 32 15.74 13.43 -23.17
CA LEU A 32 16.90 14.26 -23.37
C LEU A 32 17.20 14.98 -22.06
N ALA A 33 18.46 15.38 -21.88
CA ALA A 33 18.88 15.97 -20.62
C ALA A 33 18.12 17.27 -20.34
N VAL A 34 17.88 18.06 -21.38
CA VAL A 34 17.26 19.38 -21.20
C VAL A 34 15.74 19.29 -21.28
N ASP A 35 15.22 18.67 -22.34
CA ASP A 35 13.77 18.63 -22.54
C ASP A 35 13.05 18.06 -21.31
N LYS A 36 13.66 17.07 -20.66
CA LYS A 36 13.01 16.45 -19.52
C LYS A 36 12.86 17.44 -18.37
N MET A 37 13.88 18.26 -18.12
CA MET A 37 13.77 19.28 -17.08
C MET A 37 12.63 20.23 -17.37
N VAL A 38 12.47 20.63 -18.64
CA VAL A 38 11.40 21.55 -19.01
C VAL A 38 10.05 20.90 -18.74
N THR A 39 9.85 19.67 -19.23
CA THR A 39 8.54 19.03 -19.08
C THR A 39 8.28 18.62 -17.64
N CYS A 40 9.32 18.61 -16.80
CA CYS A 40 9.11 18.37 -15.38
C CYS A 40 8.72 19.65 -14.66
N ILE A 41 9.46 20.74 -14.88
CA ILE A 41 9.17 21.99 -14.18
C ILE A 41 7.80 22.52 -14.57
N ALA A 42 7.52 22.59 -15.87
CA ALA A 42 6.30 23.23 -16.35
C ALA A 42 5.05 22.49 -15.93
N VAL A 43 5.17 21.22 -15.53
CA VAL A 43 4.03 20.45 -15.07
C VAL A 43 4.06 20.19 -13.57
N GLY A 44 5.17 20.47 -12.89
CA GLY A 44 5.21 20.32 -11.45
C GLY A 44 4.83 21.58 -10.72
N LEU A 45 5.20 22.74 -11.26
CA LEU A 45 4.89 23.99 -10.54
C LEU A 45 3.39 24.25 -10.45
N PRO A 46 2.61 24.26 -11.54
CA PRO A 46 1.17 24.51 -11.40
C PRO A 46 0.46 23.54 -10.49
N LEU A 47 0.83 22.26 -10.54
CA LEU A 47 0.21 21.28 -9.65
C LEU A 47 0.47 21.62 -8.19
N LEU A 48 1.73 21.95 -7.88
CA LEU A 48 2.09 22.28 -6.51
C LEU A 48 1.36 23.52 -6.03
N LEU A 49 1.20 24.51 -6.90
CA LEU A 49 0.49 25.73 -6.48
C LEU A 49 -1.01 25.51 -6.34
N ILE A 50 -1.63 24.67 -7.17
CA ILE A 50 -3.03 24.32 -6.94
C ILE A 50 -3.17 23.62 -5.61
N SER A 51 -2.25 22.71 -5.29
CA SER A 51 -2.27 22.04 -4.00
C SER A 51 -2.10 23.04 -2.86
N LEU A 52 -1.23 24.03 -3.04
CA LEU A 52 -1.05 25.05 -2.01
C LEU A 52 -2.33 25.84 -1.79
N ALA A 53 -3.04 26.19 -2.86
CA ALA A 53 -4.31 26.90 -2.69
C ALA A 53 -5.33 26.02 -1.97
N PHE A 54 -5.40 24.75 -2.34
CA PHE A 54 -6.35 23.85 -1.69
C PHE A 54 -6.03 23.66 -0.22
N ALA A 55 -4.74 23.71 0.13
CA ALA A 55 -4.35 23.66 1.54
C ALA A 55 -4.61 24.97 2.27
N GLN A 56 -4.43 26.10 1.59
CA GLN A 56 -4.83 27.39 2.15
C GLN A 56 -6.28 27.35 2.56
N GLU A 57 -7.11 26.73 1.73
CA GLU A 57 -8.53 26.56 2.07
C GLU A 57 -8.73 25.62 3.26
N ILE A 58 -7.68 25.01 3.78
CA ILE A 58 -7.78 24.30 5.06
C ILE A 58 -7.55 25.26 6.22
N SER A 59 -6.44 26.00 6.18
CA SER A 59 -6.14 26.95 7.23
C SER A 59 -7.25 28.00 7.34
N ILE A 60 -7.42 28.81 6.31
CA ILE A 60 -8.50 29.79 6.29
C ILE A 60 -8.86 30.07 4.84
N GLY A 61 -10.13 29.93 4.49
CA GLY A 61 -10.57 30.29 3.16
C GLY A 61 -12.03 30.02 2.88
N THR A 62 -12.69 31.02 2.31
CA THR A 62 -14.01 30.87 1.70
C THR A 62 -14.09 31.90 0.59
N GLN A 63 -14.38 31.43 -0.63
CA GLN A 63 -14.22 32.26 -1.81
C GLN A 63 -14.94 33.60 -1.67
N ILE A 64 -16.19 33.57 -1.21
CA ILE A 64 -17.04 34.75 -1.24
C ILE A 64 -17.58 35.03 0.17
N SER A 65 -17.92 36.29 0.39
CA SER A 65 -18.55 36.71 1.65
C SER A 65 -19.30 38.02 1.40
N CYS A 66 -20.62 37.99 1.50
CA CYS A 66 -21.44 39.18 1.33
C CYS A 66 -21.85 39.74 2.68
N PHE A 67 -22.10 41.05 2.72
CA PHE A 67 -22.47 41.77 3.93
C PHE A 67 -23.97 41.98 3.93
N SER A 68 -24.68 41.18 4.72
CA SER A 68 -26.12 41.34 4.85
C SER A 68 -26.45 42.10 6.14
N PRO A 69 -27.48 42.95 6.13
CA PRO A 69 -27.79 43.75 7.33
C PRO A 69 -28.09 42.87 8.53
N SER A 70 -28.16 43.52 9.69
CA SER A 70 -28.30 42.80 10.96
C SER A 70 -29.66 42.13 11.11
N SER A 71 -30.69 42.61 10.42
CA SER A 71 -32.01 41.99 10.56
C SER A 71 -32.00 40.56 10.04
N PHE A 72 -31.19 40.26 9.04
CA PHE A 72 -31.15 38.92 8.48
C PHE A 72 -30.69 37.91 9.52
N SER A 73 -31.34 36.75 9.53
CA SER A 73 -30.94 35.66 10.41
C SER A 73 -29.75 34.94 9.77
N TRP A 74 -29.37 33.80 10.35
CA TRP A 74 -28.22 33.05 9.83
C TRP A 74 -28.52 32.49 8.45
N ARG A 75 -29.68 31.85 8.30
CA ARG A 75 -29.99 31.18 7.04
C ARG A 75 -30.21 32.16 5.91
N GLN A 76 -30.84 33.30 6.20
CA GLN A 76 -31.03 34.31 5.16
C GLN A 76 -29.69 34.84 4.65
N ALA A 77 -28.75 35.09 5.57
CA ALA A 77 -27.43 35.56 5.17
C ALA A 77 -26.68 34.48 4.38
N ALA A 78 -26.80 33.22 4.79
CA ALA A 78 -26.18 32.14 4.04
C ALA A 78 -26.75 32.07 2.63
N PHE A 79 -28.07 32.22 2.50
CA PHE A 79 -28.70 32.24 1.19
C PHE A 79 -28.17 33.40 0.36
N VAL A 80 -28.04 34.58 0.96
CA VAL A 80 -27.53 35.73 0.22
C VAL A 80 -26.12 35.45 -0.29
N ASP A 81 -25.26 34.93 0.58
CA ASP A 81 -23.90 34.63 0.19
C ASP A 81 -23.88 33.65 -0.97
N SER A 82 -24.66 32.58 -0.87
CA SER A 82 -24.60 31.54 -1.89
C SER A 82 -25.25 31.99 -3.19
N TYR A 83 -26.31 32.81 -3.12
CA TYR A 83 -26.92 33.36 -4.32
C TYR A 83 -25.94 34.26 -5.05
N CYS A 84 -25.24 35.12 -4.32
CA CYS A 84 -24.24 35.96 -4.97
C CYS A 84 -23.06 35.14 -5.48
N TRP A 85 -22.82 33.98 -4.86
CA TRP A 85 -21.77 33.10 -5.35
C TRP A 85 -22.10 32.52 -6.71
N ALA A 86 -23.39 32.26 -6.98
CA ALA A 86 -23.81 31.66 -8.24
C ALA A 86 -24.32 32.68 -9.25
N ALA A 87 -24.54 33.92 -8.84
CA ALA A 87 -24.91 34.99 -9.77
C ALA A 87 -23.71 35.65 -10.40
N VAL A 88 -22.50 35.21 -10.07
CA VAL A 88 -21.29 35.77 -10.67
C VAL A 88 -21.28 35.54 -12.18
N GLN A 89 -21.78 34.38 -12.62
CA GLN A 89 -21.61 33.96 -14.00
C GLN A 89 -22.37 34.83 -14.99
N GLN A 90 -23.38 35.60 -14.55
CA GLN A 90 -24.23 36.31 -15.50
C GLN A 90 -23.70 37.72 -15.76
N LYS A 91 -23.72 38.57 -14.74
CA LYS A 91 -23.04 39.85 -14.76
C LYS A 91 -23.37 40.57 -13.46
N ASN A 92 -22.53 41.53 -13.10
CA ASN A 92 -22.74 42.32 -11.89
C ASN A 92 -21.86 43.55 -11.94
N SER A 93 -22.37 44.64 -11.35
CA SER A 93 -21.72 45.93 -11.40
C SER A 93 -20.80 46.11 -10.19
N LEU A 94 -19.77 46.94 -10.37
CA LEU A 94 -18.85 47.31 -9.33
C LEU A 94 -18.92 48.82 -9.13
N GLN A 95 -18.95 49.27 -7.88
CA GLN A 95 -19.06 50.70 -7.61
C GLN A 95 -17.69 51.37 -7.58
N SER A 96 -16.86 51.03 -8.55
CA SER A 96 -15.68 51.83 -8.86
C SER A 96 -15.36 51.85 -10.35
N GLU A 97 -16.16 51.21 -11.20
CA GLU A 97 -15.81 50.98 -12.59
C GLU A 97 -17.06 51.21 -13.44
N SER A 98 -16.98 50.80 -14.71
CA SER A 98 -18.09 50.87 -15.63
C SER A 98 -19.01 49.67 -15.38
N GLY A 99 -19.91 49.41 -16.35
CA GLY A 99 -20.93 48.40 -16.21
C GLY A 99 -20.50 47.08 -15.60
N ASN A 100 -19.56 46.39 -16.25
CA ASN A 100 -19.28 45.00 -15.90
C ASN A 100 -17.79 44.71 -16.12
N LEU A 101 -17.42 43.46 -15.87
CA LEU A 101 -16.04 43.00 -15.88
C LEU A 101 -16.14 41.48 -15.72
N PRO A 102 -15.19 40.69 -16.25
CA PRO A 102 -15.31 39.24 -16.14
C PRO A 102 -14.89 38.73 -14.77
N LEU A 103 -15.87 38.30 -13.97
CA LEU A 103 -15.62 37.87 -12.61
C LEU A 103 -15.60 36.35 -12.45
N TRP A 104 -16.07 35.60 -13.44
CA TRP A 104 -16.03 34.15 -13.32
C TRP A 104 -14.63 33.59 -13.48
N LEU A 105 -13.66 34.42 -13.89
CA LEU A 105 -12.27 33.97 -13.88
C LEU A 105 -11.78 33.73 -12.45
N HIS A 106 -12.31 34.50 -11.48
CA HIS A 106 -11.93 34.30 -10.09
C HIS A 106 -12.46 32.99 -9.53
N LYS A 107 -13.53 32.45 -10.11
CA LYS A 107 -14.07 31.17 -9.64
C LYS A 107 -13.25 30.01 -10.18
N PHE A 108 -12.96 30.02 -11.48
CA PHE A 108 -12.42 28.85 -12.17
C PHE A 108 -10.90 28.87 -12.32
N PHE A 109 -10.21 29.83 -11.72
CA PHE A 109 -8.75 29.88 -11.87
C PHE A 109 -8.08 28.58 -11.51
N PRO A 110 -8.38 27.93 -10.38
CA PRO A 110 -7.73 26.63 -10.10
C PRO A 110 -8.02 25.59 -11.17
N TYR A 111 -9.19 25.64 -11.80
CA TYR A 111 -9.47 24.72 -12.91
C TYR A 111 -8.53 24.98 -14.08
N ILE A 112 -8.24 26.24 -14.36
CA ILE A 112 -7.42 26.58 -15.53
C ILE A 112 -6.01 26.03 -15.37
N LEU A 113 -5.49 26.04 -14.14
CA LEU A 113 -4.13 25.52 -13.95
C LEU A 113 -4.09 24.01 -14.12
N LEU A 114 -5.13 23.30 -13.68
CA LEU A 114 -5.23 21.87 -13.98
C LEU A 114 -5.29 21.64 -15.48
N LEU A 115 -6.06 22.46 -16.19
CA LEU A 115 -6.15 22.33 -17.65
C LEU A 115 -4.78 22.53 -18.28
N PHE A 116 -4.04 23.54 -17.83
CA PHE A 116 -2.73 23.82 -18.42
C PHE A 116 -1.75 22.71 -18.10
N ALA A 117 -1.82 22.13 -16.89
CA ALA A 117 -0.96 21.00 -16.58
C ALA A 117 -1.26 19.82 -17.50
N ILE A 118 -2.54 19.53 -17.73
CA ILE A 118 -2.91 18.45 -18.63
C ILE A 118 -2.39 18.71 -20.04
N LEU A 119 -2.58 19.95 -20.52
CA LEU A 119 -2.15 20.27 -21.88
C LEU A 119 -0.64 20.26 -22.02
N LEU A 120 0.09 20.58 -20.95
CA LEU A 120 1.55 20.55 -21.00
C LEU A 120 2.10 19.13 -20.89
N TYR A 121 1.40 18.24 -20.20
CA TYR A 121 1.86 16.85 -20.13
C TYR A 121 1.40 16.02 -21.33
N LEU A 122 0.43 16.50 -22.10
CA LEU A 122 0.03 15.79 -23.32
C LEU A 122 1.19 15.58 -24.30
N PRO A 123 2.01 16.57 -24.63
CA PRO A 123 3.03 16.39 -25.67
C PRO A 123 3.98 15.24 -25.36
N PRO A 124 4.60 15.22 -24.18
CA PRO A 124 5.50 14.10 -23.86
C PRO A 124 4.81 12.75 -23.86
N LEU A 125 3.55 12.69 -23.42
CA LEU A 125 2.82 11.43 -23.47
C LEU A 125 2.67 10.95 -24.90
N PHE A 126 2.31 11.86 -25.82
CA PHE A 126 2.19 11.46 -27.22
C PHE A 126 3.55 11.06 -27.78
N TRP A 127 4.61 11.77 -27.37
CA TRP A 127 5.95 11.43 -27.84
C TRP A 127 6.33 10.02 -27.42
N ARG A 128 5.96 9.63 -26.20
CA ARG A 128 6.28 8.28 -25.73
C ARG A 128 5.61 7.20 -26.56
N PHE A 129 4.58 7.54 -27.34
CA PHE A 129 3.86 6.58 -28.16
C PHE A 129 4.18 6.70 -29.65
N ALA A 130 5.09 7.59 -30.05
CA ALA A 130 5.30 7.85 -31.47
C ALA A 130 6.77 7.82 -31.87
N ALA A 131 7.68 8.03 -30.91
CA ALA A 131 9.09 8.09 -31.24
C ALA A 131 9.97 7.27 -30.30
N ALA A 132 9.45 6.80 -29.16
CA ALA A 132 10.27 6.01 -28.25
C ALA A 132 10.61 4.65 -28.83
N PRO A 133 9.66 3.86 -29.33
CA PRO A 133 10.03 2.51 -29.81
C PRO A 133 11.02 2.53 -30.97
N HIS A 134 10.77 3.37 -31.97
CA HIS A 134 11.64 3.40 -33.14
C HIS A 134 13.06 3.84 -32.77
N ILE A 135 13.16 4.89 -31.95
CA ILE A 135 14.47 5.37 -31.53
C ILE A 135 15.19 4.31 -30.72
N CYS A 136 14.49 3.65 -29.80
CA CYS A 136 15.13 2.61 -29.00
C CYS A 136 15.65 1.49 -29.90
N SER A 137 14.82 1.05 -30.86
CA SER A 137 15.23 -0.02 -31.75
C SER A 137 16.47 0.39 -32.55
N ASP A 138 16.45 1.58 -33.14
CA ASP A 138 17.57 2.00 -33.97
C ASP A 138 18.84 2.16 -33.16
N LEU A 139 18.73 2.75 -31.96
CA LEU A 139 19.92 2.93 -31.14
C LEU A 139 20.48 1.59 -30.67
N LYS A 140 19.61 0.65 -30.28
CA LYS A 140 20.10 -0.66 -29.88
C LYS A 140 20.81 -1.35 -31.05
N PHE A 141 20.23 -1.26 -32.25
CA PHE A 141 20.86 -1.88 -33.41
C PHE A 141 22.22 -1.25 -33.69
N ILE A 142 22.31 0.08 -33.63
CA ILE A 142 23.57 0.75 -33.94
C ILE A 142 24.63 0.41 -32.89
N MET A 143 24.23 0.37 -31.62
CA MET A 143 25.18 0.00 -30.56
C MET A 143 25.67 -1.42 -30.74
N GLU A 144 24.77 -2.35 -31.06
CA GLU A 144 25.19 -3.73 -31.29
C GLU A 144 26.12 -3.83 -32.48
N GLU A 145 25.83 -3.09 -33.54
CA GLU A 145 26.71 -3.12 -34.72
C GLU A 145 28.08 -2.54 -34.40
N LEU A 146 28.13 -1.47 -33.62
CA LEU A 146 29.43 -0.92 -33.23
C LEU A 146 30.20 -1.91 -32.35
N ASP A 147 29.50 -2.58 -31.43
CA ASP A 147 30.17 -3.60 -30.61
C ASP A 147 30.73 -4.71 -31.48
N LYS A 148 29.96 -5.16 -32.47
CA LYS A 148 30.43 -6.22 -33.35
C LYS A 148 31.64 -5.77 -34.16
N VAL A 149 31.56 -4.58 -34.77
CA VAL A 149 32.66 -4.12 -35.61
C VAL A 149 33.91 -3.90 -34.78
N TYR A 150 33.75 -3.55 -33.50
CA TYR A 150 34.92 -3.46 -32.61
C TYR A 150 35.55 -4.84 -32.42
N ASN A 151 34.71 -5.84 -32.14
CA ASN A 151 35.24 -7.20 -31.93
C ASN A 151 35.89 -7.74 -33.20
N ARG A 152 35.28 -7.48 -34.35
CA ARG A 152 35.89 -7.91 -35.61
C ARG A 152 37.26 -7.27 -35.79
N ALA A 153 37.41 -6.01 -35.39
CA ALA A 153 38.69 -5.32 -35.55
C ALA A 153 39.78 -6.00 -34.74
N ILE A 154 39.48 -6.38 -33.49
CA ILE A 154 40.47 -7.09 -32.68
C ILE A 154 40.83 -8.42 -33.32
N LYS A 155 39.82 -9.16 -33.80
CA LYS A 155 40.09 -10.45 -34.43
C LYS A 155 40.96 -10.27 -35.67
N ALA A 156 40.67 -9.26 -36.50
CA ALA A 156 41.53 -8.96 -37.63
C ALA A 156 42.92 -8.54 -37.16
N ALA A 157 42.99 -7.72 -36.12
CA ALA A 157 44.28 -7.30 -35.59
C ALA A 157 45.06 -8.48 -35.04
N LYS A 158 44.41 -9.29 -34.19
CA LYS A 158 45.10 -10.41 -33.56
C LYS A 158 45.52 -11.45 -34.60
N SER A 159 44.65 -11.75 -35.56
CA SER A 159 45.02 -12.71 -36.60
C SER A 159 46.21 -12.22 -37.41
N ALA A 160 46.28 -10.91 -37.66
CA ALA A 160 47.43 -10.35 -38.36
C ALA A 160 48.72 -10.57 -37.55
N ARG A 161 48.65 -10.38 -36.24
CA ARG A 161 49.81 -10.63 -35.40
C ARG A 161 50.20 -12.10 -35.43
N ASP A 162 49.21 -12.99 -35.43
CA ASP A 162 49.51 -14.43 -35.44
C ASP A 162 50.27 -14.81 -36.70
N LEU A 163 49.87 -14.27 -37.85
CA LEU A 163 50.58 -14.58 -39.09
C LEU A 163 52.02 -14.10 -39.03
N ASP A 164 52.25 -12.90 -38.48
CA ASP A 164 53.61 -12.39 -38.37
C ASP A 164 54.47 -13.29 -37.50
N MET A 165 53.92 -13.78 -36.38
CA MET A 165 54.63 -14.69 -35.51
C MET A 165 54.91 -16.00 -36.24
N PHE A 191 36.21 -8.34 -45.25
CA PHE A 191 35.62 -7.20 -44.54
C PHE A 191 34.11 -7.21 -44.69
N LYS A 192 33.41 -7.45 -43.59
CA LYS A 192 31.96 -7.51 -43.62
C LYS A 192 31.38 -6.15 -43.99
N TYR A 193 30.25 -6.16 -44.68
CA TYR A 193 29.63 -4.94 -45.14
C TYR A 193 29.28 -4.04 -43.95
N PRO A 194 29.60 -2.75 -44.01
CA PRO A 194 29.18 -1.85 -42.91
C PRO A 194 27.67 -1.61 -42.94
N ILE A 195 26.91 -2.59 -42.46
CA ILE A 195 25.46 -2.50 -42.51
C ILE A 195 24.97 -1.28 -41.75
N VAL A 196 25.55 -1.00 -40.58
CA VAL A 196 25.10 0.13 -39.77
C VAL A 196 25.38 1.45 -40.49
N GLU A 197 26.52 1.54 -41.18
CA GLU A 197 26.83 2.77 -41.89
C GLU A 197 25.82 3.04 -43.01
N GLN A 198 25.47 2.00 -43.77
CA GLN A 198 24.46 2.16 -44.82
C GLN A 198 23.11 2.50 -44.21
N TYR A 199 22.77 1.89 -43.07
CA TYR A 199 21.51 2.18 -42.41
C TYR A 199 21.44 3.65 -42.01
N LEU A 200 22.51 4.17 -41.43
CA LEU A 200 22.53 5.58 -41.05
C LEU A 200 22.49 6.48 -42.27
N LYS A 201 23.19 6.11 -43.34
CA LYS A 201 23.12 6.89 -44.58
C LYS A 201 21.70 6.95 -45.11
N THR A 202 20.99 5.83 -45.08
CA THR A 202 19.59 5.82 -45.52
C THR A 202 18.73 6.68 -44.62
N LYS A 203 18.91 6.56 -43.30
CA LYS A 203 18.11 7.37 -42.37
C LYS A 203 18.35 8.85 -42.58
N LYS A 204 19.56 9.23 -43.01
CA LYS A 204 19.86 10.63 -43.25
C LYS A 204 18.88 11.27 -44.22
N ASN A 205 18.31 10.48 -45.13
CA ASN A 205 17.41 11.01 -46.16
C ASN A 205 15.98 11.20 -45.69
N SER A 206 15.58 10.62 -44.56
CA SER A 206 14.21 10.66 -44.10
C SER A 206 14.02 11.77 -43.06
N ASN A 207 12.78 12.26 -42.96
CA ASN A 207 12.46 13.39 -42.10
C ASN A 207 11.16 13.13 -41.32
N ASN A 208 11.05 11.94 -40.72
CA ASN A 208 9.86 11.60 -39.94
C ASN A 208 10.05 11.87 -38.45
N LEU A 209 11.08 11.27 -37.86
CA LEU A 209 11.32 11.49 -36.43
C LEU A 209 11.57 12.96 -36.15
N ILE A 210 12.21 13.67 -37.08
CA ILE A 210 12.37 15.11 -36.92
C ILE A 210 11.02 15.80 -36.89
N ILE A 211 10.09 15.41 -37.79
CA ILE A 211 8.79 16.07 -37.81
C ILE A 211 8.10 15.88 -36.46
N LYS A 212 8.16 14.65 -35.92
CA LYS A 212 7.45 14.38 -34.67
C LYS A 212 8.10 15.11 -33.49
N TYR A 213 9.43 15.04 -33.39
CA TYR A 213 10.12 15.64 -32.25
C TYR A 213 10.20 17.15 -32.36
N ILE A 214 9.86 17.73 -33.51
CA ILE A 214 9.73 19.17 -33.60
C ILE A 214 8.28 19.60 -33.35
N SER A 215 7.30 18.82 -33.79
CA SER A 215 5.91 19.12 -33.49
C SER A 215 5.65 19.08 -31.99
N CYS A 216 6.24 18.11 -31.29
CA CYS A 216 6.06 18.04 -29.84
C CYS A 216 6.54 19.32 -29.18
N ARG A 217 7.76 19.76 -29.51
CA ARG A 217 8.30 20.97 -28.92
C ARG A 217 7.49 22.20 -29.30
N LEU A 218 7.02 22.25 -30.55
CA LEU A 218 6.22 23.39 -30.97
C LEU A 218 4.92 23.47 -30.19
N LEU A 219 4.26 22.32 -29.98
CA LEU A 219 3.05 22.31 -29.17
C LEU A 219 3.34 22.75 -27.74
N THR A 220 4.44 22.26 -27.17
CA THR A 220 4.78 22.67 -25.80
C THR A 220 5.02 24.17 -25.73
N LEU A 221 5.75 24.72 -26.69
CA LEU A 221 6.01 26.16 -26.68
C LEU A 221 4.73 26.96 -26.87
N ILE A 222 3.84 26.49 -27.75
CA ILE A 222 2.59 27.22 -27.98
C ILE A 222 1.74 27.22 -26.71
N ILE A 223 1.68 26.08 -26.02
CA ILE A 223 0.91 26.01 -24.79
C ILE A 223 1.53 26.90 -23.71
N ILE A 224 2.86 26.92 -23.63
CA ILE A 224 3.52 27.78 -22.64
C ILE A 224 3.22 29.24 -22.95
N LEU A 225 3.24 29.62 -24.23
CA LEU A 225 2.93 31.00 -24.59
C LEU A 225 1.49 31.34 -24.25
N LEU A 226 0.56 30.44 -24.55
CA LEU A 226 -0.84 30.69 -24.19
C LEU A 226 -0.99 30.87 -22.69
N ALA A 227 -0.33 30.02 -21.90
CA ALA A 227 -0.40 30.15 -20.45
C ALA A 227 0.21 31.47 -19.99
N CYS A 228 1.32 31.88 -20.61
CA CYS A 228 1.95 33.14 -20.24
C CYS A 228 1.00 34.31 -20.47
N ILE A 229 0.37 34.35 -21.65
CA ILE A 229 -0.53 35.47 -21.95
C ILE A 229 -1.74 35.44 -21.03
N TYR A 230 -2.27 34.24 -20.76
CA TYR A 230 -3.44 34.15 -19.88
C TYR A 230 -3.10 34.61 -18.47
N LEU A 231 -1.96 34.18 -17.93
CA LEU A 231 -1.59 34.58 -16.58
C LEU A 231 -1.29 36.07 -16.51
N GLY A 232 -0.68 36.63 -17.56
CA GLY A 232 -0.45 38.07 -17.57
C GLY A 232 -1.75 38.85 -17.57
N TYR A 233 -2.72 38.42 -18.39
CA TYR A 233 -4.01 39.08 -18.41
C TYR A 233 -4.69 38.96 -17.05
N TYR A 234 -4.63 37.79 -16.43
CA TYR A 234 -5.24 37.61 -15.12
C TYR A 234 -4.60 38.52 -14.08
N PHE A 235 -3.26 38.58 -14.07
CA PHE A 235 -2.58 39.44 -13.12
C PHE A 235 -2.96 40.90 -13.32
N SER A 236 -3.08 41.33 -14.58
CA SER A 236 -3.58 42.68 -14.85
C SER A 236 -5.00 42.85 -14.31
N LEU A 237 -5.84 41.83 -14.50
CA LEU A 237 -7.22 41.91 -14.04
C LEU A 237 -7.30 41.87 -12.51
N SER A 238 -6.72 40.85 -11.90
CA SER A 238 -6.90 40.59 -10.47
C SER A 238 -6.05 41.55 -9.64
N SER A 239 -6.33 42.85 -9.83
CA SER A 239 -5.70 43.91 -9.06
C SER A 239 -6.66 44.98 -8.60
N LEU A 240 -7.86 45.07 -9.18
CA LEU A 240 -8.78 46.18 -8.88
C LEU A 240 -10.22 45.76 -8.69
N SER A 241 -10.63 44.54 -9.06
CA SER A 241 -12.04 44.20 -9.15
C SER A 241 -12.34 42.89 -8.43
N ASP A 242 -11.85 42.75 -7.21
CA ASP A 242 -12.29 41.67 -6.33
C ASP A 242 -13.61 41.99 -5.63
N GLU A 243 -14.12 43.21 -5.79
CA GLU A 243 -15.33 43.64 -5.12
C GLU A 243 -16.56 43.19 -5.92
N PHE A 244 -17.73 43.68 -5.52
CA PHE A 244 -19.00 43.19 -6.04
C PHE A 244 -20.09 44.19 -5.68
N VAL A 245 -21.21 44.10 -6.39
CA VAL A 245 -22.47 44.65 -5.90
C VAL A 245 -23.56 43.67 -6.30
N CYS A 246 -24.08 42.92 -5.33
CA CYS A 246 -24.98 41.82 -5.58
C CYS A 246 -26.42 42.25 -5.30
N SER A 247 -27.32 41.92 -6.23
CA SER A 247 -28.74 42.14 -6.06
C SER A 247 -29.45 40.79 -5.96
N ILE A 248 -30.34 40.67 -4.98
CA ILE A 248 -30.98 39.39 -4.66
C ILE A 248 -32.46 39.39 -4.95
N LYS A 249 -33.00 40.46 -5.56
CA LYS A 249 -34.43 40.59 -5.80
C LYS A 249 -34.79 40.02 -7.18
N SER A 250 -34.63 38.70 -7.30
CA SER A 250 -34.73 38.05 -8.63
C SER A 250 -36.16 37.70 -9.02
N GLY A 251 -36.78 36.74 -8.31
CA GLY A 251 -38.01 36.15 -8.80
C GLY A 251 -39.31 36.68 -8.21
N ILE A 252 -39.44 36.65 -6.89
CA ILE A 252 -40.60 37.21 -6.21
C ILE A 252 -40.21 38.26 -5.18
N LEU A 253 -38.95 38.29 -4.75
CA LEU A 253 -38.48 39.34 -3.86
C LEU A 253 -38.42 40.69 -4.56
N ARG A 254 -38.57 40.72 -5.88
CA ARG A 254 -38.59 41.98 -6.63
C ARG A 254 -39.66 42.92 -6.10
N ASN A 255 -40.77 42.37 -5.59
CA ASN A 255 -41.85 43.16 -5.03
C ASN A 255 -41.85 43.14 -3.50
N ASP A 256 -40.76 42.69 -2.89
CA ASP A 256 -40.66 42.63 -1.44
C ASP A 256 -40.15 43.96 -0.88
N SER A 257 -40.19 44.07 0.45
CA SER A 257 -39.79 45.29 1.15
C SER A 257 -38.64 45.08 2.12
N THR A 258 -38.66 43.99 2.90
CA THR A 258 -37.64 43.79 3.91
C THR A 258 -36.25 43.68 3.29
N VAL A 259 -36.14 42.91 2.21
CA VAL A 259 -34.82 42.67 1.59
C VAL A 259 -34.29 43.98 1.03
N PRO A 260 -33.02 44.32 1.28
CA PRO A 260 -32.45 45.52 0.66
C PRO A 260 -32.04 45.25 -0.79
N ASP A 261 -31.51 46.29 -1.42
CA ASP A 261 -31.24 46.23 -2.86
C ASP A 261 -29.88 45.63 -3.15
N GLN A 262 -28.81 46.24 -2.64
CA GLN A 262 -27.45 45.88 -3.01
C GLN A 262 -26.71 45.32 -1.79
N PHE A 263 -25.99 44.23 -2.02
CA PHE A 263 -25.11 43.62 -1.01
C PHE A 263 -23.68 43.73 -1.51
N GLN A 264 -22.84 44.42 -0.75
CA GLN A 264 -21.45 44.66 -1.16
C GLN A 264 -20.64 43.41 -0.88
N CYS A 265 -20.79 42.42 -1.76
CA CYS A 265 -20.04 41.19 -1.62
C CYS A 265 -18.61 41.39 -2.11
N LYS A 266 -17.74 40.47 -1.71
CA LYS A 266 -16.32 40.57 -2.03
C LYS A 266 -15.71 39.18 -2.09
N LEU A 267 -15.11 38.84 -3.23
CA LEU A 267 -14.33 37.63 -3.34
C LEU A 267 -13.10 37.72 -2.44
N ILE A 268 -12.70 36.57 -1.89
CA ILE A 268 -11.71 36.55 -0.83
C ILE A 268 -10.35 36.05 -1.29
N ALA A 269 -10.28 35.00 -2.11
CA ALA A 269 -9.02 34.36 -2.48
C ALA A 269 -8.42 34.97 -3.74
N VAL A 270 -8.71 36.23 -4.03
CA VAL A 270 -8.16 36.86 -5.22
C VAL A 270 -6.66 37.11 -5.06
N GLY A 271 -6.22 37.50 -3.86
CA GLY A 271 -4.81 37.79 -3.66
C GLY A 271 -3.92 36.58 -3.83
N ILE A 272 -4.33 35.44 -3.27
CA ILE A 272 -3.56 34.22 -3.43
C ILE A 272 -3.45 33.85 -4.89
N PHE A 273 -4.56 33.94 -5.63
CA PHE A 273 -4.54 33.62 -7.06
C PHE A 273 -3.64 34.59 -7.82
N GLN A 274 -3.65 35.87 -7.44
CA GLN A 274 -2.78 36.84 -8.09
C GLN A 274 -1.31 36.49 -7.89
N LEU A 275 -0.94 36.14 -6.66
CA LEU A 275 0.45 35.77 -6.41
C LEU A 275 0.84 34.51 -7.17
N LEU A 276 -0.04 33.51 -7.18
CA LEU A 276 0.26 32.29 -7.92
C LEU A 276 0.40 32.58 -9.41
N SER A 277 -0.45 33.46 -9.94
CA SER A 277 -0.35 33.83 -11.34
C SER A 277 0.97 34.50 -11.64
N VAL A 278 1.40 35.43 -10.79
CA VAL A 278 2.66 36.12 -11.07
C VAL A 278 3.84 35.16 -10.98
N ILE A 279 3.82 34.24 -10.00
CA ILE A 279 4.90 33.26 -9.88
C ILE A 279 4.97 32.40 -11.13
N ASN A 280 3.82 31.88 -11.57
CA ASN A 280 3.82 31.04 -12.76
C ASN A 280 4.23 31.82 -13.99
N LEU A 281 3.80 33.07 -14.10
CA LEU A 281 4.17 33.88 -15.26
C LEU A 281 5.68 34.08 -15.32
N VAL A 282 6.30 34.41 -14.19
CA VAL A 282 7.74 34.64 -14.21
C VAL A 282 8.48 33.35 -14.51
N VAL A 283 8.02 32.22 -13.95
CA VAL A 283 8.69 30.96 -14.22
C VAL A 283 8.60 30.61 -15.70
N TYR A 284 7.42 30.77 -16.30
CA TYR A 284 7.27 30.42 -17.71
C TYR A 284 8.02 31.38 -18.61
N VAL A 285 8.10 32.67 -18.23
CA VAL A 285 8.89 33.62 -19.00
C VAL A 285 10.36 33.19 -18.99
N LEU A 286 10.87 32.77 -17.84
CA LEU A 286 12.25 32.29 -17.78
C LEU A 286 12.42 31.00 -18.58
N LEU A 287 11.42 30.12 -18.54
CA LEU A 287 11.55 28.80 -19.14
C LEU A 287 11.42 28.80 -20.66
N ALA A 288 10.60 29.68 -21.22
CA ALA A 288 10.37 29.68 -22.66
C ALA A 288 11.65 29.74 -23.49
N PRO A 289 12.63 30.59 -23.19
CA PRO A 289 13.86 30.57 -23.99
C PRO A 289 14.57 29.22 -23.99
N VAL A 290 14.41 28.43 -22.94
CA VAL A 290 15.03 27.09 -22.94
C VAL A 290 14.40 26.23 -24.02
N VAL A 291 13.07 26.27 -24.15
CA VAL A 291 12.41 25.52 -25.21
C VAL A 291 12.81 26.07 -26.57
N VAL A 292 12.92 27.40 -26.69
CA VAL A 292 13.36 28.00 -27.94
C VAL A 292 14.73 27.45 -28.33
N TYR A 293 15.66 27.43 -27.38
CA TYR A 293 17.00 26.91 -27.65
C TYR A 293 16.94 25.46 -28.08
N THR A 294 16.27 24.62 -27.28
CA THR A 294 16.28 23.19 -27.57
C THR A 294 15.57 22.88 -28.88
N LEU A 295 14.71 23.78 -29.36
CA LEU A 295 14.05 23.57 -30.64
C LEU A 295 15.07 23.40 -31.77
N PHE A 296 16.16 24.17 -31.74
CA PHE A 296 17.16 24.15 -32.81
C PHE A 296 17.97 22.87 -32.68
N VAL A 297 17.46 21.81 -33.33
CA VAL A 297 18.10 20.50 -33.23
C VAL A 297 19.53 20.51 -33.76
N PRO A 298 19.80 20.96 -34.99
CA PRO A 298 21.18 20.86 -35.51
C PRO A 298 22.20 21.59 -34.66
N PHE A 299 21.84 22.74 -34.08
CA PHE A 299 22.78 23.48 -33.27
C PHE A 299 23.18 22.72 -32.02
N ARG A 300 22.22 22.02 -31.39
CA ARG A 300 22.51 21.33 -30.14
C ARG A 300 23.63 20.31 -30.28
N GLN A 301 23.88 19.80 -31.48
CA GLN A 301 24.96 18.85 -31.70
C GLN A 301 26.29 19.59 -31.56
N LYS A 302 26.94 19.44 -30.40
CA LYS A 302 28.19 20.13 -30.11
C LYS A 302 29.41 19.23 -30.21
N THR A 303 29.33 18.01 -29.67
CA THR A 303 30.44 17.07 -29.68
C THR A 303 30.08 15.88 -30.57
N ASP A 304 30.94 15.57 -31.53
CA ASP A 304 30.71 14.46 -32.45
C ASP A 304 31.25 13.19 -31.79
N VAL A 305 30.33 12.34 -31.31
CA VAL A 305 30.73 11.13 -30.62
C VAL A 305 31.34 10.11 -31.58
N LEU A 306 30.74 9.97 -32.78
CA LEU A 306 31.26 9.02 -33.75
C LEU A 306 32.65 9.38 -34.25
N LYS A 307 33.12 10.60 -33.98
CA LYS A 307 34.51 10.93 -34.29
C LYS A 307 35.47 10.02 -33.55
N VAL A 308 35.01 9.40 -32.46
CA VAL A 308 35.87 8.49 -31.71
C VAL A 308 35.79 7.07 -32.28
N TYR A 309 34.60 6.60 -32.62
CA TYR A 309 34.51 5.32 -33.31
C TYR A 309 35.19 5.37 -34.68
N GLU A 310 35.46 6.57 -35.18
CA GLU A 310 36.32 6.70 -36.35
C GLU A 310 37.69 6.07 -36.13
N ILE A 311 38.12 5.96 -34.86
CA ILE A 311 39.45 5.43 -34.57
C ILE A 311 39.59 4.02 -35.10
N LEU A 312 38.55 3.19 -34.95
CA LEU A 312 38.68 1.78 -35.26
C LEU A 312 39.11 1.59 -36.71
N PRO A 313 40.07 0.71 -36.99
CA PRO A 313 40.47 0.49 -38.40
C PRO A 313 39.33 -0.01 -39.26
N THR A 314 38.39 -0.78 -38.69
CA THR A 314 37.28 -1.33 -39.46
C THR A 314 36.19 -0.32 -39.77
N PHE A 315 36.16 0.81 -39.06
CA PHE A 315 35.14 1.83 -39.26
C PHE A 315 35.63 2.83 -40.31
N ASP A 316 34.83 3.03 -41.35
CA ASP A 316 35.18 3.98 -42.39
C ASP A 316 35.05 5.41 -41.86
N VAL A 317 35.96 6.28 -42.30
CA VAL A 317 36.02 7.65 -41.84
C VAL A 317 34.92 8.47 -42.51
N LEU A 318 33.82 8.68 -41.81
CA LEU A 318 32.72 9.52 -42.28
C LEU A 318 32.38 10.52 -41.17
N HIS A 319 32.57 11.81 -41.47
CA HIS A 319 32.24 12.86 -40.52
C HIS A 319 30.73 13.11 -40.60
N PHE A 320 29.99 12.51 -39.69
CA PHE A 320 28.53 12.59 -39.70
C PHE A 320 28.06 13.88 -39.05
N LYS A 321 28.54 15.02 -39.54
CA LYS A 321 28.15 16.32 -39.01
C LYS A 321 26.98 16.85 -39.85
N SER A 322 25.80 16.27 -39.61
CA SER A 322 24.59 16.65 -40.32
C SER A 322 24.22 18.07 -39.90
N GLU A 323 24.35 19.02 -40.82
CA GLU A 323 24.02 20.41 -40.57
C GLU A 323 22.60 20.77 -41.02
N GLY A 324 21.82 19.79 -41.48
CA GLY A 324 20.45 20.00 -41.86
C GLY A 324 19.48 19.28 -40.92
N TYR A 325 18.20 19.54 -41.15
CA TYR A 325 17.13 18.97 -40.33
C TYR A 325 16.81 17.56 -40.84
N ASN A 326 17.56 16.58 -40.34
CA ASN A 326 17.39 15.19 -40.72
C ASN A 326 17.38 14.32 -39.48
N ASP A 327 16.75 13.14 -39.59
CA ASP A 327 16.67 12.24 -38.44
C ASP A 327 18.04 11.90 -37.89
N LEU A 328 19.07 11.90 -38.74
CA LEU A 328 20.42 11.61 -38.26
C LEU A 328 20.82 12.59 -37.17
N SER A 329 20.49 13.87 -37.33
CA SER A 329 20.81 14.85 -36.30
C SER A 329 20.13 14.51 -34.98
N LEU A 330 18.84 14.17 -35.03
CA LEU A 330 18.15 13.70 -33.84
C LEU A 330 18.77 12.42 -33.32
N TYR A 331 19.12 11.50 -34.24
CA TYR A 331 19.80 10.29 -33.83
C TYR A 331 21.15 10.59 -33.19
N ASN A 332 21.89 11.55 -33.76
CA ASN A 332 23.17 11.93 -33.17
C ASN A 332 22.99 12.48 -31.75
N LEU A 333 21.98 13.33 -31.56
CA LEU A 333 21.71 13.88 -30.23
C LEU A 333 21.36 12.77 -29.25
N PHE A 334 20.48 11.85 -29.65
CA PHE A 334 20.09 10.77 -28.76
C PHE A 334 21.23 9.80 -28.49
N LEU A 335 22.18 9.69 -29.43
CA LEU A 335 23.34 8.83 -29.24
C LEU A 335 24.32 9.46 -28.27
N GLU A 336 24.67 10.73 -28.49
CA GLU A 336 25.68 11.42 -27.69
C GLU A 336 25.45 11.20 -26.20
N GLU A 337 24.18 11.15 -25.77
CA GLU A 337 23.88 10.88 -24.38
C GLU A 337 24.08 9.40 -24.05
N ASN A 338 23.62 8.50 -24.92
CA ASN A 338 23.59 7.08 -24.62
C ASN A 338 24.94 6.39 -24.85
N ILE A 339 25.94 7.10 -25.35
CA ILE A 339 27.20 6.45 -25.68
C ILE A 339 27.84 5.84 -24.44
N SER A 340 27.75 6.52 -23.29
CA SER A 340 28.31 5.96 -22.07
C SER A 340 27.83 4.54 -21.83
N GLU A 341 26.67 4.15 -22.37
CA GLU A 341 26.21 2.78 -22.26
C GLU A 341 27.16 1.82 -22.97
N VAL A 342 27.66 2.18 -24.14
CA VAL A 342 28.51 1.29 -24.91
C VAL A 342 29.86 1.15 -24.21
N LYS A 343 30.53 0.03 -24.45
CA LYS A 343 31.82 -0.26 -23.85
C LYS A 343 33.00 0.00 -24.78
N SER A 344 32.78 -0.02 -26.10
CA SER A 344 33.84 0.24 -27.07
C SER A 344 34.31 1.69 -27.03
N TYR A 345 33.39 2.63 -26.85
CA TYR A 345 33.74 4.05 -26.88
C TYR A 345 34.85 4.36 -25.88
N LYS A 346 34.70 3.91 -24.64
CA LYS A 346 35.64 4.29 -23.59
C LYS A 346 37.04 3.79 -23.90
N CYS A 347 37.18 2.48 -24.11
CA CYS A 347 38.50 1.92 -24.40
C CYS A 347 39.07 2.49 -25.70
N LEU A 348 38.21 2.83 -26.65
CA LEU A 348 38.67 3.42 -27.90
C LEU A 348 39.10 4.87 -27.70
N LYS A 349 38.34 5.64 -26.92
CA LYS A 349 38.78 6.99 -26.58
C LYS A 349 40.11 6.97 -25.86
N VAL A 350 40.37 5.91 -25.08
CA VAL A 350 41.66 5.77 -24.43
C VAL A 350 42.77 5.68 -25.47
N LEU A 351 42.55 4.87 -26.51
CA LEU A 351 43.60 4.61 -27.49
C LEU A 351 44.00 5.88 -28.24
N GLU A 352 43.03 6.70 -28.63
CA GLU A 352 43.33 7.85 -29.49
C GLU A 352 44.29 8.82 -28.80
N ASN A 353 44.05 9.11 -27.53
CA ASN A 353 44.81 10.14 -26.85
C ASN A 353 46.20 9.68 -26.42
N ILE A 354 46.52 8.40 -26.54
CA ILE A 354 47.91 7.97 -26.44
C ILE A 354 48.68 8.41 -27.68
N LYS A 355 48.07 8.20 -28.86
CA LYS A 355 48.65 8.69 -30.09
C LYS A 355 48.87 10.20 -30.01
N SER A 356 47.93 10.91 -29.41
CA SER A 356 48.13 12.34 -29.17
C SER A 356 49.20 12.59 -28.12
N SER A 357 49.33 11.70 -27.13
CA SER A 357 50.30 11.89 -26.06
C SER A 357 51.73 11.89 -26.56
N GLY A 358 51.99 11.31 -27.74
CA GLY A 358 53.30 11.33 -28.34
C GLY A 358 54.11 10.06 -28.18
N GLN A 359 53.59 9.04 -27.50
CA GLN A 359 54.29 7.76 -27.38
C GLN A 359 54.16 6.98 -28.68
N GLY A 360 55.30 6.66 -29.29
CA GLY A 360 55.30 5.96 -30.55
C GLY A 360 55.05 4.47 -30.41
N ILE A 361 53.90 4.12 -29.83
CA ILE A 361 53.51 2.72 -29.66
C ILE A 361 52.56 2.36 -30.79
N ASP A 362 52.86 1.25 -31.47
CA ASP A 362 52.06 0.85 -32.61
C ASP A 362 50.63 0.55 -32.16
N PRO A 363 49.61 0.92 -32.95
CA PRO A 363 48.24 0.61 -32.54
C PRO A 363 47.98 -0.88 -32.38
N MET A 364 48.65 -1.71 -33.19
CA MET A 364 48.45 -3.15 -33.09
C MET A 364 48.86 -3.67 -31.71
N LEU A 365 50.00 -3.20 -31.20
CA LEU A 365 50.42 -3.61 -29.86
C LEU A 365 49.40 -3.18 -28.81
N LEU A 366 48.91 -1.94 -28.92
CA LEU A 366 47.85 -1.49 -28.02
C LEU A 366 46.55 -2.24 -28.28
N LEU A 367 46.23 -2.48 -29.55
CA LEU A 367 44.98 -3.18 -29.88
C LEU A 367 44.98 -4.60 -29.31
N THR A 368 46.09 -5.32 -29.49
CA THR A 368 46.20 -6.63 -28.86
C THR A 368 46.23 -6.53 -27.34
N ASN A 369 46.60 -5.36 -26.81
CA ASN A 369 46.60 -5.10 -25.39
C ASN A 369 45.24 -4.64 -24.86
N LEU A 370 44.18 -4.86 -25.63
CA LEU A 370 42.83 -4.50 -25.23
C LEU A 370 41.99 -5.75 -25.10
N GLY A 371 41.35 -5.91 -23.94
CA GLY A 371 40.61 -7.13 -23.68
C GLY A 371 39.30 -7.18 -24.46
N MET A 372 38.83 -8.40 -24.70
CA MET A 372 37.55 -8.59 -25.36
C MET A 372 36.42 -8.15 -24.45
N ILE A 373 35.44 -7.45 -25.03
CA ILE A 373 34.29 -6.96 -24.29
C ILE A 373 33.19 -8.01 -24.38
N LYS A 374 32.84 -8.60 -23.23
CA LYS A 374 31.83 -9.64 -23.20
C LYS A 374 30.46 -9.06 -23.54
N MET A 375 29.83 -9.61 -24.58
CA MET A 375 28.51 -9.16 -24.99
C MET A 375 27.47 -9.98 -24.24
N ASP A 376 26.70 -9.31 -23.38
CA ASP A 376 25.66 -9.99 -22.59
C ASP A 376 24.35 -10.04 -23.36
N ARG B 29 27.14 5.42 -4.39
CA ARG B 29 27.68 6.03 -5.60
C ARG B 29 26.67 7.01 -6.20
N LEU B 30 27.17 7.86 -7.10
CA LEU B 30 26.38 8.92 -7.73
C LEU B 30 25.97 9.99 -6.73
N GLU B 31 26.52 9.95 -5.52
CA GLU B 31 26.29 10.96 -4.50
C GLU B 31 27.54 11.05 -3.65
N LEU B 32 27.43 11.72 -2.50
CA LEU B 32 28.56 11.88 -1.60
C LEU B 32 28.08 11.68 -0.16
N ALA B 33 29.04 11.45 0.73
CA ALA B 33 28.71 11.34 2.15
C ALA B 33 28.18 12.66 2.69
N VAL B 34 28.76 13.77 2.27
CA VAL B 34 28.40 15.08 2.82
C VAL B 34 27.26 15.72 2.05
N ASP B 35 27.33 15.70 0.72
CA ASP B 35 26.35 16.44 -0.08
C ASP B 35 24.94 15.88 0.12
N LYS B 36 24.81 14.55 0.20
CA LYS B 36 23.50 13.96 0.42
C LYS B 36 22.89 14.44 1.73
N MET B 37 23.70 14.52 2.79
CA MET B 37 23.20 15.03 4.06
C MET B 37 22.71 16.46 3.93
N VAL B 38 23.46 17.29 3.20
CA VAL B 38 23.09 18.69 3.05
C VAL B 38 21.78 18.83 2.31
N THR B 39 21.64 18.14 1.17
CA THR B 39 20.40 18.22 0.41
C THR B 39 19.25 17.57 1.15
N CYS B 40 19.53 16.66 2.08
CA CYS B 40 18.47 16.10 2.92
C CYS B 40 17.97 17.13 3.91
N ILE B 41 18.88 17.71 4.70
CA ILE B 41 18.48 18.64 5.74
C ILE B 41 17.82 19.88 5.13
N ALA B 42 18.48 20.50 4.15
CA ALA B 42 18.05 21.80 3.66
C ALA B 42 16.69 21.73 2.98
N VAL B 43 16.23 20.55 2.59
CA VAL B 43 14.93 20.39 1.96
C VAL B 43 13.93 19.68 2.88
N GLY B 44 14.38 19.01 3.93
CA GLY B 44 13.47 18.35 4.84
C GLY B 44 13.01 19.25 5.97
N LEU B 45 13.90 20.12 6.46
CA LEU B 45 13.52 20.98 7.57
C LEU B 45 12.35 21.89 7.24
N PRO B 46 12.37 22.67 6.16
CA PRO B 46 11.21 23.53 5.87
C PRO B 46 9.91 22.77 5.73
N LEU B 47 9.97 21.59 5.11
CA LEU B 47 8.77 20.78 4.95
C LEU B 47 8.22 20.37 6.30
N LEU B 48 9.08 19.87 7.19
CA LEU B 48 8.63 19.47 8.52
C LEU B 48 8.07 20.67 9.29
N LEU B 49 8.64 21.86 9.07
CA LEU B 49 8.20 23.02 9.83
C LEU B 49 6.82 23.47 9.38
N ILE B 50 6.59 23.59 8.07
CA ILE B 50 5.25 23.95 7.62
C ILE B 50 4.27 22.83 7.96
N SER B 51 4.74 21.58 7.94
CA SER B 51 3.94 20.46 8.41
C SER B 51 3.40 20.68 9.82
N LEU B 52 4.31 20.89 10.78
CA LEU B 52 3.85 21.09 12.16
C LEU B 52 3.09 22.41 12.31
N ALA B 53 3.31 23.39 11.44
CA ALA B 53 2.48 24.59 11.45
C ALA B 53 1.04 24.24 11.11
N PHE B 54 0.83 23.43 10.06
CA PHE B 54 -0.52 23.00 9.74
C PHE B 54 -1.11 22.13 10.85
N ALA B 55 -0.27 21.34 11.51
CA ALA B 55 -0.76 20.56 12.66
C ALA B 55 -1.23 21.48 13.78
N GLN B 56 -0.47 22.55 14.04
CA GLN B 56 -0.88 23.54 15.03
C GLN B 56 -2.21 24.18 14.63
N GLU B 57 -2.37 24.48 13.35
CA GLU B 57 -3.62 25.05 12.88
C GLU B 57 -4.78 24.07 13.04
N ILE B 58 -4.52 22.77 12.88
CA ILE B 58 -5.53 21.77 13.20
C ILE B 58 -5.91 21.87 14.67
N SER B 59 -4.92 21.89 15.55
CA SER B 59 -5.21 21.90 16.99
C SER B 59 -6.00 23.15 17.37
N ILE B 60 -5.38 24.33 17.21
CA ILE B 60 -6.06 25.61 17.37
C ILE B 60 -5.39 26.59 16.42
N GLY B 61 -6.18 27.22 15.55
CA GLY B 61 -5.62 28.20 14.66
C GLY B 61 -6.61 28.84 13.70
N THR B 62 -6.53 30.16 13.59
CA THR B 62 -7.24 30.92 12.57
C THR B 62 -6.39 32.15 12.28
N GLN B 63 -6.08 32.36 11.00
CA GLN B 63 -5.06 33.34 10.65
C GLN B 63 -5.40 34.72 11.19
N ILE B 64 -6.63 35.18 10.99
CA ILE B 64 -7.03 36.53 11.34
C ILE B 64 -8.27 36.50 12.21
N SER B 65 -8.44 37.56 13.01
CA SER B 65 -9.63 37.69 13.85
C SER B 65 -9.82 39.17 14.17
N CYS B 66 -10.90 39.75 13.65
CA CYS B 66 -11.21 41.15 13.89
C CYS B 66 -12.26 41.29 14.98
N PHE B 67 -12.20 42.41 15.69
CA PHE B 67 -13.08 42.68 16.82
C PHE B 67 -14.20 43.59 16.34
N SER B 68 -15.34 42.99 15.99
CA SER B 68 -16.49 43.75 15.55
C SER B 68 -17.41 44.07 16.73
N PRO B 69 -18.10 45.22 16.69
CA PRO B 69 -18.93 45.61 17.83
C PRO B 69 -20.03 44.59 18.10
N SER B 70 -20.67 44.75 19.26
CA SER B 70 -21.69 43.78 19.69
C SER B 70 -22.92 43.83 18.82
N SER B 71 -23.24 44.98 18.23
CA SER B 71 -24.45 45.08 17.41
C SER B 71 -24.38 44.14 16.22
N PHE B 72 -23.19 43.97 15.63
CA PHE B 72 -23.05 43.08 14.49
C PHE B 72 -23.48 41.67 14.85
N SER B 73 -24.19 41.03 13.93
CA SER B 73 -24.59 39.64 14.11
C SER B 73 -23.41 38.74 13.77
N TRP B 74 -23.64 37.43 13.72
CA TRP B 74 -22.56 36.49 13.45
C TRP B 74 -22.04 36.65 12.03
N ARG B 75 -22.94 36.74 11.05
CA ARG B 75 -22.53 36.76 9.65
C ARG B 75 -21.83 38.07 9.29
N GLN B 76 -22.29 39.19 9.83
CA GLN B 76 -21.59 40.45 9.58
C GLN B 76 -20.18 40.40 10.12
N ALA B 77 -20.00 39.85 11.32
CA ALA B 77 -18.65 39.72 11.88
C ALA B 77 -17.79 38.79 11.03
N ALA B 78 -18.37 37.69 10.54
CA ALA B 78 -17.61 36.80 9.67
C ALA B 78 -17.18 37.53 8.40
N PHE B 79 -18.08 38.34 7.83
CA PHE B 79 -17.71 39.11 6.65
C PHE B 79 -16.61 40.11 6.97
N VAL B 80 -16.66 40.74 8.15
CA VAL B 80 -15.61 41.68 8.53
C VAL B 80 -14.26 40.96 8.58
N ASP B 81 -14.23 39.80 9.22
CA ASP B 81 -12.99 39.02 9.28
C ASP B 81 -12.50 38.67 7.88
N SER B 82 -13.42 38.20 7.02
CA SER B 82 -13.04 37.83 5.67
C SER B 82 -12.49 39.02 4.90
N TYR B 83 -13.19 40.15 4.95
CA TYR B 83 -12.76 41.34 4.21
C TYR B 83 -11.39 41.80 4.66
N CYS B 84 -11.19 41.89 5.98
CA CYS B 84 -9.87 42.29 6.48
C CYS B 84 -8.80 41.26 6.17
N TRP B 85 -9.18 40.00 5.94
CA TRP B 85 -8.20 38.99 5.55
C TRP B 85 -7.67 39.25 4.14
N ALA B 86 -8.53 39.75 3.25
CA ALA B 86 -8.14 39.98 1.86
C ALA B 86 -7.70 41.40 1.57
N ALA B 87 -8.06 42.36 2.42
CA ALA B 87 -7.63 43.73 2.24
C ALA B 87 -6.18 43.96 2.65
N VAL B 88 -5.51 42.92 3.18
CA VAL B 88 -4.11 43.04 3.54
C VAL B 88 -3.27 43.31 2.30
N GLN B 89 -3.62 42.67 1.18
CA GLN B 89 -2.81 42.75 -0.02
C GLN B 89 -2.67 44.18 -0.52
N GLN B 90 -3.71 45.00 -0.37
CA GLN B 90 -3.67 46.36 -0.93
C GLN B 90 -2.86 47.29 -0.04
N LYS B 91 -3.34 47.55 1.18
CA LYS B 91 -2.57 48.24 2.20
C LYS B 91 -3.46 48.39 3.43
N ASN B 92 -2.82 48.61 4.58
CA ASN B 92 -3.54 48.83 5.82
C ASN B 92 -2.63 49.56 6.79
N SER B 93 -3.23 50.47 7.55
CA SER B 93 -2.49 51.30 8.49
C SER B 93 -2.42 50.65 9.86
N LEU B 94 -1.34 50.95 10.58
CA LEU B 94 -1.14 50.49 11.95
C LEU B 94 -1.00 51.70 12.86
N GLN B 95 -1.72 51.71 13.98
CA GLN B 95 -1.64 52.84 14.89
C GLN B 95 -0.50 52.67 15.90
N SER B 96 0.66 52.28 15.39
CA SER B 96 1.91 52.39 16.13
C SER B 96 3.10 52.71 15.24
N GLU B 97 2.90 52.90 13.94
CA GLU B 97 3.98 52.98 12.96
C GLU B 97 3.64 54.07 11.96
N SER B 98 4.35 54.07 10.84
CA SER B 98 4.10 55.03 9.76
C SER B 98 2.89 54.58 8.95
N GLY B 99 2.70 55.20 7.78
CA GLY B 99 1.54 54.96 6.96
C GLY B 99 1.17 53.50 6.75
N ASN B 100 2.12 52.69 6.28
CA ASN B 100 1.84 51.31 5.93
C ASN B 100 3.06 50.45 6.25
N LEU B 101 2.97 49.18 5.88
CA LEU B 101 4.01 48.19 6.13
C LEU B 101 3.71 46.95 5.29
N PRO B 102 4.73 46.17 4.89
CA PRO B 102 4.45 44.93 4.15
C PRO B 102 3.93 43.84 5.08
N LEU B 103 2.63 43.58 4.99
CA LEU B 103 1.99 42.59 5.85
C LEU B 103 1.66 41.29 5.15
N TRP B 104 1.54 41.29 3.83
CA TRP B 104 1.12 40.07 3.14
C TRP B 104 2.12 38.94 3.30
N LEU B 105 3.36 39.24 3.72
CA LEU B 105 4.30 38.18 4.02
C LEU B 105 3.75 37.24 5.08
N HIS B 106 2.95 37.76 6.02
CA HIS B 106 2.33 36.89 7.01
C HIS B 106 1.38 35.91 6.35
N LYS B 107 0.66 36.34 5.31
CA LYS B 107 -0.18 35.43 4.56
C LYS B 107 0.64 34.38 3.83
N PHE B 108 1.76 34.78 3.24
CA PHE B 108 2.45 33.98 2.24
C PHE B 108 3.65 33.21 2.77
N PHE B 109 3.93 33.27 4.06
CA PHE B 109 5.05 32.50 4.60
C PHE B 109 4.96 31.02 4.29
N PRO B 110 3.79 30.36 4.40
CA PRO B 110 3.75 28.91 4.16
C PRO B 110 3.75 28.52 2.69
N TYR B 111 4.01 29.47 1.79
CA TYR B 111 4.28 29.16 0.39
C TYR B 111 5.70 29.52 -0.03
N ILE B 112 6.28 30.55 0.58
CA ILE B 112 7.68 30.87 0.32
C ILE B 112 8.56 29.69 0.72
N LEU B 113 8.20 29.00 1.81
CA LEU B 113 8.97 27.84 2.23
C LEU B 113 8.87 26.71 1.21
N LEU B 114 7.67 26.51 0.64
CA LEU B 114 7.56 25.50 -0.42
C LEU B 114 8.40 25.89 -1.63
N LEU B 115 8.41 27.19 -1.98
CA LEU B 115 9.25 27.63 -3.08
C LEU B 115 10.72 27.34 -2.80
N PHE B 116 11.16 27.62 -1.58
CA PHE B 116 12.55 27.36 -1.23
C PHE B 116 12.86 25.87 -1.28
N ALA B 117 11.94 25.03 -0.81
CA ALA B 117 12.14 23.58 -0.88
C ALA B 117 12.28 23.13 -2.33
N ILE B 118 11.41 23.62 -3.21
CA ILE B 118 11.45 23.23 -4.62
C ILE B 118 12.78 23.67 -5.24
N LEU B 119 13.18 24.93 -4.99
CA LEU B 119 14.40 25.44 -5.59
C LEU B 119 15.62 24.72 -5.05
N LEU B 120 15.60 24.30 -3.78
CA LEU B 120 16.73 23.57 -3.22
C LEU B 120 16.81 22.15 -3.78
N TYR B 121 15.65 21.51 -4.01
CA TYR B 121 15.67 20.18 -4.59
C TYR B 121 16.00 20.17 -6.08
N LEU B 122 15.80 21.29 -6.77
CA LEU B 122 16.09 21.32 -8.20
C LEU B 122 17.54 20.96 -8.54
N PRO B 123 18.56 21.53 -7.89
CA PRO B 123 19.95 21.24 -8.29
C PRO B 123 20.27 19.75 -8.25
N PRO B 124 19.98 19.06 -7.16
CA PRO B 124 20.26 17.61 -7.13
C PRO B 124 19.51 16.83 -8.20
N LEU B 125 18.28 17.25 -8.54
CA LEU B 125 17.56 16.60 -9.63
C LEU B 125 18.29 16.80 -10.95
N PHE B 126 18.71 18.04 -11.24
CA PHE B 126 19.48 18.28 -12.46
C PHE B 126 20.72 17.42 -12.49
N TRP B 127 21.40 17.28 -11.34
CA TRP B 127 22.59 16.43 -11.30
C TRP B 127 22.23 14.99 -11.58
N ARG B 128 21.11 14.50 -11.03
CA ARG B 128 20.69 13.13 -11.29
C ARG B 128 20.37 12.92 -12.76
N PHE B 129 19.96 13.97 -13.46
CA PHE B 129 19.61 13.88 -14.88
C PHE B 129 20.74 14.31 -15.81
N ALA B 130 21.90 14.70 -15.29
CA ALA B 130 22.99 15.16 -16.13
C ALA B 130 24.36 14.61 -15.78
N ALA B 131 24.55 13.99 -14.62
CA ALA B 131 25.85 13.47 -14.24
C ALA B 131 25.82 12.09 -13.62
N ALA B 132 24.65 11.49 -13.43
CA ALA B 132 24.58 10.16 -12.82
C ALA B 132 24.99 9.08 -13.83
N PRO B 133 24.45 9.11 -15.06
CA PRO B 133 24.81 8.04 -16.01
C PRO B 133 26.28 8.00 -16.36
N HIS B 134 26.88 9.15 -16.69
CA HIS B 134 28.28 9.19 -17.07
C HIS B 134 29.16 8.69 -15.93
N ILE B 135 28.90 9.17 -14.71
CA ILE B 135 29.71 8.76 -13.57
C ILE B 135 29.55 7.26 -13.31
N CYS B 136 28.31 6.76 -13.37
CA CYS B 136 28.09 5.33 -13.17
C CYS B 136 28.90 4.51 -14.17
N SER B 137 28.79 4.86 -15.45
CA SER B 137 29.46 4.08 -16.49
C SER B 137 30.98 4.13 -16.30
N ASP B 138 31.52 5.33 -16.07
CA ASP B 138 32.96 5.46 -15.93
C ASP B 138 33.47 4.72 -14.71
N LEU B 139 32.74 4.81 -13.59
CA LEU B 139 33.15 4.11 -12.38
C LEU B 139 33.15 2.61 -12.59
N LYS B 140 32.09 2.08 -13.21
CA LYS B 140 32.04 0.65 -13.45
C LYS B 140 33.18 0.19 -14.37
N PHE B 141 33.41 0.95 -15.45
CA PHE B 141 34.51 0.58 -16.35
C PHE B 141 35.84 0.61 -15.63
N ILE B 142 36.08 1.66 -14.84
CA ILE B 142 37.34 1.74 -14.11
C ILE B 142 37.48 0.51 -13.21
N MET B 143 36.44 0.21 -12.43
CA MET B 143 36.52 -0.88 -11.46
C MET B 143 36.80 -2.20 -12.17
N GLU B 144 36.15 -2.45 -13.30
CA GLU B 144 36.40 -3.67 -14.06
C GLU B 144 37.85 -3.71 -14.55
N GLU B 145 38.38 -2.58 -15.00
CA GLU B 145 39.77 -2.55 -15.46
C GLU B 145 40.73 -2.87 -14.32
N LEU B 146 40.51 -2.29 -13.14
CA LEU B 146 41.41 -2.60 -12.02
C LEU B 146 41.31 -4.07 -11.65
N ASP B 147 40.10 -4.63 -11.63
CA ASP B 147 39.95 -6.04 -11.31
C ASP B 147 40.68 -6.91 -12.32
N LYS B 148 40.55 -6.60 -13.61
CA LYS B 148 41.25 -7.38 -14.63
C LYS B 148 42.76 -7.27 -14.47
N VAL B 149 43.27 -6.06 -14.21
CA VAL B 149 44.71 -5.90 -14.02
C VAL B 149 45.18 -6.71 -12.81
N TYR B 150 44.38 -6.75 -11.76
CA TYR B 150 44.74 -7.54 -10.59
C TYR B 150 44.87 -9.01 -10.94
N ASN B 151 43.90 -9.54 -11.68
CA ASN B 151 43.96 -10.95 -12.08
C ASN B 151 45.17 -11.22 -12.97
N ARG B 152 45.47 -10.30 -13.89
CA ARG B 152 46.63 -10.48 -14.76
C ARG B 152 47.92 -10.59 -13.95
N ALA B 153 48.01 -9.82 -12.86
CA ALA B 153 49.21 -9.88 -12.03
C ALA B 153 49.41 -11.27 -11.45
N ILE B 154 48.33 -11.90 -10.97
CA ILE B 154 48.45 -13.24 -10.40
C ILE B 154 48.91 -14.23 -11.46
N LYS B 155 48.35 -14.14 -12.67
CA LYS B 155 48.74 -15.06 -13.73
C LYS B 155 50.22 -14.93 -14.06
N ALA B 156 50.71 -13.70 -14.18
CA ALA B 156 52.14 -13.50 -14.43
C ALA B 156 52.98 -14.03 -13.29
N ALA B 157 52.58 -13.74 -12.04
CA ALA B 157 53.33 -14.24 -10.89
C ALA B 157 53.29 -15.76 -10.82
N LYS B 158 52.10 -16.35 -11.01
CA LYS B 158 51.99 -17.80 -10.98
C LYS B 158 52.74 -18.43 -12.14
N SER B 159 52.65 -17.83 -13.33
CA SER B 159 53.36 -18.37 -14.48
C SER B 159 54.87 -18.28 -14.27
N ALA B 160 55.35 -17.17 -13.68
CA ALA B 160 56.77 -17.05 -13.42
C ALA B 160 57.26 -18.13 -12.47
N ARG B 161 56.48 -18.43 -11.42
CA ARG B 161 56.85 -19.50 -10.50
C ARG B 161 56.93 -20.84 -11.22
N ASP B 162 55.96 -21.12 -12.09
CA ASP B 162 55.91 -22.41 -12.76
C ASP B 162 57.19 -22.67 -13.55
N LEU B 163 57.69 -21.64 -14.25
CA LEU B 163 58.93 -21.81 -14.99
C LEU B 163 60.09 -22.12 -14.07
N ASP B 164 60.13 -21.50 -12.89
CA ASP B 164 61.21 -21.75 -11.95
C ASP B 164 61.22 -23.22 -11.51
N MET B 165 60.05 -23.80 -11.29
CA MET B 165 59.97 -25.20 -10.86
C MET B 165 60.34 -26.12 -12.02
N PHE B 191 52.34 -8.11 -21.22
CA PHE B 191 51.91 -6.98 -20.39
C PHE B 191 50.86 -6.14 -21.11
N LYS B 192 49.60 -6.21 -20.63
CA LYS B 192 48.50 -5.46 -21.22
C LYS B 192 48.55 -4.01 -20.70
N TYR B 193 48.62 -3.01 -21.64
CA TYR B 193 48.77 -1.55 -21.52
C TYR B 193 47.67 -1.04 -20.59
N PRO B 194 47.96 -0.24 -19.53
CA PRO B 194 46.91 0.16 -18.58
C PRO B 194 45.84 1.02 -19.26
N ILE B 195 44.88 0.39 -19.94
CA ILE B 195 43.80 1.16 -20.54
C ILE B 195 43.28 2.15 -19.51
N VAL B 196 43.13 1.68 -18.27
CA VAL B 196 42.59 2.52 -17.22
C VAL B 196 43.50 3.72 -16.94
N GLU B 197 44.82 3.49 -16.93
CA GLU B 197 45.74 4.60 -16.64
C GLU B 197 45.54 5.73 -17.63
N GLN B 198 45.54 5.41 -18.92
CA GLN B 198 45.33 6.44 -19.91
C GLN B 198 43.92 7.01 -19.82
N TYR B 199 42.93 6.19 -19.43
CA TYR B 199 41.58 6.72 -19.27
C TYR B 199 41.58 7.87 -18.27
N LEU B 200 42.17 7.65 -17.10
CA LEU B 200 42.24 8.71 -16.10
C LEU B 200 43.15 9.85 -16.54
N LYS B 201 44.23 9.54 -17.28
CA LYS B 201 45.09 10.60 -17.78
C LYS B 201 44.31 11.53 -18.72
N THR B 202 43.47 10.96 -19.58
CA THR B 202 42.65 11.77 -20.47
C THR B 202 41.60 12.56 -19.68
N LYS B 203 40.93 11.89 -18.73
CA LYS B 203 39.94 12.60 -17.92
C LYS B 203 40.55 13.73 -17.12
N LYS B 204 41.85 13.65 -16.81
CA LYS B 204 42.53 14.76 -16.16
C LYS B 204 42.48 16.03 -17.01
N ASN B 205 42.28 15.90 -18.32
CA ASN B 205 42.26 17.06 -19.20
C ASN B 205 40.86 17.66 -19.36
N SER B 206 39.83 16.83 -19.35
CA SER B 206 38.46 17.31 -19.48
C SER B 206 38.04 18.08 -18.24
N ASN B 207 37.18 19.09 -18.44
CA ASN B 207 36.72 19.98 -17.38
C ASN B 207 35.21 20.16 -17.46
N ASN B 208 34.49 19.05 -17.65
CA ASN B 208 33.04 19.07 -17.84
C ASN B 208 32.29 18.70 -16.58
N LEU B 209 32.54 17.50 -16.04
CA LEU B 209 31.82 17.06 -14.86
C LEU B 209 32.13 17.94 -13.66
N ILE B 210 33.37 18.46 -13.58
CA ILE B 210 33.68 19.43 -12.55
C ILE B 210 32.84 20.67 -12.71
N ILE B 211 32.67 21.13 -13.95
CA ILE B 211 31.82 22.31 -14.20
C ILE B 211 30.41 22.04 -13.68
N LYS B 212 29.84 20.89 -14.02
CA LYS B 212 28.48 20.60 -13.59
C LYS B 212 28.37 20.51 -12.07
N TYR B 213 29.30 19.78 -11.44
CA TYR B 213 29.22 19.55 -10.00
C TYR B 213 29.59 20.79 -9.21
N ILE B 214 30.23 21.78 -9.82
CA ILE B 214 30.46 23.04 -9.15
C ILE B 214 29.29 24.00 -9.37
N SER B 215 28.68 23.97 -10.56
CA SER B 215 27.49 24.78 -10.78
C SER B 215 26.36 24.36 -9.85
N CYS B 216 26.20 23.05 -9.64
CA CYS B 216 25.14 22.58 -8.74
C CYS B 216 25.36 23.11 -7.32
N ARG B 217 26.58 23.00 -6.81
CA ARG B 217 26.86 23.48 -5.47
C ARG B 217 26.70 24.99 -5.37
N LEU B 218 27.14 25.72 -6.40
CA LEU B 218 26.98 27.18 -6.38
C LEU B 218 25.51 27.57 -6.35
N LEU B 219 24.69 26.89 -7.15
CA LEU B 219 23.25 27.19 -7.15
C LEU B 219 22.65 26.89 -5.78
N THR B 220 23.00 25.75 -5.19
CA THR B 220 22.46 25.41 -3.88
C THR B 220 22.87 26.44 -2.83
N LEU B 221 24.14 26.85 -2.85
CA LEU B 221 24.60 27.85 -1.89
C LEU B 221 23.90 29.19 -2.10
N ILE B 222 23.72 29.60 -3.35
CA ILE B 222 23.03 30.86 -3.63
C ILE B 222 21.61 30.82 -3.08
N ILE B 223 20.91 29.71 -3.33
CA ILE B 223 19.54 29.59 -2.84
C ILE B 223 19.52 29.59 -1.32
N ILE B 224 20.50 28.92 -0.70
CA ILE B 224 20.55 28.89 0.76
C ILE B 224 20.76 30.29 1.32
N LEU B 225 21.66 31.06 0.71
CA LEU B 225 21.89 32.42 1.18
C LEU B 225 20.66 33.30 1.00
N LEU B 226 19.96 33.15 -0.13
CA LEU B 226 18.72 33.90 -0.31
C LEU B 226 17.71 33.53 0.76
N ALA B 227 17.59 32.24 1.06
CA ALA B 227 16.68 31.82 2.13
C ALA B 227 17.10 32.43 3.47
N CYS B 228 18.40 32.43 3.76
CA CYS B 228 18.88 32.98 5.02
C CYS B 228 18.51 34.45 5.14
N ILE B 229 18.78 35.23 4.09
CA ILE B 229 18.53 36.67 4.17
C ILE B 229 17.03 36.95 4.25
N TYR B 230 16.22 36.22 3.48
CA TYR B 230 14.77 36.44 3.54
C TYR B 230 14.24 36.10 4.93
N LEU B 231 14.69 34.99 5.51
CA LEU B 231 14.20 34.60 6.83
C LEU B 231 14.66 35.59 7.89
N GLY B 232 15.88 36.12 7.76
CA GLY B 232 16.32 37.16 8.68
C GLY B 232 15.45 38.40 8.58
N TYR B 233 15.13 38.82 7.36
CA TYR B 233 14.26 39.98 7.19
C TYR B 233 12.88 39.72 7.79
N TYR B 234 12.34 38.52 7.57
CA TYR B 234 11.03 38.20 8.13
C TYR B 234 11.06 38.21 9.65
N PHE B 235 12.10 37.61 10.25
CA PHE B 235 12.22 37.62 11.70
C PHE B 235 12.29 39.05 12.23
N SER B 236 13.03 39.91 11.53
CA SER B 236 13.06 41.32 11.92
C SER B 236 11.67 41.94 11.83
N LEU B 237 10.94 41.66 10.74
CA LEU B 237 9.63 42.24 10.55
C LEU B 237 8.61 41.68 11.54
N SER B 238 8.57 40.35 11.68
CA SER B 238 7.53 39.69 12.47
C SER B 238 7.86 39.79 13.96
N SER B 239 8.02 41.03 14.42
CA SER B 239 8.25 41.32 15.83
C SER B 239 7.44 42.49 16.34
N LEU B 240 6.85 43.32 15.46
CA LEU B 240 6.14 44.51 15.90
C LEU B 240 4.82 44.78 15.19
N SER B 241 4.52 44.11 14.07
CA SER B 241 3.45 44.54 13.16
C SER B 241 2.50 43.39 12.86
N ASP B 242 2.04 42.68 13.89
CA ASP B 242 0.99 41.71 13.72
C ASP B 242 -0.41 42.32 13.88
N GLU B 243 -0.49 43.58 14.28
CA GLU B 243 -1.77 44.24 14.49
C GLU B 243 -2.30 44.82 13.18
N PHE B 244 -3.42 45.54 13.28
CA PHE B 244 -4.13 46.03 12.10
C PHE B 244 -4.93 47.27 12.50
N VAL B 245 -5.36 48.01 11.48
CA VAL B 245 -6.54 48.86 11.58
C VAL B 245 -7.25 48.75 10.24
N CYS B 246 -8.33 47.98 10.20
CA CYS B 246 -8.99 47.60 8.96
C CYS B 246 -10.30 48.38 8.82
N SER B 247 -10.47 49.03 7.67
CA SER B 247 -11.68 49.75 7.35
C SER B 247 -12.47 48.96 6.32
N ILE B 248 -13.80 48.94 6.48
CA ILE B 248 -14.68 48.09 5.69
C ILE B 248 -15.63 48.90 4.82
N LYS B 249 -15.51 50.22 4.78
CA LYS B 249 -16.42 51.08 4.03
C LYS B 249 -15.88 51.31 2.62
N SER B 250 -15.83 50.22 1.84
CA SER B 250 -15.16 50.25 0.54
C SER B 250 -16.04 50.76 -0.59
N GLY B 251 -17.09 50.01 -0.93
CA GLY B 251 -17.81 50.26 -2.17
C GLY B 251 -19.09 51.06 -2.06
N ILE B 252 -19.99 50.62 -1.18
CA ILE B 252 -21.26 51.30 -0.97
C ILE B 252 -21.51 51.66 0.48
N LEU B 253 -20.83 51.02 1.42
CA LEU B 253 -20.96 51.36 2.83
C LEU B 253 -20.24 52.67 3.18
N ARG B 254 -19.51 53.26 2.22
CA ARG B 254 -18.86 54.54 2.46
C ARG B 254 -19.82 55.56 3.03
N ASN B 255 -21.10 55.46 2.71
CA ASN B 255 -22.10 56.41 3.17
C ASN B 255 -23.08 55.82 4.17
N ASP B 256 -22.74 54.67 4.76
CA ASP B 256 -23.55 54.08 5.81
C ASP B 256 -23.22 54.75 7.15
N SER B 257 -24.06 54.46 8.14
CA SER B 257 -23.89 54.99 9.49
C SER B 257 -23.75 53.90 10.54
N THR B 258 -24.41 52.76 10.37
CA THR B 258 -24.35 51.70 11.36
C THR B 258 -22.93 51.14 11.48
N VAL B 259 -22.30 50.86 10.35
CA VAL B 259 -20.96 50.25 10.38
C VAL B 259 -19.98 51.25 10.99
N PRO B 260 -19.08 50.83 11.87
CA PRO B 260 -18.07 51.74 12.40
C PRO B 260 -16.95 51.93 11.39
N ASP B 261 -15.95 52.72 11.79
CA ASP B 261 -14.89 53.10 10.85
C ASP B 261 -13.75 52.09 10.86
N GLN B 262 -13.15 51.85 12.02
CA GLN B 262 -11.92 51.07 12.13
C GLN B 262 -12.17 49.83 12.99
N PHE B 263 -11.76 48.67 12.48
CA PHE B 263 -11.79 47.42 13.21
C PHE B 263 -10.36 47.04 13.55
N GLN B 264 -10.08 46.83 14.84
CA GLN B 264 -8.72 46.52 15.28
C GLN B 264 -8.52 45.02 15.15
N CYS B 265 -8.26 44.59 13.91
CA CYS B 265 -7.97 43.20 13.64
C CYS B 265 -6.54 42.85 14.06
N LYS B 266 -6.26 41.55 14.09
CA LYS B 266 -4.94 41.09 14.53
C LYS B 266 -4.66 39.72 13.93
N LEU B 267 -3.57 39.62 13.19
CA LEU B 267 -3.10 38.33 12.73
C LEU B 267 -2.70 37.46 13.92
N ILE B 268 -3.01 36.16 13.83
CA ILE B 268 -2.87 35.27 14.96
C ILE B 268 -1.67 34.34 14.82
N ALA B 269 -1.28 33.97 13.60
CA ALA B 269 -0.25 32.97 13.38
C ALA B 269 1.11 33.59 13.09
N VAL B 270 1.39 34.75 13.69
CA VAL B 270 2.67 35.40 13.47
C VAL B 270 3.75 34.89 14.43
N GLY B 271 3.39 34.54 15.65
CA GLY B 271 4.39 34.02 16.58
C GLY B 271 4.97 32.70 16.12
N ILE B 272 4.11 31.79 15.68
CA ILE B 272 4.58 30.50 15.19
C ILE B 272 5.45 30.68 13.95
N PHE B 273 5.02 31.56 13.04
CA PHE B 273 5.83 31.82 11.85
C PHE B 273 7.18 32.41 12.23
N GLN B 274 7.22 33.29 13.22
CA GLN B 274 8.48 33.86 13.68
C GLN B 274 9.40 32.78 14.23
N LEU B 275 8.87 31.89 15.05
CA LEU B 275 9.68 30.81 15.61
C LEU B 275 10.21 29.90 14.51
N LEU B 276 9.36 29.53 13.55
CA LEU B 276 9.81 28.69 12.46
C LEU B 276 10.88 29.40 11.64
N SER B 277 10.71 30.71 11.41
CA SER B 277 11.69 31.46 10.65
C SER B 277 13.04 31.48 11.36
N VAL B 278 13.04 31.69 12.67
CA VAL B 278 14.31 31.72 13.39
C VAL B 278 14.97 30.34 13.38
N ILE B 279 14.16 29.28 13.51
CA ILE B 279 14.72 27.93 13.48
C ILE B 279 15.38 27.66 12.12
N ASN B 280 14.67 27.99 11.03
CA ASN B 280 15.24 27.78 9.70
C ASN B 280 16.49 28.63 9.51
N LEU B 281 16.46 29.87 9.98
CA LEU B 281 17.60 30.76 9.82
C LEU B 281 18.84 30.18 10.52
N VAL B 282 18.68 29.74 11.76
CA VAL B 282 19.84 29.21 12.49
C VAL B 282 20.34 27.93 11.83
N VAL B 283 19.43 27.06 11.40
CA VAL B 283 19.86 25.81 10.78
C VAL B 283 20.63 26.09 9.49
N TYR B 284 20.11 27.00 8.66
CA TYR B 284 20.80 27.30 7.40
C TYR B 284 22.11 28.02 7.65
N VAL B 285 22.18 28.88 8.68
CA VAL B 285 23.45 29.53 8.99
C VAL B 285 24.49 28.50 9.39
N LEU B 286 24.10 27.51 10.19
CA LEU B 286 25.03 26.45 10.55
C LEU B 286 25.41 25.61 9.31
N LEU B 287 24.46 25.39 8.42
CA LEU B 287 24.69 24.49 7.29
C LEU B 287 25.56 25.11 6.20
N ALA B 288 25.44 26.42 5.98
CA ALA B 288 26.16 27.05 4.87
C ALA B 288 27.65 26.75 4.85
N PRO B 289 28.39 26.86 5.95
CA PRO B 289 29.84 26.57 5.88
C PRO B 289 30.15 25.19 5.36
N VAL B 290 29.28 24.21 5.64
CA VAL B 290 29.50 22.87 5.10
C VAL B 290 29.47 22.90 3.58
N VAL B 291 28.51 23.63 3.00
CA VAL B 291 28.43 23.74 1.55
C VAL B 291 29.66 24.46 1.01
N VAL B 292 30.07 25.54 1.67
CA VAL B 292 31.25 26.27 1.21
C VAL B 292 32.48 25.36 1.22
N TYR B 293 32.61 24.54 2.25
CA TYR B 293 33.75 23.62 2.32
C TYR B 293 33.68 22.57 1.23
N THR B 294 32.54 21.91 1.08
CA THR B 294 32.43 20.86 0.08
C THR B 294 32.54 21.40 -1.34
N LEU B 295 32.40 22.71 -1.51
CA LEU B 295 32.64 23.30 -2.83
C LEU B 295 34.06 23.00 -3.31
N PHE B 296 35.05 23.11 -2.43
CA PHE B 296 36.45 22.90 -2.81
C PHE B 296 36.74 21.42 -3.02
N VAL B 297 36.70 20.99 -4.27
CA VAL B 297 36.88 19.58 -4.64
C VAL B 297 38.29 19.11 -4.32
N PRO B 298 39.35 19.72 -4.87
CA PRO B 298 40.69 19.14 -4.69
C PRO B 298 41.10 18.97 -3.24
N PHE B 299 40.72 19.90 -2.36
CA PHE B 299 41.11 19.79 -0.96
C PHE B 299 40.50 18.54 -0.32
N ARG B 300 39.31 18.14 -0.75
CA ARG B 300 38.66 16.97 -0.18
C ARG B 300 39.46 15.70 -0.42
N GLN B 301 40.34 15.69 -1.41
CA GLN B 301 41.12 14.49 -1.73
C GLN B 301 42.19 14.29 -0.67
N LYS B 302 41.77 13.94 0.54
CA LYS B 302 42.72 13.78 1.65
C LYS B 302 43.57 12.52 1.47
N THR B 303 42.94 11.41 1.10
CA THR B 303 43.61 10.12 1.02
C THR B 303 43.77 9.72 -0.45
N ASP B 304 44.92 9.12 -0.75
CA ASP B 304 45.24 8.66 -2.11
C ASP B 304 45.01 7.16 -2.15
N VAL B 305 43.79 6.77 -2.55
CA VAL B 305 43.42 5.36 -2.56
C VAL B 305 44.24 4.59 -3.59
N LEU B 306 44.54 5.22 -4.73
CA LEU B 306 45.31 4.55 -5.76
C LEU B 306 46.74 4.24 -5.32
N LYS B 307 47.19 4.84 -4.21
CA LYS B 307 48.51 4.49 -3.67
C LYS B 307 48.60 3.01 -3.31
N VAL B 308 47.47 2.36 -3.07
CA VAL B 308 47.49 0.93 -2.75
C VAL B 308 47.55 0.10 -4.02
N TYR B 309 46.69 0.41 -5.00
CA TYR B 309 46.74 -0.30 -6.27
C TYR B 309 48.07 -0.07 -6.99
N GLU B 310 48.82 0.97 -6.61
CA GLU B 310 50.18 1.11 -7.10
C GLU B 310 51.05 -0.07 -6.69
N ILE B 311 50.67 -0.80 -5.64
CA ILE B 311 51.47 -1.92 -5.16
C ILE B 311 51.60 -2.99 -6.24
N LEU B 312 50.54 -3.25 -6.97
CA LEU B 312 50.54 -4.35 -7.94
C LEU B 312 51.67 -4.15 -8.95
N PRO B 313 52.49 -5.16 -9.21
CA PRO B 313 53.59 -4.96 -10.17
C PRO B 313 53.10 -4.55 -11.55
N THR B 314 51.96 -5.08 -11.99
CA THR B 314 51.43 -4.75 -13.31
C THR B 314 50.93 -3.31 -13.40
N PHE B 315 50.79 -2.62 -12.27
CA PHE B 315 50.32 -1.24 -12.26
C PHE B 315 51.51 -0.28 -12.22
N ASP B 316 51.50 0.69 -13.13
CA ASP B 316 52.56 1.70 -13.15
C ASP B 316 52.45 2.60 -11.94
N VAL B 317 53.61 3.06 -11.44
CA VAL B 317 53.67 3.92 -10.28
C VAL B 317 53.36 5.34 -10.74
N LEU B 318 52.11 5.77 -10.55
CA LEU B 318 51.68 7.13 -10.88
C LEU B 318 50.90 7.69 -9.70
N HIS B 319 51.36 8.82 -9.17
CA HIS B 319 50.65 9.51 -8.09
C HIS B 319 49.63 10.45 -8.72
N PHE B 320 48.36 10.06 -8.67
CA PHE B 320 47.28 10.86 -9.27
C PHE B 320 46.73 11.86 -8.25
N LYS B 321 47.60 12.77 -7.82
CA LYS B 321 47.25 13.80 -6.86
C LYS B 321 46.95 15.09 -7.62
N SER B 322 45.76 15.13 -8.22
CA SER B 322 45.33 16.27 -9.02
C SER B 322 45.01 17.44 -8.09
N GLU B 323 45.91 18.42 -8.04
CA GLU B 323 45.73 19.61 -7.21
C GLU B 323 44.84 20.65 -7.89
N GLY B 324 44.63 20.54 -9.20
CA GLY B 324 43.83 21.49 -9.94
C GLY B 324 42.40 21.00 -10.14
N TYR B 325 41.60 21.88 -10.74
CA TYR B 325 40.18 21.61 -10.99
C TYR B 325 40.06 20.81 -12.28
N ASN B 326 40.13 19.49 -12.16
CA ASN B 326 40.02 18.59 -13.29
C ASN B 326 39.03 17.48 -12.96
N ASP B 327 38.47 16.87 -14.01
CA ASP B 327 37.51 15.79 -13.81
C ASP B 327 38.10 14.66 -12.98
N LEU B 328 39.42 14.48 -13.05
CA LEU B 328 40.05 13.42 -12.25
C LEU B 328 39.80 13.63 -10.77
N SER B 329 39.99 14.86 -10.28
CA SER B 329 39.84 15.12 -8.85
C SER B 329 38.46 14.72 -8.35
N LEU B 330 37.42 15.10 -9.10
CA LEU B 330 36.08 14.60 -8.78
C LEU B 330 36.04 13.09 -8.86
N TYR B 331 36.69 12.52 -9.87
CA TYR B 331 36.74 11.06 -9.99
C TYR B 331 37.50 10.44 -8.82
N ASN B 332 38.60 11.06 -8.41
CA ASN B 332 39.32 10.54 -7.24
C ASN B 332 38.42 10.57 -6.02
N LEU B 333 37.65 11.65 -5.85
CA LEU B 333 36.70 11.71 -4.75
C LEU B 333 35.71 10.55 -4.80
N PHE B 334 35.15 10.28 -5.99
CA PHE B 334 34.16 9.20 -6.10
C PHE B 334 34.79 7.83 -5.85
N LEU B 335 35.99 7.59 -6.39
CA LEU B 335 36.64 6.30 -6.17
C LEU B 335 37.00 6.11 -4.70
N GLU B 336 37.36 7.18 -3.99
CA GLU B 336 37.65 7.04 -2.57
C GLU B 336 36.46 6.45 -1.84
N GLU B 337 35.25 6.91 -2.16
CA GLU B 337 34.05 6.37 -1.54
C GLU B 337 33.79 4.93 -2.03
N ASN B 338 33.87 4.72 -3.33
CA ASN B 338 33.37 3.48 -3.92
C ASN B 338 34.39 2.34 -3.94
N ILE B 339 35.61 2.56 -3.44
CA ILE B 339 36.63 1.53 -3.54
C ILE B 339 36.26 0.30 -2.71
N SER B 340 35.55 0.51 -1.60
CA SER B 340 35.18 -0.63 -0.76
C SER B 340 34.39 -1.67 -1.53
N GLU B 341 33.69 -1.25 -2.58
CA GLU B 341 33.00 -2.21 -3.45
C GLU B 341 33.98 -3.16 -4.12
N VAL B 342 35.20 -2.69 -4.39
CA VAL B 342 36.19 -3.50 -5.10
C VAL B 342 36.87 -4.46 -4.14
N LYS B 343 36.96 -5.72 -4.54
CA LYS B 343 37.59 -6.74 -3.72
C LYS B 343 39.11 -6.66 -3.72
N SER B 344 39.72 -6.26 -4.85
CA SER B 344 41.17 -6.25 -4.94
C SER B 344 41.80 -5.31 -3.93
N TYR B 345 41.13 -4.20 -3.60
CA TYR B 345 41.68 -3.23 -2.66
C TYR B 345 41.99 -3.88 -1.32
N LYS B 346 41.04 -4.64 -0.79
CA LYS B 346 41.20 -5.17 0.57
C LYS B 346 42.44 -6.06 0.68
N CYS B 347 42.56 -7.04 -0.21
CA CYS B 347 43.68 -7.98 -0.14
C CYS B 347 45.02 -7.29 -0.43
N LEU B 348 45.02 -6.34 -1.36
CA LEU B 348 46.27 -5.64 -1.66
C LEU B 348 46.74 -4.82 -0.46
N LYS B 349 45.82 -4.14 0.22
CA LYS B 349 46.21 -3.31 1.35
C LYS B 349 46.85 -4.14 2.45
N VAL B 350 46.31 -5.32 2.74
CA VAL B 350 46.87 -6.16 3.80
C VAL B 350 48.29 -6.59 3.43
N LEU B 351 48.55 -6.81 2.13
CA LEU B 351 49.89 -7.17 1.69
C LEU B 351 50.89 -6.08 2.06
N GLU B 352 50.53 -4.81 1.83
CA GLU B 352 51.43 -3.72 2.20
C GLU B 352 51.69 -3.71 3.70
N ASN B 353 50.64 -3.91 4.50
CA ASN B 353 50.82 -3.96 5.95
C ASN B 353 51.72 -5.12 6.35
N ILE B 354 51.55 -6.28 5.71
CA ILE B 354 52.45 -7.40 5.97
C ILE B 354 53.86 -7.03 5.54
N LYS B 355 54.00 -6.44 4.36
CA LYS B 355 55.32 -6.00 3.90
C LYS B 355 55.88 -4.92 4.81
N SER B 356 55.05 -3.97 5.23
CA SER B 356 55.49 -2.93 6.15
C SER B 356 55.72 -3.46 7.55
N SER B 357 55.26 -4.67 7.86
CA SER B 357 55.50 -5.25 9.18
C SER B 357 56.97 -5.55 9.42
N GLY B 358 57.79 -5.56 8.36
CA GLY B 358 59.21 -5.84 8.48
C GLY B 358 59.61 -7.25 8.13
N GLN B 359 58.67 -8.17 7.97
CA GLN B 359 58.99 -9.54 7.64
C GLN B 359 59.56 -9.63 6.24
N GLY B 360 60.60 -10.45 6.07
CA GLY B 360 61.23 -10.62 4.78
C GLY B 360 60.58 -11.70 3.94
N ILE B 361 59.26 -11.62 3.76
CA ILE B 361 58.51 -12.55 2.94
C ILE B 361 58.41 -11.99 1.54
N ASP B 362 58.84 -12.76 0.55
CA ASP B 362 58.80 -12.28 -0.82
C ASP B 362 57.35 -12.05 -1.25
N PRO B 363 57.07 -11.00 -2.03
CA PRO B 363 55.69 -10.78 -2.48
C PRO B 363 55.14 -11.94 -3.29
N MET B 364 55.98 -12.65 -4.04
CA MET B 364 55.51 -13.79 -4.81
C MET B 364 54.94 -14.87 -3.90
N LEU B 365 55.61 -15.16 -2.79
CA LEU B 365 55.11 -16.16 -1.86
C LEU B 365 53.77 -15.74 -1.27
N LEU B 366 53.60 -14.44 -1.00
CA LEU B 366 52.32 -13.94 -0.53
C LEU B 366 51.30 -13.83 -1.66
N LEU B 367 51.75 -13.48 -2.87
CA LEU B 367 50.83 -13.34 -3.99
C LEU B 367 50.16 -14.68 -4.31
N THR B 368 50.94 -15.76 -4.35
CA THR B 368 50.37 -17.08 -4.60
C THR B 368 49.50 -17.53 -3.44
N ASN B 369 49.63 -16.91 -2.26
CA ASN B 369 48.79 -17.20 -1.12
C ASN B 369 47.47 -16.46 -1.15
N LEU B 370 47.16 -15.78 -2.25
CA LEU B 370 45.92 -15.05 -2.41
C LEU B 370 45.09 -15.72 -3.50
N GLY B 371 43.87 -16.13 -3.14
CA GLY B 371 43.02 -16.81 -4.10
C GLY B 371 42.53 -15.88 -5.19
N MET B 372 42.22 -16.48 -6.34
CA MET B 372 41.68 -15.72 -7.45
C MET B 372 40.30 -15.18 -7.10
N ILE B 373 40.09 -13.90 -7.32
CA ILE B 373 38.81 -13.26 -7.01
C ILE B 373 37.84 -13.55 -8.15
N LYS B 374 36.73 -14.21 -7.82
CA LYS B 374 35.76 -14.57 -8.83
C LYS B 374 35.07 -13.31 -9.36
N MET B 375 34.99 -13.21 -10.69
CA MET B 375 34.34 -12.07 -11.34
C MET B 375 32.88 -12.42 -11.62
N ASP B 376 31.97 -11.66 -11.03
CA ASP B 376 30.54 -11.92 -11.18
C ASP B 376 29.92 -10.91 -12.15
N ALA C 2 -0.61 14.02 13.53
CA ALA C 2 -0.12 14.99 12.50
C ALA C 2 1.39 14.79 12.26
N ILE C 3 2.20 15.78 12.62
CA ILE C 3 3.65 15.64 12.45
C ILE C 3 4.17 14.48 13.28
N ALA C 4 3.72 14.37 14.53
CA ALA C 4 4.08 13.21 15.35
C ALA C 4 3.54 11.93 14.73
N GLN C 5 2.33 11.98 14.18
CA GLN C 5 1.78 10.81 13.51
C GLN C 5 2.66 10.39 12.34
N LEU C 6 3.09 11.34 11.51
CA LEU C 6 3.91 10.99 10.36
C LEU C 6 5.38 10.86 10.71
N ALA C 7 5.78 11.32 11.90
CA ALA C 7 7.16 11.11 12.34
C ALA C 7 7.40 9.68 12.81
N THR C 8 6.42 9.09 13.51
CA THR C 8 6.61 7.74 14.03
C THR C 8 6.63 6.71 12.91
N GLU C 9 5.86 6.94 11.84
CA GLU C 9 5.89 6.00 10.73
C GLU C 9 7.27 5.93 10.10
N TYR C 10 7.92 7.08 9.92
CA TYR C 10 9.23 7.09 9.29
C TYR C 10 10.29 6.44 10.18
N VAL C 11 10.27 6.76 11.47
CA VAL C 11 11.27 6.20 12.37
C VAL C 11 11.04 4.71 12.61
N PHE C 12 9.80 4.31 12.84
CA PHE C 12 9.52 2.89 13.10
C PHE C 12 9.71 2.05 11.84
N SER C 13 9.25 2.55 10.69
CA SER C 13 9.47 1.83 9.44
C SER C 13 10.96 1.72 9.13
N ASP C 14 11.70 2.80 9.35
CA ASP C 14 13.15 2.75 9.16
C ASP C 14 13.79 1.75 10.11
N PHE C 15 13.29 1.69 11.35
CA PHE C 15 13.82 0.75 12.32
C PHE C 15 13.66 -0.69 11.86
N LEU C 16 12.48 -1.02 11.31
CA LEU C 16 12.23 -2.41 10.90
C LEU C 16 13.22 -2.86 9.84
N LEU C 17 13.76 -1.94 9.06
CA LEU C 17 14.78 -2.31 8.08
C LEU C 17 16.04 -2.84 8.76
N LYS C 18 16.36 -2.32 9.95
CA LYS C 18 17.58 -2.73 10.62
C LYS C 18 17.50 -4.18 11.11
N GLU C 19 16.31 -4.66 11.47
CA GLU C 19 16.18 -5.97 12.10
C GLU C 19 16.77 -7.09 11.25
N PRO C 20 16.27 -7.36 10.03
CA PRO C 20 16.78 -8.47 9.21
C PRO C 20 18.30 -8.54 9.16
N ARG C 29 24.42 -7.74 13.19
CA ARG C 29 25.65 -7.00 12.93
C ARG C 29 25.36 -5.53 12.66
N LEU C 30 26.39 -4.70 12.74
CA LEU C 30 26.30 -3.26 12.53
C LEU C 30 25.53 -2.56 13.64
N GLU C 31 25.22 -3.27 14.73
CA GLU C 31 24.54 -2.69 15.88
C GLU C 31 25.02 -3.44 17.12
N LEU C 32 24.30 -3.26 18.22
CA LEU C 32 24.63 -3.95 19.46
C LEU C 32 23.34 -4.28 20.19
N ALA C 33 23.42 -5.32 21.04
CA ALA C 33 22.23 -5.77 21.76
C ALA C 33 21.71 -4.70 22.71
N VAL C 34 22.62 -4.01 23.39
CA VAL C 34 22.23 -3.04 24.42
C VAL C 34 21.91 -1.68 23.82
N ASP C 35 22.77 -1.19 22.93
CA ASP C 35 22.58 0.16 22.39
C ASP C 35 21.27 0.26 21.61
N LYS C 36 20.93 -0.79 20.85
CA LYS C 36 19.77 -0.72 20.00
C LYS C 36 18.50 -0.58 20.82
N MET C 37 18.41 -1.28 21.95
CA MET C 37 17.26 -1.10 22.85
C MET C 37 17.19 0.33 23.35
N VAL C 38 18.33 0.90 23.73
CA VAL C 38 18.35 2.25 24.27
C VAL C 38 17.82 3.23 23.23
N THR C 39 18.34 3.16 22.01
CA THR C 39 17.91 4.09 20.96
C THR C 39 16.48 3.83 20.52
N CYS C 40 16.00 2.59 20.62
CA CYS C 40 14.60 2.32 20.31
C CYS C 40 13.68 2.96 21.34
N ILE C 41 13.95 2.75 22.63
CA ILE C 41 13.08 3.27 23.67
C ILE C 41 13.10 4.79 23.67
N ALA C 42 14.31 5.37 23.67
CA ALA C 42 14.45 6.81 23.84
C ALA C 42 13.91 7.61 22.67
N VAL C 43 13.64 6.95 21.53
CA VAL C 43 13.06 7.63 20.38
C VAL C 43 11.62 7.20 20.14
N GLY C 44 11.17 6.07 20.70
CA GLY C 44 9.82 5.63 20.49
C GLY C 44 8.86 6.14 21.54
N LEU C 45 9.27 6.18 22.80
CA LEU C 45 8.35 6.63 23.85
C LEU C 45 7.86 8.06 23.63
N PRO C 46 8.73 9.06 23.44
CA PRO C 46 8.21 10.42 23.22
C PRO C 46 7.28 10.52 22.03
N LEU C 47 7.60 9.82 20.94
CA LEU C 47 6.74 9.88 19.75
C LEU C 47 5.34 9.35 20.07
N LEU C 48 5.28 8.19 20.74
CA LEU C 48 3.99 7.63 21.11
C LEU C 48 3.23 8.58 22.04
N LEU C 49 3.93 9.17 23.00
CA LEU C 49 3.25 10.05 23.96
C LEU C 49 2.69 11.29 23.28
N ILE C 50 3.44 11.89 22.34
CA ILE C 50 2.94 13.10 21.69
C ILE C 50 1.81 12.77 20.72
N SER C 51 1.94 11.67 19.96
CA SER C 51 0.81 11.22 19.17
C SER C 51 -0.41 10.99 20.05
N LEU C 52 -0.19 10.50 21.27
CA LEU C 52 -1.31 10.25 22.15
C LEU C 52 -1.92 11.57 22.61
N ALA C 53 -1.08 12.57 22.88
CA ALA C 53 -1.60 13.89 23.24
C ALA C 53 -2.46 14.46 22.13
N PHE C 54 -2.05 14.25 20.87
CA PHE C 54 -2.89 14.66 19.75
C PHE C 54 -4.20 13.87 19.74
N ALA C 55 -4.15 12.59 20.10
CA ALA C 55 -5.38 11.81 20.20
C ALA C 55 -6.32 12.40 21.26
N GLN C 56 -5.76 12.80 22.40
CA GLN C 56 -6.56 13.43 23.44
C GLN C 56 -7.16 14.75 22.95
N GLU C 57 -6.37 15.52 22.20
CA GLU C 57 -6.92 16.75 21.61
C GLU C 57 -8.06 16.44 20.66
N ILE C 58 -7.99 15.32 19.94
CA ILE C 58 -9.13 14.89 19.14
C ILE C 58 -10.34 14.63 20.02
N SER C 59 -10.15 13.84 21.08
CA SER C 59 -11.27 13.47 21.93
C SER C 59 -11.91 14.71 22.56
N ILE C 60 -11.17 15.40 23.44
CA ILE C 60 -11.54 16.70 23.95
C ILE C 60 -10.24 17.48 24.18
N GLY C 61 -10.17 18.69 23.62
CA GLY C 61 -8.99 19.51 23.84
C GLY C 61 -9.02 20.85 23.12
N THR C 62 -8.68 21.89 23.86
CA THR C 62 -8.47 23.21 23.30
C THR C 62 -7.44 23.91 24.19
N GLN C 63 -6.32 24.33 23.60
CA GLN C 63 -5.20 24.81 24.39
C GLN C 63 -5.63 25.91 25.36
N ILE C 64 -6.37 26.90 24.88
CA ILE C 64 -6.69 28.07 25.68
C ILE C 64 -8.20 28.27 25.74
N SER C 65 -8.65 28.94 26.79
CA SER C 65 -10.05 29.31 26.94
C SER C 65 -10.15 30.48 27.89
N CYS C 66 -10.56 31.64 27.38
CA CYS C 66 -10.73 32.84 28.20
C CYS C 66 -12.19 33.06 28.54
N PHE C 67 -12.41 33.68 29.70
CA PHE C 67 -13.75 33.97 30.20
C PHE C 67 -14.08 35.42 29.87
N SER C 68 -14.95 35.62 28.88
CA SER C 68 -15.38 36.96 28.51
C SER C 68 -16.78 37.23 29.04
N PRO C 69 -17.09 38.47 29.42
CA PRO C 69 -18.41 38.76 30.02
C PRO C 69 -19.54 38.41 29.09
N SER C 70 -20.75 38.38 29.65
CA SER C 70 -21.92 37.92 28.92
C SER C 70 -22.35 38.88 27.81
N SER C 71 -22.01 40.17 27.92
CA SER C 71 -22.38 41.11 26.88
C SER C 71 -21.73 40.76 25.55
N PHE C 72 -20.53 40.18 25.58
CA PHE C 72 -19.85 39.82 24.35
C PHE C 72 -20.65 38.78 23.58
N SER C 73 -20.67 38.94 22.26
CA SER C 73 -21.30 37.96 21.39
C SER C 73 -20.35 36.78 21.19
N TRP C 74 -20.70 35.88 20.27
CA TRP C 74 -19.85 34.72 20.02
C TRP C 74 -18.54 35.14 19.37
N ARG C 75 -18.61 35.98 18.35
CA ARG C 75 -17.41 36.36 17.60
C ARG C 75 -16.45 37.18 18.46
N GLN C 76 -16.98 38.08 19.29
CA GLN C 76 -16.10 38.87 20.15
C GLN C 76 -15.36 37.98 21.14
N ALA C 77 -16.06 37.00 21.72
CA ALA C 77 -15.41 36.07 22.64
C ALA C 77 -14.37 35.21 21.92
N ALA C 78 -14.67 34.77 20.71
CA ALA C 78 -13.68 34.03 19.92
C ALA C 78 -12.45 34.89 19.66
N PHE C 79 -12.66 36.17 19.35
CA PHE C 79 -11.54 37.07 19.15
C PHE C 79 -10.72 37.22 20.43
N VAL C 80 -11.38 37.32 21.58
CA VAL C 80 -10.66 37.43 22.84
C VAL C 80 -9.79 36.19 23.05
N ASP C 81 -10.37 35.01 22.84
CA ASP C 81 -9.60 33.78 23.01
C ASP C 81 -8.41 33.74 22.08
N SER C 82 -8.62 34.07 20.80
CA SER C 82 -7.53 34.03 19.84
C SER C 82 -6.46 35.06 20.17
N TYR C 83 -6.86 36.26 20.57
CA TYR C 83 -5.89 37.30 20.91
C TYR C 83 -5.03 36.87 22.09
N CYS C 84 -5.67 36.44 23.17
CA CYS C 84 -4.90 35.96 24.32
C CYS C 84 -4.07 34.73 23.99
N TRP C 85 -4.45 33.99 22.95
CA TRP C 85 -3.65 32.85 22.53
C TRP C 85 -2.34 33.30 21.91
N ALA C 86 -2.36 34.40 21.14
CA ALA C 86 -1.18 34.89 20.47
C ALA C 86 -0.40 35.92 21.28
N ALA C 87 -0.97 36.44 22.35
CA ALA C 87 -0.29 37.40 23.21
C ALA C 87 0.52 36.73 24.31
N VAL C 88 0.56 35.39 24.33
CA VAL C 88 1.37 34.69 25.31
C VAL C 88 2.85 34.97 25.08
N GLN C 89 3.25 35.09 23.81
CA GLN C 89 4.67 35.18 23.47
C GLN C 89 5.32 36.46 23.98
N GLN C 90 4.54 37.52 24.20
CA GLN C 90 5.13 38.83 24.56
C GLN C 90 5.33 38.92 26.06
N LYS C 91 4.22 38.93 26.81
CA LYS C 91 4.24 38.80 28.26
C LYS C 91 2.81 38.91 28.75
N ASN C 92 2.57 38.38 29.96
CA ASN C 92 1.24 38.43 30.56
C ASN C 92 1.38 38.16 32.06
N SER C 93 0.74 39.00 32.86
CA SER C 93 0.83 38.91 34.30
C SER C 93 -0.13 37.87 34.86
N LEU C 94 0.22 37.33 36.03
CA LEU C 94 -0.60 36.37 36.74
C LEU C 94 -0.92 36.94 38.12
N GLN C 95 -2.18 36.82 38.53
CA GLN C 95 -2.57 37.33 39.85
C GLN C 95 -2.37 36.26 40.93
N SER C 96 -1.22 35.60 40.88
CA SER C 96 -0.75 34.80 42.02
C SER C 96 0.76 34.83 42.16
N GLU C 97 1.48 35.58 41.33
CA GLU C 97 2.94 35.50 41.25
C GLU C 97 3.48 36.90 41.00
N SER C 98 4.76 36.97 40.62
CA SER C 98 5.43 38.23 40.37
C SER C 98 5.02 38.75 38.99
N GLY C 99 5.74 39.77 38.51
CA GLY C 99 5.40 40.45 37.28
C GLY C 99 5.02 39.56 36.11
N ASN C 100 5.92 38.69 35.68
CA ASN C 100 5.72 37.88 34.49
C ASN C 100 6.28 36.48 34.73
N LEU C 101 6.26 35.66 33.67
CA LEU C 101 6.72 34.28 33.74
C LEU C 101 6.87 33.73 32.33
N PRO C 102 7.74 32.73 32.11
CA PRO C 102 7.81 32.09 30.79
C PRO C 102 6.65 31.13 30.58
N LEU C 103 5.68 31.54 29.75
CA LEU C 103 4.49 30.74 29.49
C LEU C 103 4.49 30.07 28.13
N TRP C 104 5.26 30.55 27.17
CA TRP C 104 5.21 29.97 25.83
C TRP C 104 5.73 28.54 25.79
N LEU C 105 6.39 28.06 26.86
CA LEU C 105 6.72 26.65 26.93
C LEU C 105 5.46 25.79 26.89
N HIS C 106 4.34 26.31 27.39
CA HIS C 106 3.08 25.58 27.31
C HIS C 106 2.62 25.43 25.87
N LYS C 107 2.88 26.43 25.03
CA LYS C 107 2.47 26.35 23.64
C LYS C 107 3.31 25.32 22.87
N PHE C 108 4.62 25.35 23.06
CA PHE C 108 5.54 24.63 22.20
C PHE C 108 6.01 23.29 22.75
N PHE C 109 5.52 22.87 23.92
CA PHE C 109 5.98 21.61 24.51
C PHE C 109 5.86 20.44 23.57
N PRO C 110 4.72 20.20 22.89
CA PRO C 110 4.62 19.01 22.03
C PRO C 110 5.62 19.00 20.88
N TYR C 111 6.20 20.15 20.52
CA TYR C 111 7.19 20.21 19.45
C TYR C 111 8.62 20.11 19.97
N ILE C 112 8.87 20.54 21.21
CA ILE C 112 10.17 20.30 21.82
C ILE C 112 10.44 18.81 21.87
N LEU C 113 9.40 18.00 22.07
CA LEU C 113 9.59 16.55 22.09
C LEU C 113 9.93 16.01 20.72
N LEU C 114 9.33 16.57 19.67
CA LEU C 114 9.73 16.19 18.32
C LEU C 114 11.19 16.55 18.06
N LEU C 115 11.61 17.73 18.50
CA LEU C 115 13.01 18.12 18.35
C LEU C 115 13.92 17.15 19.09
N PHE C 116 13.55 16.77 20.32
CA PHE C 116 14.37 15.84 21.09
C PHE C 116 14.43 14.48 20.42
N ALA C 117 13.31 14.01 19.87
CA ALA C 117 13.31 12.73 19.17
C ALA C 117 14.23 12.78 17.95
N ILE C 118 14.18 13.86 17.18
CA ILE C 118 15.05 14.00 16.02
C ILE C 118 16.51 13.99 16.46
N LEU C 119 16.83 14.74 17.50
CA LEU C 119 18.21 14.82 17.98
C LEU C 119 18.69 13.47 18.48
N LEU C 120 17.84 12.73 19.18
CA LEU C 120 18.22 11.42 19.68
C LEU C 120 18.42 10.43 18.54
N TYR C 121 17.58 10.52 17.50
CA TYR C 121 17.71 9.60 16.37
C TYR C 121 18.94 9.91 15.52
N LEU C 122 19.38 11.17 15.48
CA LEU C 122 20.48 11.54 14.59
C LEU C 122 21.74 10.70 14.81
N PRO C 123 22.26 10.53 16.03
CA PRO C 123 23.54 9.85 16.20
C PRO C 123 23.55 8.45 15.61
N PRO C 124 22.49 7.65 15.83
CA PRO C 124 22.46 6.34 15.18
C PRO C 124 22.52 6.41 13.67
N LEU C 125 21.85 7.40 13.06
CA LEU C 125 21.91 7.55 11.61
C LEU C 125 23.34 7.87 11.16
N PHE C 126 23.99 8.79 11.88
CA PHE C 126 25.36 9.13 11.52
C PHE C 126 26.27 7.92 11.65
N TRP C 127 26.09 7.12 12.70
CA TRP C 127 26.88 5.91 12.86
C TRP C 127 26.64 4.96 11.71
N ARG C 128 25.37 4.79 11.31
CA ARG C 128 25.07 3.94 10.16
C ARG C 128 25.73 4.46 8.90
N PHE C 129 25.94 5.78 8.81
CA PHE C 129 26.60 6.39 7.66
C PHE C 129 28.09 6.59 7.88
N ALA C 130 28.64 6.11 8.99
CA ALA C 130 30.04 6.36 9.32
C ALA C 130 30.84 5.13 9.73
N ALA C 131 30.21 4.06 10.21
CA ALA C 131 30.96 2.92 10.71
C ALA C 131 30.40 1.56 10.27
N ALA C 132 29.31 1.52 9.52
CA ALA C 132 28.71 0.24 9.13
C ALA C 132 29.51 -0.41 8.00
N PRO C 133 29.86 0.32 6.93
CA PRO C 133 30.60 -0.33 5.83
C PRO C 133 31.92 -0.94 6.29
N HIS C 134 32.76 -0.15 6.98
CA HIS C 134 34.06 -0.66 7.39
C HIS C 134 33.92 -1.85 8.32
N ILE C 135 33.02 -1.76 9.30
CA ILE C 135 32.90 -2.84 10.29
C ILE C 135 32.37 -4.10 9.63
N CYS C 136 31.37 -3.98 8.75
CA CYS C 136 30.85 -5.18 8.09
C CYS C 136 31.90 -5.81 7.19
N SER C 137 32.64 -4.99 6.44
CA SER C 137 33.69 -5.54 5.58
C SER C 137 34.74 -6.27 6.40
N ASP C 138 35.20 -5.64 7.49
CA ASP C 138 36.24 -6.26 8.32
C ASP C 138 35.74 -7.55 8.94
N LEU C 139 34.51 -7.55 9.46
CA LEU C 139 33.96 -8.76 10.07
C LEU C 139 33.81 -9.87 9.03
N LYS C 140 33.32 -9.54 7.84
CA LYS C 140 33.19 -10.55 6.79
C LYS C 140 34.54 -11.14 6.44
N PHE C 141 35.56 -10.30 6.29
CA PHE C 141 36.88 -10.80 5.95
C PHE C 141 37.44 -11.69 7.05
N ILE C 142 37.28 -11.28 8.31
CA ILE C 142 37.80 -12.08 9.41
C ILE C 142 37.09 -13.43 9.48
N MET C 143 35.77 -13.43 9.30
CA MET C 143 35.02 -14.68 9.34
C MET C 143 35.41 -15.60 8.18
N GLU C 144 35.60 -15.04 6.98
CA GLU C 144 36.05 -15.84 5.86
C GLU C 144 37.44 -16.42 6.13
N GLU C 145 38.33 -15.62 6.72
CA GLU C 145 39.67 -16.10 7.04
C GLU C 145 39.60 -17.24 8.05
N LEU C 146 38.75 -17.12 9.06
CA LEU C 146 38.61 -18.20 10.05
C LEU C 146 38.03 -19.45 9.41
N ASP C 147 37.03 -19.29 8.53
CA ASP C 147 36.48 -20.45 7.84
C ASP C 147 37.55 -21.14 7.00
N LYS C 148 38.38 -20.37 6.31
CA LYS C 148 39.46 -20.96 5.53
C LYS C 148 40.45 -21.69 6.43
N VAL C 149 40.95 -21.01 7.47
CA VAL C 149 41.99 -21.60 8.30
C VAL C 149 41.49 -22.85 8.99
N TYR C 150 40.21 -22.90 9.35
CA TYR C 150 39.63 -24.14 9.85
C TYR C 150 39.70 -25.24 8.81
N ASN C 151 39.36 -24.92 7.56
CA ASN C 151 39.36 -25.93 6.50
C ASN C 151 40.76 -26.45 6.25
N ARG C 152 41.76 -25.57 6.24
CA ARG C 152 43.13 -26.02 6.04
C ARG C 152 43.56 -26.99 7.13
N ALA C 153 43.08 -26.79 8.35
CA ALA C 153 43.44 -27.70 9.45
C ALA C 153 42.96 -29.11 9.16
N ILE C 154 41.72 -29.26 8.66
CA ILE C 154 41.21 -30.59 8.33
C ILE C 154 42.03 -31.20 7.20
N LYS C 155 42.35 -30.40 6.17
CA LYS C 155 43.18 -30.90 5.09
C LYS C 155 44.54 -31.33 5.61
N ALA C 156 45.17 -30.49 6.43
CA ALA C 156 46.44 -30.88 7.06
C ALA C 156 46.23 -32.04 8.01
N ALA C 157 45.11 -32.03 8.75
CA ALA C 157 44.82 -33.13 9.67
C ALA C 157 44.64 -34.45 8.92
N LYS C 158 43.79 -34.45 7.89
CA LYS C 158 43.54 -35.69 7.16
C LYS C 158 44.77 -36.15 6.40
N SER C 159 45.51 -35.20 5.79
CA SER C 159 46.69 -35.57 5.04
C SER C 159 47.71 -36.29 5.93
N ALA C 160 47.77 -35.92 7.21
CA ALA C 160 48.66 -36.63 8.14
C ALA C 160 48.23 -38.08 8.27
N ARG C 161 46.93 -38.34 8.36
CA ARG C 161 46.44 -39.70 8.46
C ARG C 161 46.78 -40.52 7.22
N ASP C 162 46.64 -39.91 6.03
CA ASP C 162 46.91 -40.63 4.80
C ASP C 162 48.35 -41.11 4.74
N LEU C 163 49.30 -40.26 5.12
CA LEU C 163 50.70 -40.67 5.13
C LEU C 163 50.93 -41.79 6.14
N ASP C 164 50.30 -41.69 7.31
CA ASP C 164 50.44 -42.74 8.32
C ASP C 164 49.89 -44.06 7.82
N MET C 165 48.74 -44.03 7.16
CA MET C 165 48.11 -45.24 6.64
C MET C 165 48.98 -45.86 5.55
N PHE C 191 52.34 -24.16 5.69
CA PHE C 191 51.52 -23.35 6.58
C PHE C 191 51.34 -21.94 6.03
N LYS C 192 50.12 -21.61 5.64
CA LYS C 192 49.82 -20.28 5.13
C LYS C 192 50.02 -19.23 6.22
N TYR C 193 50.47 -18.06 5.81
CA TYR C 193 50.69 -16.98 6.76
C TYR C 193 49.36 -16.59 7.41
N PRO C 194 49.31 -16.42 8.73
CA PRO C 194 48.06 -15.99 9.36
C PRO C 194 47.72 -14.54 9.01
N ILE C 195 47.19 -14.34 7.81
CA ILE C 195 46.90 -12.99 7.33
C ILE C 195 45.93 -12.29 8.27
N VAL C 196 44.90 -13.00 8.73
CA VAL C 196 43.91 -12.40 9.62
C VAL C 196 44.55 -11.96 10.93
N GLU C 197 45.49 -12.77 11.43
CA GLU C 197 46.16 -12.41 12.69
C GLU C 197 46.94 -11.12 12.54
N GLN C 198 47.69 -10.98 11.44
CA GLN C 198 48.43 -9.74 11.21
C GLN C 198 47.48 -8.57 11.01
N TYR C 199 46.37 -8.80 10.32
CA TYR C 199 45.39 -7.73 10.11
C TYR C 199 44.84 -7.24 11.44
N LEU C 200 44.49 -8.15 12.34
CA LEU C 200 44.01 -7.76 13.65
C LEU C 200 45.10 -7.07 14.45
N LYS C 201 46.34 -7.54 14.34
CA LYS C 201 47.44 -6.87 15.03
C LYS C 201 47.59 -5.43 14.56
N THR C 202 47.47 -5.20 13.25
CA THR C 202 47.53 -3.83 12.73
C THR C 202 46.35 -3.01 13.24
N LYS C 203 45.14 -3.58 13.21
CA LYS C 203 43.97 -2.83 13.66
C LYS C 203 44.07 -2.47 15.13
N LYS C 204 44.77 -3.28 15.92
CA LYS C 204 44.93 -2.97 17.34
C LYS C 204 45.53 -1.59 17.54
N ASN C 205 46.35 -1.12 16.60
CA ASN C 205 47.03 0.16 16.77
C ASN C 205 46.12 1.35 16.48
N SER C 206 45.15 1.21 15.59
CA SER C 206 44.33 2.33 15.17
C SER C 206 43.26 2.65 16.23
N ASN C 207 42.80 3.90 16.22
CA ASN C 207 41.82 4.39 17.17
C ASN C 207 40.80 5.30 16.48
N ASN C 208 40.30 4.85 15.32
CA ASN C 208 39.33 5.63 14.55
C ASN C 208 37.90 5.16 14.81
N LEU C 209 37.63 3.87 14.60
CA LEU C 209 36.28 3.35 14.82
C LEU C 209 35.87 3.54 16.27
N ILE C 210 36.79 3.33 17.22
CA ILE C 210 36.48 3.55 18.62
C ILE C 210 36.15 5.03 18.85
N ILE C 211 36.87 5.93 18.18
CA ILE C 211 36.59 7.36 18.32
C ILE C 211 35.16 7.64 17.88
N LYS C 212 34.77 7.14 16.71
CA LYS C 212 33.42 7.41 16.22
C LYS C 212 32.36 6.80 17.13
N TYR C 213 32.58 5.55 17.56
CA TYR C 213 31.57 4.85 18.36
C TYR C 213 31.47 5.40 19.77
N ILE C 214 32.51 6.08 20.26
CA ILE C 214 32.42 6.74 21.55
C ILE C 214 31.82 8.14 21.42
N SER C 215 32.12 8.83 20.31
CA SER C 215 31.51 10.13 20.07
C SER C 215 30.01 10.01 19.94
N CYS C 216 29.53 8.97 19.24
CA CYS C 216 28.09 8.78 19.09
C CYS C 216 27.42 8.60 20.44
N ARG C 217 28.00 7.75 21.29
CA ARG C 217 27.41 7.51 22.61
C ARG C 217 27.46 8.78 23.46
N LEU C 218 28.56 9.53 23.38
CA LEU C 218 28.64 10.78 24.14
C LEU C 218 27.57 11.76 23.70
N LEU C 219 27.35 11.88 22.39
CA LEU C 219 26.31 12.77 21.90
C LEU C 219 24.94 12.32 22.39
N THR C 220 24.67 11.01 22.33
CA THR C 220 23.38 10.52 22.80
C THR C 220 23.18 10.80 24.28
N LEU C 221 24.23 10.56 25.09
CA LEU C 221 24.12 10.81 26.52
C LEU C 221 23.90 12.29 26.81
N ILE C 222 24.59 13.17 26.08
CA ILE C 222 24.43 14.61 26.30
C ILE C 222 23.01 15.03 25.95
N ILE C 223 22.48 14.52 24.84
CA ILE C 223 21.10 14.86 24.46
C ILE C 223 20.13 14.36 25.51
N ILE C 224 20.35 13.14 26.01
CA ILE C 224 19.45 12.60 27.04
C ILE C 224 19.51 13.45 28.30
N LEU C 225 20.70 13.90 28.69
CA LEU C 225 20.83 14.74 29.88
C LEU C 225 20.12 16.07 29.69
N LEU C 226 20.26 16.67 28.50
CA LEU C 226 19.55 17.91 28.23
C LEU C 226 18.03 17.70 28.30
N ALA C 227 17.55 16.59 27.74
CA ALA C 227 16.13 16.28 27.84
C ALA C 227 15.71 16.11 29.30
N CYS C 228 16.53 15.43 30.10
CA CYS C 228 16.21 15.24 31.51
C CYS C 228 16.06 16.58 32.22
N ILE C 229 17.04 17.47 32.04
CA ILE C 229 16.99 18.74 32.76
C ILE C 229 15.83 19.59 32.27
N TYR C 230 15.58 19.58 30.95
CA TYR C 230 14.46 20.37 30.42
C TYR C 230 13.13 19.86 30.96
N LEU C 231 12.92 18.54 30.97
CA LEU C 231 11.68 17.99 31.48
C LEU C 231 11.53 18.25 32.97
N GLY C 232 12.61 18.16 33.74
CA GLY C 232 12.53 18.49 35.14
C GLY C 232 12.13 19.93 35.37
N TYR C 233 12.75 20.85 34.62
CA TYR C 233 12.39 22.26 34.76
C TYR C 233 10.94 22.49 34.39
N TYR C 234 10.46 21.86 33.31
CA TYR C 234 9.08 22.05 32.91
C TYR C 234 8.12 21.52 33.97
N PHE C 235 8.40 20.33 34.49
CA PHE C 235 7.55 19.77 35.53
C PHE C 235 7.51 20.67 36.76
N SER C 236 8.65 21.26 37.11
CA SER C 236 8.66 22.23 38.20
C SER C 236 7.80 23.44 37.86
N LEU C 237 7.90 23.94 36.63
CA LEU C 237 7.13 25.09 36.22
C LEU C 237 5.64 24.76 36.08
N SER C 238 5.33 23.68 35.36
CA SER C 238 3.95 23.35 35.01
C SER C 238 3.22 22.73 36.20
N SER C 239 3.19 23.49 37.29
CA SER C 239 2.45 23.08 38.49
C SER C 239 1.66 24.20 39.14
N LEU C 240 1.92 25.46 38.80
CA LEU C 240 1.32 26.59 39.49
C LEU C 240 0.84 27.73 38.59
N SER C 241 1.25 27.79 37.32
CA SER C 241 1.09 28.99 36.50
C SER C 241 0.47 28.66 35.15
N ASP C 242 -0.61 27.88 35.17
CA ASP C 242 -1.41 27.68 33.96
C ASP C 242 -2.44 28.76 33.75
N GLU C 243 -2.63 29.65 34.72
CA GLU C 243 -3.64 30.69 34.63
C GLU C 243 -3.11 31.86 33.80
N PHE C 244 -3.89 32.94 33.75
CA PHE C 244 -3.57 34.09 32.91
C PHE C 244 -4.20 35.33 33.53
N VAL C 245 -3.73 36.48 33.08
CA VAL C 245 -4.53 37.70 33.10
C VAL C 245 -4.21 38.44 31.82
N CYS C 246 -5.13 38.37 30.85
CA CYS C 246 -4.91 38.86 29.50
C CYS C 246 -5.73 40.12 29.28
N SER C 247 -5.07 41.16 28.77
CA SER C 247 -5.72 42.41 28.42
C SER C 247 -5.81 42.54 26.91
N ILE C 248 -6.93 43.09 26.43
CA ILE C 248 -7.24 43.12 25.01
C ILE C 248 -7.26 44.53 24.46
N LYS C 249 -6.86 45.53 25.25
CA LYS C 249 -6.94 46.94 24.84
C LYS C 249 -5.59 47.37 24.25
N SER C 250 -5.28 46.79 23.09
CA SER C 250 -3.94 46.98 22.50
C SER C 250 -3.82 48.25 21.65
N GLY C 251 -4.54 48.30 20.53
CA GLY C 251 -4.27 49.34 19.53
C GLY C 251 -5.22 50.52 19.51
N ILE C 252 -6.52 50.26 19.42
CA ILE C 252 -7.52 51.32 19.38
C ILE C 252 -8.54 51.18 20.49
N LEU C 253 -8.67 50.00 21.10
CA LEU C 253 -9.59 49.79 22.21
C LEU C 253 -9.04 50.37 23.51
N ARG C 254 -7.87 51.00 23.48
CA ARG C 254 -7.25 51.52 24.69
C ARG C 254 -8.17 52.51 25.40
N ASN C 255 -8.96 53.28 24.66
CA ASN C 255 -9.90 54.22 25.25
C ASN C 255 -11.34 53.76 25.13
N ASP C 256 -11.58 52.51 24.71
CA ASP C 256 -12.93 51.99 24.64
C ASP C 256 -13.51 51.81 26.04
N SER C 257 -14.83 51.76 26.11
CA SER C 257 -15.54 51.61 27.38
C SER C 257 -16.23 50.27 27.53
N THR C 258 -16.83 49.74 26.46
CA THR C 258 -17.54 48.48 26.56
C THR C 258 -16.60 47.35 26.93
N VAL C 259 -15.43 47.29 26.30
CA VAL C 259 -14.49 46.20 26.55
C VAL C 259 -13.96 46.31 27.98
N PRO C 260 -13.88 45.21 28.73
CA PRO C 260 -13.29 45.28 30.07
C PRO C 260 -11.76 45.22 30.00
N ASP C 261 -11.14 45.30 31.17
CA ASP C 261 -9.68 45.37 31.23
C ASP C 261 -9.04 43.98 31.14
N GLN C 262 -9.35 43.11 32.09
CA GLN C 262 -8.66 41.84 32.24
C GLN C 262 -9.61 40.66 31.98
N PHE C 263 -9.12 39.70 31.21
CA PHE C 263 -9.82 38.44 30.97
C PHE C 263 -9.03 37.32 31.64
N GLN C 264 -9.63 36.66 32.62
CA GLN C 264 -8.95 35.60 33.37
C GLN C 264 -8.92 34.35 32.52
N CYS C 265 -8.01 34.33 31.55
CA CYS C 265 -7.85 33.17 30.69
C CYS C 265 -7.15 32.05 31.45
N LYS C 266 -7.10 30.87 30.83
CA LYS C 266 -6.47 29.71 31.44
C LYS C 266 -6.15 28.69 30.36
N LEU C 267 -4.88 28.27 30.30
CA LEU C 267 -4.51 27.15 29.44
C LEU C 267 -5.13 25.87 29.97
N ILE C 268 -5.43 24.95 29.05
CA ILE C 268 -6.21 23.77 29.38
C ILE C 268 -5.39 22.48 29.26
N ALA C 269 -4.37 22.44 28.42
CA ALA C 269 -3.61 21.22 28.16
C ALA C 269 -2.31 21.18 28.95
N VAL C 270 -2.29 21.77 30.14
CA VAL C 270 -1.10 21.77 30.96
C VAL C 270 -0.95 20.48 31.77
N GLY C 271 -2.05 19.91 32.24
CA GLY C 271 -1.95 18.69 33.03
C GLY C 271 -1.45 17.50 32.23
N ILE C 272 -1.97 17.32 31.01
CA ILE C 272 -1.51 16.23 30.16
C ILE C 272 -0.02 16.41 29.86
N PHE C 273 0.39 17.63 29.54
CA PHE C 273 1.81 17.88 29.27
C PHE C 273 2.64 17.58 30.51
N GLN C 274 2.16 17.94 31.69
CA GLN C 274 2.89 17.66 32.92
C GLN C 274 3.07 16.16 33.13
N LEU C 275 2.01 15.38 32.93
CA LEU C 275 2.11 13.94 33.08
C LEU C 275 3.09 13.34 32.07
N LEU C 276 3.00 13.77 30.82
CA LEU C 276 3.92 13.26 29.81
C LEU C 276 5.36 13.61 30.17
N SER C 277 5.58 14.84 30.65
CA SER C 277 6.93 15.26 31.01
C SER C 277 7.47 14.41 32.16
N VAL C 278 6.66 14.14 33.18
CA VAL C 278 7.16 13.37 34.31
C VAL C 278 7.45 11.94 33.88
N ILE C 279 6.60 11.36 33.03
CA ILE C 279 6.84 10.00 32.54
C ILE C 279 8.16 9.95 31.78
N ASN C 280 8.36 10.90 30.87
CA ASN C 280 9.60 10.91 30.09
C ASN C 280 10.81 11.14 31.00
N LEU C 281 10.68 12.01 31.99
CA LEU C 281 11.79 12.27 32.90
C LEU C 281 12.19 11.01 33.65
N VAL C 282 11.21 10.29 34.20
CA VAL C 282 11.55 9.08 34.95
C VAL C 282 12.14 8.02 34.02
N VAL C 283 11.60 7.90 32.81
CA VAL C 283 12.12 6.90 31.87
C VAL C 283 13.56 7.22 31.51
N TYR C 284 13.86 8.49 31.22
CA TYR C 284 15.24 8.85 30.88
C TYR C 284 16.17 8.73 32.07
N VAL C 285 15.68 9.01 33.28
CA VAL C 285 16.51 8.81 34.47
C VAL C 285 16.88 7.34 34.61
N LEU C 286 15.93 6.44 34.38
CA LEU C 286 16.23 5.02 34.44
C LEU C 286 17.17 4.60 33.30
N LEU C 287 17.00 5.19 32.11
CA LEU C 287 17.76 4.75 30.95
C LEU C 287 19.20 5.25 30.94
N ALA C 288 19.45 6.46 31.46
CA ALA C 288 20.79 7.04 31.40
C ALA C 288 21.88 6.14 31.97
N PRO C 289 21.71 5.51 33.13
CA PRO C 289 22.77 4.63 33.63
C PRO C 289 23.11 3.50 32.67
N VAL C 290 22.15 3.02 31.88
CA VAL C 290 22.45 1.99 30.89
C VAL C 290 23.44 2.54 29.87
N VAL C 291 23.21 3.76 29.38
CA VAL C 291 24.13 4.38 28.44
C VAL C 291 25.49 4.58 29.09
N VAL C 292 25.51 5.03 30.34
CA VAL C 292 26.78 5.24 31.03
C VAL C 292 27.56 3.94 31.10
N TYR C 293 26.88 2.84 31.46
CA TYR C 293 27.54 1.55 31.55
C TYR C 293 28.08 1.12 30.19
N THR C 294 27.24 1.14 29.15
CA THR C 294 27.66 0.64 27.85
C THR C 294 28.76 1.52 27.25
N LEU C 295 28.93 2.74 27.74
CA LEU C 295 30.01 3.58 27.25
C LEU C 295 31.37 2.89 27.42
N PHE C 296 31.52 2.10 28.49
CA PHE C 296 32.80 1.44 28.78
C PHE C 296 33.03 0.28 27.83
N VAL C 297 33.70 0.54 26.71
CA VAL C 297 33.95 -0.53 25.73
C VAL C 297 34.79 -1.65 26.30
N PRO C 298 35.97 -1.40 26.89
CA PRO C 298 36.80 -2.52 27.35
C PRO C 298 36.14 -3.36 28.43
N PHE C 299 35.33 -2.75 29.30
CA PHE C 299 34.65 -3.51 30.34
C PHE C 299 33.62 -4.46 29.76
N ARG C 300 32.91 -4.03 28.70
CA ARG C 300 31.85 -4.85 28.15
C ARG C 300 32.32 -6.21 27.68
N GLN C 301 33.60 -6.34 27.33
CA GLN C 301 34.12 -7.64 26.91
C GLN C 301 34.21 -8.57 28.12
N LYS C 302 33.23 -9.46 28.24
CA LYS C 302 33.19 -10.43 29.34
C LYS C 302 33.58 -11.83 28.90
N THR C 303 33.42 -12.14 27.61
CA THR C 303 33.72 -13.46 27.07
C THR C 303 34.73 -13.34 25.95
N ASP C 304 35.67 -14.28 25.89
CA ASP C 304 36.70 -14.31 24.86
C ASP C 304 36.33 -15.40 23.85
N VAL C 305 35.82 -14.98 22.69
CA VAL C 305 35.42 -15.94 21.67
C VAL C 305 36.64 -16.61 21.06
N LEU C 306 37.69 -15.83 20.75
CA LEU C 306 38.86 -16.37 20.09
C LEU C 306 39.57 -17.40 20.96
N LYS C 307 39.28 -17.45 22.26
CA LYS C 307 39.82 -18.51 23.10
C LYS C 307 39.43 -19.89 22.58
N VAL C 308 38.29 -19.98 21.88
CA VAL C 308 37.85 -21.26 21.35
C VAL C 308 38.53 -21.56 20.02
N TYR C 309 38.59 -20.57 19.13
CA TYR C 309 39.28 -20.77 17.87
C TYR C 309 40.78 -20.95 18.05
N GLU C 310 41.31 -20.66 19.24
CA GLU C 310 42.68 -21.04 19.56
C GLU C 310 42.86 -22.55 19.53
N ILE C 311 41.76 -23.32 19.62
CA ILE C 311 41.87 -24.77 19.63
C ILE C 311 42.55 -25.27 18.36
N LEU C 312 42.25 -24.64 17.22
CA LEU C 312 42.76 -25.13 15.96
C LEU C 312 44.29 -25.16 15.98
N PRO C 313 44.92 -26.28 15.60
CA PRO C 313 46.40 -26.30 15.57
C PRO C 313 46.99 -25.25 14.64
N THR C 314 46.31 -24.93 13.54
CA THR C 314 46.81 -23.94 12.60
C THR C 314 46.69 -22.52 13.13
N PHE C 315 45.91 -22.30 14.18
CA PHE C 315 45.73 -20.97 14.76
C PHE C 315 46.71 -20.79 15.90
N ASP C 316 47.56 -19.77 15.80
CA ASP C 316 48.51 -19.48 16.86
C ASP C 316 47.79 -19.05 18.13
N VAL C 317 48.40 -19.34 19.27
CA VAL C 317 47.79 -19.07 20.57
C VAL C 317 48.05 -17.60 20.91
N LEU C 318 47.03 -16.76 20.73
CA LEU C 318 47.10 -15.35 21.07
C LEU C 318 45.83 -14.97 21.81
N HIS C 319 45.97 -14.59 23.07
CA HIS C 319 44.84 -14.13 23.87
C HIS C 319 44.59 -12.67 23.55
N PHE C 320 43.57 -12.41 22.73
CA PHE C 320 43.27 -11.05 22.26
C PHE C 320 42.38 -10.32 23.26
N LYS C 321 42.90 -10.16 24.48
CA LYS C 321 42.22 -9.42 25.53
C LYS C 321 42.79 -8.00 25.55
N SER C 322 42.18 -7.13 24.75
CA SER C 322 42.62 -5.74 24.63
C SER C 322 42.03 -4.94 25.79
N GLU C 323 42.84 -4.68 26.80
CA GLU C 323 42.40 -3.92 27.97
C GLU C 323 42.27 -2.43 27.67
N GLY C 324 42.90 -1.93 26.61
CA GLY C 324 42.84 -0.53 26.28
C GLY C 324 41.72 -0.19 25.31
N TYR C 325 41.63 1.10 25.00
CA TYR C 325 40.62 1.62 24.08
C TYR C 325 41.17 1.51 22.66
N ASN C 326 40.94 0.36 22.03
CA ASN C 326 41.40 0.08 20.69
C ASN C 326 40.27 -0.53 19.87
N ASP C 327 40.36 -0.36 18.55
CA ASP C 327 39.34 -0.94 17.67
C ASP C 327 39.19 -2.43 17.90
N LEU C 328 40.28 -3.12 18.25
CA LEU C 328 40.19 -4.56 18.50
C LEU C 328 39.15 -4.86 19.56
N SER C 329 39.10 -4.05 20.62
CA SER C 329 38.10 -4.27 21.67
C SER C 329 36.69 -4.15 21.11
N LEU C 330 36.44 -3.10 20.31
CA LEU C 330 35.15 -2.98 19.63
C LEU C 330 34.95 -4.12 18.65
N TYR C 331 36.01 -4.50 17.92
CA TYR C 331 35.92 -5.66 17.04
C TYR C 331 35.62 -6.92 17.83
N ASN C 332 36.24 -7.07 19.01
CA ASN C 332 35.96 -8.24 19.84
C ASN C 332 34.49 -8.25 20.28
N LEU C 333 33.96 -7.10 20.67
CA LEU C 333 32.56 -7.03 21.09
C LEU C 333 31.63 -7.38 19.94
N PHE C 334 31.91 -6.88 18.75
CA PHE C 334 31.10 -7.23 17.58
C PHE C 334 31.20 -8.71 17.26
N LEU C 335 32.40 -9.28 17.36
CA LEU C 335 32.60 -10.70 17.06
C LEU C 335 31.86 -11.57 18.08
N GLU C 336 31.80 -11.12 19.34
CA GLU C 336 31.01 -11.85 20.34
C GLU C 336 29.60 -12.10 19.84
N GLU C 337 28.96 -11.07 19.30
CA GLU C 337 27.61 -11.22 18.77
C GLU C 337 27.59 -12.06 17.49
N ASN C 338 28.50 -11.76 16.56
CA ASN C 338 28.39 -12.31 15.21
C ASN C 338 28.99 -13.70 15.06
N ILE C 339 29.60 -14.26 16.11
CA ILE C 339 30.30 -15.53 15.95
C ILE C 339 29.33 -16.66 15.64
N SER C 340 28.09 -16.58 16.15
CA SER C 340 27.13 -17.66 15.90
C SER C 340 26.92 -17.88 14.42
N GLU C 341 27.13 -16.86 13.59
CA GLU C 341 26.94 -17.00 12.15
C GLU C 341 27.93 -18.02 11.57
N VAL C 342 29.19 -17.97 11.99
CA VAL C 342 30.21 -18.85 11.42
C VAL C 342 29.93 -20.28 11.84
N LYS C 343 30.12 -21.21 10.90
CA LYS C 343 29.82 -22.62 11.13
C LYS C 343 30.93 -23.37 11.85
N SER C 344 32.13 -22.80 11.94
CA SER C 344 33.24 -23.50 12.59
C SER C 344 33.19 -23.40 14.11
N TYR C 345 32.58 -22.35 14.65
CA TYR C 345 32.65 -22.12 16.09
C TYR C 345 32.03 -23.27 16.87
N LYS C 346 30.78 -23.63 16.55
CA LYS C 346 30.06 -24.58 17.36
C LYS C 346 30.76 -25.94 17.38
N CYS C 347 31.12 -26.44 16.20
CA CYS C 347 31.78 -27.75 16.13
C CYS C 347 33.12 -27.73 16.85
N LEU C 348 33.91 -26.68 16.64
CA LEU C 348 35.19 -26.57 17.33
C LEU C 348 35.00 -26.53 18.84
N LYS C 349 33.97 -25.81 19.30
CA LYS C 349 33.67 -25.77 20.73
C LYS C 349 33.37 -27.18 21.24
N VAL C 350 32.64 -27.98 20.46
CA VAL C 350 32.36 -29.35 20.88
C VAL C 350 33.64 -30.09 21.18
N LEU C 351 34.68 -29.85 20.37
CA LEU C 351 35.94 -30.56 20.56
C LEU C 351 36.53 -30.28 21.94
N GLU C 352 36.49 -29.01 22.37
CA GLU C 352 37.05 -28.67 23.68
C GLU C 352 36.31 -29.39 24.80
N ASN C 353 34.96 -29.44 24.71
CA ASN C 353 34.20 -30.18 25.71
C ASN C 353 34.55 -31.65 25.69
N ILE C 354 34.71 -32.23 24.49
CA ILE C 354 35.09 -33.64 24.39
C ILE C 354 36.43 -33.87 25.06
N LYS C 355 37.40 -32.98 24.80
CA LYS C 355 38.70 -33.10 25.45
C LYS C 355 38.59 -32.91 26.95
N SER C 356 37.78 -31.95 27.39
CA SER C 356 37.64 -31.65 28.81
C SER C 356 36.71 -32.61 29.53
N SER C 357 35.97 -33.46 28.81
CA SER C 357 35.05 -34.39 29.45
C SER C 357 35.78 -35.54 30.14
N GLY C 358 37.06 -35.72 29.88
CA GLY C 358 37.83 -36.80 30.48
C GLY C 358 38.03 -38.02 29.62
N GLN C 359 37.66 -37.96 28.34
CA GLN C 359 37.81 -39.09 27.43
C GLN C 359 39.16 -38.99 26.72
N GLY C 360 39.95 -40.06 26.81
CA GLY C 360 41.27 -40.07 26.20
C GLY C 360 41.21 -40.33 24.70
N ILE C 361 40.57 -39.42 23.97
CA ILE C 361 40.44 -39.53 22.51
C ILE C 361 41.38 -38.54 21.87
N ASP C 362 42.20 -39.02 20.94
CA ASP C 362 43.13 -38.15 20.25
C ASP C 362 42.37 -37.11 19.43
N PRO C 363 42.87 -35.88 19.32
CA PRO C 363 42.13 -34.86 18.55
C PRO C 363 41.93 -35.24 17.09
N MET C 364 42.90 -35.95 16.50
CA MET C 364 42.81 -36.27 15.09
C MET C 364 41.65 -37.21 14.80
N LEU C 365 41.44 -38.21 15.67
CA LEU C 365 40.28 -39.08 15.52
C LEU C 365 38.99 -38.29 15.62
N LEU C 366 38.96 -37.26 16.47
CA LEU C 366 37.80 -36.38 16.55
C LEU C 366 37.75 -35.43 15.35
N LEU C 367 38.91 -34.94 14.91
CA LEU C 367 38.94 -34.01 13.78
C LEU C 367 38.44 -34.69 12.50
N THR C 368 38.93 -35.89 12.22
CA THR C 368 38.42 -36.65 11.09
C THR C 368 36.94 -36.99 11.28
N ASN C 369 36.46 -37.02 12.51
CA ASN C 369 35.06 -37.25 12.81
C ASN C 369 34.21 -36.00 12.62
N LEU C 370 34.77 -34.95 12.03
CA LEU C 370 34.04 -33.72 11.75
C LEU C 370 33.95 -33.53 10.24
N GLY C 371 32.72 -33.42 9.74
CA GLY C 371 32.53 -33.26 8.32
C GLY C 371 33.00 -31.90 7.82
N MET C 372 33.33 -31.85 6.55
CA MET C 372 33.80 -30.60 5.94
C MET C 372 32.65 -29.61 5.82
N ILE C 373 32.91 -28.37 6.19
CA ILE C 373 31.91 -27.31 6.15
C ILE C 373 31.84 -26.73 4.74
N LYS C 374 30.65 -26.73 4.16
CA LYS C 374 30.46 -26.17 2.83
C LYS C 374 30.43 -24.65 2.90
N MET C 375 31.25 -24.01 2.07
CA MET C 375 31.31 -22.56 2.01
C MET C 375 30.41 -22.07 0.89
N ASP C 376 29.42 -21.25 1.23
CA ASP C 376 28.48 -20.73 0.26
C ASP C 376 28.80 -19.28 -0.10
N ALA D 2 -6.49 6.82 17.16
CA ALA D 2 -5.24 7.58 16.86
C ALA D 2 -4.02 6.76 17.24
N ILE D 3 -3.64 6.81 18.52
CA ILE D 3 -2.54 5.96 18.99
C ILE D 3 -2.97 4.50 18.98
N ALA D 4 -4.19 4.23 19.45
CA ALA D 4 -4.68 2.85 19.47
C ALA D 4 -4.79 2.28 18.06
N GLN D 5 -5.30 3.08 17.12
CA GLN D 5 -5.34 2.64 15.73
C GLN D 5 -3.93 2.45 15.19
N LEU D 6 -3.02 3.38 15.50
CA LEU D 6 -1.63 3.21 15.07
C LEU D 6 -0.97 2.04 15.79
N ALA D 7 -1.14 1.97 17.12
CA ALA D 7 -0.47 0.95 17.89
C ALA D 7 -0.94 -0.45 17.49
N THR D 8 -2.24 -0.62 17.29
CA THR D 8 -2.75 -1.94 16.90
C THR D 8 -2.23 -2.34 15.53
N GLU D 9 -2.14 -1.39 14.60
CA GLU D 9 -1.55 -1.69 13.29
C GLU D 9 -0.09 -2.14 13.46
N TYR D 10 0.66 -1.45 14.31
CA TYR D 10 2.06 -1.79 14.50
C TYR D 10 2.21 -3.15 15.17
N VAL D 11 1.63 -3.30 16.37
CA VAL D 11 1.82 -4.52 17.15
C VAL D 11 1.35 -5.73 16.36
N PHE D 12 0.16 -5.64 15.75
CA PHE D 12 -0.33 -6.75 14.94
C PHE D 12 0.58 -6.99 13.74
N SER D 13 1.08 -5.91 13.11
CA SER D 13 1.95 -6.07 11.96
C SER D 13 3.23 -6.79 12.33
N ASP D 14 3.83 -6.44 13.48
CA ASP D 14 5.00 -7.18 13.95
C ASP D 14 4.62 -8.63 14.26
N PHE D 15 3.38 -8.86 14.70
CA PHE D 15 2.94 -10.21 15.00
C PHE D 15 2.93 -11.07 13.74
N LEU D 16 2.40 -10.53 12.65
CA LEU D 16 2.24 -11.33 11.43
C LEU D 16 3.57 -11.85 10.91
N LEU D 17 4.64 -11.06 11.06
CA LEU D 17 5.95 -11.50 10.60
C LEU D 17 6.39 -12.77 11.33
N LYS D 18 6.03 -12.90 12.60
CA LYS D 18 6.48 -14.04 13.39
C LYS D 18 5.88 -15.35 12.89
N GLU D 19 4.66 -15.30 12.36
CA GLU D 19 3.96 -16.53 11.99
C GLU D 19 4.73 -17.37 10.99
N PRO D 20 5.19 -16.84 9.84
CA PRO D 20 5.93 -17.64 8.87
C PRO D 20 7.11 -18.40 9.49
N ARG D 29 9.32 -22.22 15.33
CA ARG D 29 10.54 -22.08 16.13
C ARG D 29 10.69 -20.67 16.66
N LEU D 30 11.53 -20.52 17.69
CA LEU D 30 11.77 -19.25 18.38
C LEU D 30 10.55 -18.78 19.15
N GLU D 31 9.56 -19.64 19.31
CA GLU D 31 8.35 -19.33 20.07
C GLU D 31 7.78 -20.63 20.62
N LEU D 32 6.61 -20.55 21.25
CA LEU D 32 5.94 -21.71 21.80
C LEU D 32 4.45 -21.60 21.51
N ALA D 33 3.79 -22.75 21.49
CA ALA D 33 2.35 -22.78 21.23
C ALA D 33 1.58 -22.03 22.31
N VAL D 34 1.97 -22.21 23.57
CA VAL D 34 1.22 -21.62 24.67
C VAL D 34 1.64 -20.17 24.89
N ASP D 35 2.94 -19.91 24.93
CA ASP D 35 3.41 -18.56 25.23
C ASP D 35 2.96 -17.56 24.18
N LYS D 36 2.98 -17.97 22.91
CA LYS D 36 2.63 -17.04 21.83
C LYS D 36 1.18 -16.60 21.95
N MET D 37 0.28 -17.51 22.28
CA MET D 37 -1.12 -17.16 22.47
C MET D 37 -1.28 -16.17 23.63
N VAL D 38 -0.53 -16.38 24.71
CA VAL D 38 -0.61 -15.49 25.86
C VAL D 38 -0.17 -14.08 25.47
N THR D 39 1.00 -13.97 24.85
CA THR D 39 1.49 -12.66 24.45
C THR D 39 0.69 -12.05 23.33
N CYS D 40 -0.13 -12.84 22.64
CA CYS D 40 -1.07 -12.28 21.66
C CYS D 40 -2.29 -11.69 22.37
N ILE D 41 -2.94 -12.48 23.21
CA ILE D 41 -4.18 -12.04 23.85
C ILE D 41 -3.91 -10.85 24.76
N ALA D 42 -2.91 -10.97 25.63
CA ALA D 42 -2.70 -9.97 26.66
C ALA D 42 -2.35 -8.60 26.10
N VAL D 43 -1.88 -8.53 24.85
CA VAL D 43 -1.55 -7.27 24.21
C VAL D 43 -2.53 -6.89 23.11
N GLY D 44 -3.41 -7.80 22.69
CA GLY D 44 -4.40 -7.47 21.69
C GLY D 44 -5.71 -7.00 22.29
N LEU D 45 -6.09 -7.58 23.43
CA LEU D 45 -7.37 -7.18 24.03
C LEU D 45 -7.39 -5.71 24.41
N PRO D 46 -6.45 -5.19 25.19
CA PRO D 46 -6.53 -3.76 25.56
C PRO D 46 -6.52 -2.83 24.37
N LEU D 47 -5.71 -3.14 23.35
CA LEU D 47 -5.64 -2.27 22.17
C LEU D 47 -7.00 -2.21 21.48
N LEU D 48 -7.62 -3.36 21.26
CA LEU D 48 -8.93 -3.39 20.62
C LEU D 48 -9.96 -2.65 21.46
N LEU D 49 -9.93 -2.85 22.77
CA LEU D 49 -10.91 -2.20 23.63
C LEU D 49 -10.78 -0.68 23.58
N ILE D 50 -9.56 -0.16 23.66
CA ILE D 50 -9.41 1.30 23.66
C ILE D 50 -9.69 1.86 22.27
N SER D 51 -9.36 1.14 21.20
CA SER D 51 -9.73 1.60 19.87
C SER D 51 -11.25 1.68 19.72
N LEU D 52 -11.95 0.68 20.24
CA LEU D 52 -13.40 0.72 20.19
C LEU D 52 -13.96 1.83 21.08
N ALA D 53 -13.27 2.15 22.18
CA ALA D 53 -13.68 3.30 22.98
C ALA D 53 -13.55 4.59 22.19
N PHE D 54 -12.46 4.73 21.42
CA PHE D 54 -12.32 5.92 20.57
C PHE D 54 -13.41 5.97 19.51
N ALA D 55 -13.75 4.82 18.92
CA ALA D 55 -14.85 4.79 17.97
C ALA D 55 -16.16 5.17 18.64
N GLN D 56 -16.36 4.74 19.89
CA GLN D 56 -17.53 5.14 20.66
C GLN D 56 -17.57 6.64 20.84
N GLU D 57 -16.43 7.25 21.15
CA GLU D 57 -16.37 8.71 21.26
C GLU D 57 -16.68 9.38 19.92
N ILE D 58 -16.27 8.76 18.81
CA ILE D 58 -16.68 9.26 17.49
C ILE D 58 -18.20 9.26 17.40
N SER D 59 -18.83 8.14 17.75
CA SER D 59 -20.29 8.05 17.66
C SER D 59 -20.96 9.09 18.55
N ILE D 60 -20.79 8.97 19.86
CA ILE D 60 -21.18 9.98 20.82
C ILE D 60 -20.21 9.90 21.99
N GLY D 61 -19.64 11.04 22.37
CA GLY D 61 -18.76 11.06 23.52
C GLY D 61 -18.14 12.42 23.82
N THR D 62 -18.20 12.80 25.09
CA THR D 62 -17.47 13.96 25.60
C THR D 62 -17.16 13.66 27.05
N GLN D 63 -15.88 13.75 27.41
CA GLN D 63 -15.45 13.28 28.74
C GLN D 63 -16.22 13.99 29.85
N ILE D 64 -16.34 15.31 29.77
CA ILE D 64 -16.89 16.11 30.85
C ILE D 64 -17.98 17.02 30.30
N SER D 65 -18.89 17.40 31.19
CA SER D 65 -19.97 18.33 30.84
C SER D 65 -20.49 18.95 32.12
N CYS D 66 -20.36 20.27 32.25
CA CYS D 66 -20.77 20.99 33.44
C CYS D 66 -22.07 21.76 33.18
N PHE D 67 -22.88 21.90 34.23
CA PHE D 67 -24.18 22.56 34.14
C PHE D 67 -24.03 24.00 34.60
N SER D 68 -23.99 24.92 33.64
CA SER D 68 -23.89 26.34 33.95
C SER D 68 -25.28 26.99 33.86
N PRO D 69 -25.54 28.01 34.68
CA PRO D 69 -26.88 28.62 34.68
C PRO D 69 -27.23 29.21 33.32
N SER D 70 -28.51 29.58 33.19
CA SER D 70 -29.03 30.03 31.90
C SER D 70 -28.51 31.41 31.50
N SER D 71 -28.08 32.22 32.47
CA SER D 71 -27.58 33.55 32.13
C SER D 71 -26.32 33.46 31.27
N PHE D 72 -25.48 32.46 31.54
CA PHE D 72 -24.24 32.30 30.79
C PHE D 72 -24.53 32.13 29.31
N SER D 73 -23.70 32.75 28.47
CA SER D 73 -23.79 32.58 27.03
C SER D 73 -23.09 31.28 26.64
N TRP D 74 -22.91 31.05 25.34
CA TRP D 74 -22.29 29.82 24.88
C TRP D 74 -20.82 29.75 25.28
N ARG D 75 -20.09 30.85 25.10
CA ARG D 75 -18.65 30.83 25.33
C ARG D 75 -18.32 30.77 26.82
N GLN D 76 -19.09 31.45 27.66
CA GLN D 76 -18.86 31.35 29.09
C GLN D 76 -19.07 29.91 29.58
N ALA D 77 -20.13 29.26 29.10
CA ALA D 77 -20.37 27.87 29.47
C ALA D 77 -19.26 26.96 28.95
N ALA D 78 -18.79 27.20 27.73
CA ALA D 78 -17.68 26.42 27.20
C ALA D 78 -16.43 26.59 28.06
N PHE D 79 -16.16 27.83 28.50
CA PHE D 79 -15.02 28.05 29.38
C PHE D 79 -15.19 27.34 30.71
N VAL D 80 -16.40 27.36 31.27
CA VAL D 80 -16.62 26.65 32.53
C VAL D 80 -16.33 25.16 32.35
N ASP D 81 -16.86 24.59 31.27
CA ASP D 81 -16.60 23.18 30.98
C ASP D 81 -15.10 22.92 30.88
N SER D 82 -14.40 23.73 30.09
CA SER D 82 -12.97 23.51 29.90
C SER D 82 -12.22 23.64 31.22
N TYR D 83 -12.47 24.71 31.96
CA TYR D 83 -11.80 24.93 33.24
C TYR D 83 -11.98 23.73 34.16
N CYS D 84 -13.23 23.29 34.34
CA CYS D 84 -13.47 22.13 35.18
C CYS D 84 -12.84 20.87 34.60
N TRP D 85 -12.56 20.85 33.29
CA TRP D 85 -11.86 19.70 32.72
C TRP D 85 -10.40 19.66 33.18
N ALA D 86 -9.77 20.82 33.32
CA ALA D 86 -8.36 20.89 33.71
C ALA D 86 -8.18 21.14 35.21
N ALA D 87 -9.24 21.41 35.95
CA ALA D 87 -9.16 21.57 37.39
C ALA D 87 -9.29 20.24 38.13
N VAL D 88 -9.44 19.14 37.41
CA VAL D 88 -9.50 17.83 38.05
C VAL D 88 -8.16 17.50 38.70
N GLN D 89 -7.06 17.92 38.09
CA GLN D 89 -5.74 17.51 38.55
C GLN D 89 -5.40 18.04 39.94
N GLN D 90 -5.88 19.22 40.30
CA GLN D 90 -5.49 19.82 41.58
C GLN D 90 -6.28 19.22 42.74
N LYS D 91 -7.59 19.45 42.77
CA LYS D 91 -8.49 18.73 43.67
C LYS D 91 -9.89 19.28 43.46
N ASN D 92 -10.89 18.49 43.87
CA ASN D 92 -12.29 18.89 43.76
C ASN D 92 -13.11 18.02 44.70
N SER D 93 -14.16 18.63 45.27
CA SER D 93 -14.99 17.97 46.26
C SER D 93 -16.22 17.35 45.60
N LEU D 94 -16.78 16.35 46.27
CA LEU D 94 -18.00 15.67 45.86
C LEU D 94 -19.00 15.77 46.99
N GLN D 95 -20.24 16.14 46.68
CA GLN D 95 -21.28 16.25 47.70
C GLN D 95 -21.96 14.91 47.96
N SER D 96 -21.16 13.85 48.06
CA SER D 96 -21.63 12.59 48.61
C SER D 96 -20.56 11.85 49.41
N GLU D 97 -19.36 12.42 49.56
CA GLU D 97 -18.22 11.70 50.13
C GLU D 97 -17.46 12.68 51.02
N SER D 98 -16.23 12.32 51.36
CA SER D 98 -15.36 13.18 52.16
C SER D 98 -14.78 14.28 51.26
N GLY D 99 -13.81 15.00 51.80
CA GLY D 99 -13.22 16.16 51.12
C GLY D 99 -12.90 15.95 49.65
N ASN D 100 -12.05 14.97 49.34
CA ASN D 100 -11.54 14.80 47.99
C ASN D 100 -11.55 13.33 47.61
N LEU D 101 -11.02 13.03 46.42
CA LEU D 101 -10.93 11.68 45.88
C LEU D 101 -10.03 11.71 44.65
N PRO D 102 -9.30 10.63 44.34
CA PRO D 102 -8.46 10.62 43.12
C PRO D 102 -9.33 10.48 41.88
N LEU D 103 -9.47 11.58 41.14
CA LEU D 103 -10.33 11.63 39.96
C LEU D 103 -9.57 11.63 38.64
N TRP D 104 -8.31 12.04 38.62
CA TRP D 104 -7.60 12.12 37.35
C TRP D 104 -7.41 10.78 36.69
N LEU D 105 -7.62 9.67 37.41
CA LEU D 105 -7.61 8.36 36.77
C LEU D 105 -8.66 8.29 35.67
N HIS D 106 -9.79 8.97 35.84
CA HIS D 106 -10.81 8.98 34.80
C HIS D 106 -10.28 9.62 33.53
N LYS D 107 -9.46 10.65 33.65
CA LYS D 107 -8.87 11.28 32.48
C LYS D 107 -7.89 10.34 31.78
N PHE D 108 -7.11 9.59 32.56
CA PHE D 108 -5.94 8.88 32.04
C PHE D 108 -6.16 7.39 31.84
N PHE D 109 -7.37 6.88 32.05
CA PHE D 109 -7.59 5.45 31.85
C PHE D 109 -7.16 5.00 30.45
N PRO D 110 -7.47 5.73 29.37
CA PRO D 110 -6.96 5.32 28.06
C PRO D 110 -5.49 5.60 27.83
N TYR D 111 -4.78 6.15 28.83
CA TYR D 111 -3.33 6.23 28.76
C TYR D 111 -2.70 4.98 29.36
N ILE D 112 -3.23 4.57 30.53
CA ILE D 112 -2.65 3.48 31.29
C ILE D 112 -2.75 2.17 30.52
N LEU D 113 -3.83 1.99 29.75
CA LEU D 113 -3.96 0.77 28.97
C LEU D 113 -2.88 0.70 27.89
N LEU D 114 -2.57 1.83 27.25
CA LEU D 114 -1.46 1.85 26.29
C LEU D 114 -0.14 1.57 26.98
N LEU D 115 0.07 2.15 28.16
CA LEU D 115 1.30 1.86 28.90
C LEU D 115 1.42 0.38 29.21
N PHE D 116 0.31 -0.23 29.65
CA PHE D 116 0.33 -1.66 29.95
C PHE D 116 0.59 -2.49 28.70
N ALA D 117 0.02 -2.09 27.57
CA ALA D 117 0.29 -2.81 26.32
C ALA D 117 1.77 -2.75 25.97
N ILE D 118 2.38 -1.57 26.08
CA ILE D 118 3.80 -1.43 25.77
C ILE D 118 4.63 -2.31 26.70
N LEU D 119 4.34 -2.25 28.00
CA LEU D 119 5.10 -3.03 28.96
C LEU D 119 4.93 -4.52 28.70
N LEU D 120 3.73 -4.95 28.35
CA LEU D 120 3.50 -6.37 28.10
C LEU D 120 4.22 -6.84 26.85
N TYR D 121 4.25 -6.01 25.80
CA TYR D 121 4.93 -6.42 24.58
C TYR D 121 6.45 -6.29 24.67
N LEU D 122 6.96 -5.57 25.66
CA LEU D 122 8.41 -5.47 25.80
C LEU D 122 9.09 -6.81 25.97
N PRO D 123 8.69 -7.68 26.91
CA PRO D 123 9.45 -8.91 27.17
C PRO D 123 9.58 -9.79 25.94
N PRO D 124 8.52 -9.93 25.13
CA PRO D 124 8.69 -10.68 23.87
C PRO D 124 9.76 -10.09 22.97
N LEU D 125 9.83 -8.75 22.88
CA LEU D 125 10.86 -8.13 22.06
C LEU D 125 12.24 -8.40 22.63
N PHE D 126 12.38 -8.34 23.95
CA PHE D 126 13.67 -8.64 24.57
C PHE D 126 14.07 -10.07 24.29
N TRP D 127 13.13 -11.01 24.39
CA TRP D 127 13.43 -12.41 24.10
C TRP D 127 13.87 -12.58 22.65
N ARG D 128 13.20 -11.89 21.73
CA ARG D 128 13.58 -11.99 20.33
C ARG D 128 14.95 -11.37 20.07
N PHE D 129 15.33 -10.35 20.84
CA PHE D 129 16.61 -9.67 20.68
C PHE D 129 17.71 -10.26 21.54
N ALA D 130 17.41 -11.27 22.36
CA ALA D 130 18.41 -11.87 23.24
C ALA D 130 18.45 -13.39 23.21
N ALA D 131 17.39 -14.05 22.75
CA ALA D 131 17.35 -15.51 22.79
C ALA D 131 16.78 -16.12 21.51
N ALA D 132 16.68 -15.37 20.42
CA ALA D 132 16.29 -15.91 19.13
C ALA D 132 17.47 -16.55 18.38
N PRO D 133 18.58 -15.81 18.18
CA PRO D 133 19.62 -16.31 17.26
C PRO D 133 20.35 -17.54 17.78
N HIS D 134 20.71 -17.54 19.06
CA HIS D 134 21.43 -18.67 19.63
C HIS D 134 20.60 -19.94 19.52
N ILE D 135 19.32 -19.86 19.87
CA ILE D 135 18.46 -21.03 19.80
C ILE D 135 18.28 -21.47 18.35
N CYS D 136 18.14 -20.51 17.44
CA CYS D 136 18.02 -20.87 16.02
C CYS D 136 19.23 -21.67 15.56
N SER D 137 20.42 -21.17 15.85
CA SER D 137 21.64 -21.86 15.44
C SER D 137 21.73 -23.24 16.10
N ASP D 138 21.37 -23.32 17.38
CA ASP D 138 21.46 -24.59 18.09
C ASP D 138 20.53 -25.63 17.47
N LEU D 139 19.27 -25.26 17.22
CA LEU D 139 18.35 -26.21 16.61
C LEU D 139 18.81 -26.61 15.22
N LYS D 140 19.30 -25.65 14.43
CA LYS D 140 19.82 -25.99 13.11
C LYS D 140 20.92 -27.04 13.23
N PHE D 141 21.87 -26.82 14.15
CA PHE D 141 22.98 -27.74 14.30
C PHE D 141 22.50 -29.12 14.73
N ILE D 142 21.59 -29.17 15.71
CA ILE D 142 21.11 -30.47 16.19
C ILE D 142 20.40 -31.22 15.08
N MET D 143 19.54 -30.54 14.33
CA MET D 143 18.80 -31.22 13.27
C MET D 143 19.73 -31.69 12.16
N GLU D 144 20.73 -30.88 11.81
CA GLU D 144 21.68 -31.31 10.79
C GLU D 144 22.47 -32.52 11.25
N GLU D 145 22.91 -32.51 12.51
CA GLU D 145 23.64 -33.66 13.04
C GLU D 145 22.77 -34.92 13.05
N LEU D 146 21.49 -34.77 13.43
CA LEU D 146 20.59 -35.92 13.44
C LEU D 146 20.37 -36.45 12.03
N ASP D 147 20.22 -35.55 11.05
CA ASP D 147 20.07 -35.99 9.67
C ASP D 147 21.33 -36.72 9.19
N LYS D 148 22.50 -36.22 9.55
CA LYS D 148 23.74 -36.88 9.14
C LYS D 148 23.86 -38.26 9.77
N VAL D 149 23.61 -38.37 11.08
CA VAL D 149 23.75 -39.67 11.73
C VAL D 149 22.72 -40.65 11.16
N TYR D 150 21.51 -40.19 10.84
CA TYR D 150 20.54 -41.06 10.19
C TYR D 150 21.07 -41.58 8.87
N ASN D 151 21.68 -40.69 8.07
CA ASN D 151 22.27 -41.12 6.81
C ASN D 151 23.41 -42.11 7.03
N ARG D 152 24.23 -41.86 8.05
CA ARG D 152 25.33 -42.79 8.34
C ARG D 152 24.80 -44.17 8.70
N ALA D 153 23.66 -44.22 9.41
CA ALA D 153 23.10 -45.51 9.79
C ALA D 153 22.75 -46.34 8.57
N ILE D 154 22.14 -45.72 7.56
CA ILE D 154 21.78 -46.45 6.35
C ILE D 154 23.04 -46.97 5.65
N LYS D 155 24.07 -46.13 5.55
CA LYS D 155 25.30 -46.56 4.87
C LYS D 155 25.91 -47.77 5.55
N ALA D 156 25.98 -47.75 6.89
CA ALA D 156 26.51 -48.91 7.61
C ALA D 156 25.61 -50.13 7.41
N ALA D 157 24.30 -49.93 7.45
CA ALA D 157 23.37 -51.04 7.25
C ALA D 157 23.47 -51.59 5.84
N LYS D 158 23.44 -50.71 4.83
CA LYS D 158 23.52 -51.17 3.44
C LYS D 158 24.86 -51.83 3.16
N SER D 159 25.95 -51.24 3.66
CA SER D 159 27.27 -51.82 3.44
C SER D 159 27.37 -53.21 4.05
N ALA D 160 26.76 -53.41 5.23
CA ALA D 160 26.79 -54.73 5.85
C ALA D 160 26.12 -55.78 4.96
N ARG D 161 24.99 -55.41 4.34
CA ARG D 161 24.33 -56.34 3.43
C ARG D 161 25.22 -56.66 2.24
N ASP D 162 25.91 -55.65 1.70
CA ASP D 162 26.77 -55.87 0.53
C ASP D 162 27.84 -56.91 0.84
N LEU D 163 28.48 -56.82 2.01
CA LEU D 163 29.45 -57.83 2.39
C LEU D 163 28.80 -59.20 2.51
N ASP D 164 27.59 -59.26 3.08
CA ASP D 164 26.90 -60.53 3.22
C ASP D 164 26.63 -61.17 1.86
N MET D 165 26.18 -60.37 0.90
CA MET D 165 25.86 -60.87 -0.43
C MET D 165 27.10 -61.41 -1.13
N PHE D 191 32.60 -45.39 12.69
CA PHE D 191 31.65 -44.71 13.55
C PHE D 191 32.16 -43.32 13.93
N LYS D 192 31.56 -42.29 13.34
CA LYS D 192 31.94 -40.92 13.66
C LYS D 192 31.58 -40.60 15.12
N TYR D 193 32.38 -39.75 15.74
CA TYR D 193 32.20 -39.46 17.14
C TYR D 193 30.84 -38.82 17.38
N PRO D 194 30.17 -39.12 18.49
CA PRO D 194 28.89 -38.47 18.78
C PRO D 194 29.05 -36.99 19.10
N ILE D 195 29.27 -36.18 18.06
CA ILE D 195 29.48 -34.74 18.25
C ILE D 195 28.25 -34.12 18.89
N VAL D 196 27.07 -34.38 18.31
CA VAL D 196 25.85 -33.74 18.78
C VAL D 196 25.51 -34.16 20.20
N GLU D 197 25.71 -35.45 20.50
CA GLU D 197 25.33 -35.94 21.84
C GLU D 197 26.17 -35.26 22.91
N GLN D 198 27.48 -35.08 22.66
CA GLN D 198 28.30 -34.34 23.60
C GLN D 198 27.94 -32.87 23.62
N TYR D 199 27.48 -32.32 22.48
CA TYR D 199 26.96 -30.96 22.47
C TYR D 199 25.82 -30.80 23.47
N LEU D 200 24.87 -31.74 23.45
CA LEU D 200 23.78 -31.69 24.42
C LEU D 200 24.27 -31.95 25.84
N LYS D 201 25.20 -32.88 26.02
CA LYS D 201 25.76 -33.10 27.35
C LYS D 201 26.37 -31.82 27.91
N THR D 202 27.02 -31.03 27.05
CA THR D 202 27.62 -29.78 27.50
C THR D 202 26.57 -28.72 27.77
N LYS D 203 25.57 -28.61 26.88
CA LYS D 203 24.50 -27.65 27.11
C LYS D 203 23.67 -27.99 28.34
N LYS D 204 23.75 -29.23 28.82
CA LYS D 204 23.03 -29.61 30.04
C LYS D 204 23.50 -28.80 31.24
N ASN D 205 24.80 -28.48 31.30
CA ASN D 205 25.36 -27.83 32.48
C ASN D 205 25.23 -26.32 32.48
N SER D 206 24.77 -25.72 31.37
CA SER D 206 24.64 -24.28 31.28
C SER D 206 23.24 -23.84 31.75
N ASN D 207 23.18 -22.63 32.30
CA ASN D 207 21.94 -22.08 32.84
C ASN D 207 21.78 -20.62 32.43
N ASN D 208 21.99 -20.33 31.15
CA ASN D 208 21.88 -18.97 30.62
C ASN D 208 20.55 -18.73 29.91
N LEU D 209 20.26 -19.54 28.89
CA LEU D 209 19.02 -19.35 28.15
C LEU D 209 17.81 -19.62 29.02
N ILE D 210 17.91 -20.60 29.92
CA ILE D 210 16.84 -20.82 30.90
C ILE D 210 16.67 -19.58 31.75
N ILE D 211 17.77 -18.95 32.16
CA ILE D 211 17.68 -17.74 32.98
C ILE D 211 16.91 -16.67 32.22
N LYS D 212 17.27 -16.44 30.95
CA LYS D 212 16.60 -15.39 30.18
C LYS D 212 15.13 -15.72 29.98
N TYR D 213 14.81 -16.97 29.63
CA TYR D 213 13.43 -17.35 29.33
C TYR D 213 12.57 -17.38 30.58
N ILE D 214 13.16 -17.54 31.76
CA ILE D 214 12.41 -17.47 33.01
C ILE D 214 12.24 -16.02 33.44
N SER D 215 13.27 -15.19 33.24
CA SER D 215 13.16 -13.77 33.57
C SER D 215 12.08 -13.11 32.72
N CYS D 216 12.01 -13.44 31.44
CA CYS D 216 11.00 -12.83 30.57
C CYS D 216 9.60 -13.20 31.05
N ARG D 217 9.38 -14.48 31.36
CA ARG D 217 8.07 -14.91 31.84
C ARG D 217 7.73 -14.25 33.17
N LEU D 218 8.71 -14.14 34.08
CA LEU D 218 8.45 -13.50 35.36
C LEU D 218 8.10 -12.03 35.19
N LEU D 219 8.79 -11.33 34.28
CA LEU D 219 8.45 -9.94 34.00
C LEU D 219 7.03 -9.83 33.47
N THR D 220 6.66 -10.71 32.52
CA THR D 220 5.32 -10.67 31.97
C THR D 220 4.27 -10.93 33.05
N LEU D 221 4.53 -11.90 33.92
CA LEU D 221 3.59 -12.21 34.99
C LEU D 221 3.46 -11.04 35.96
N ILE D 222 4.57 -10.39 36.29
CA ILE D 222 4.52 -9.24 37.20
C ILE D 222 3.71 -8.13 36.58
N ILE D 223 3.92 -7.86 35.29
CA ILE D 223 3.15 -6.81 34.61
C ILE D 223 1.68 -7.16 34.61
N ILE D 224 1.35 -8.44 34.35
CA ILE D 224 -0.05 -8.86 34.34
C ILE D 224 -0.67 -8.67 35.70
N LEU D 225 0.05 -9.02 36.77
CA LEU D 225 -0.49 -8.85 38.11
C LEU D 225 -0.69 -7.38 38.45
N LEU D 226 0.25 -6.52 38.05
CA LEU D 226 0.07 -5.09 38.28
C LEU D 226 -1.15 -4.57 37.53
N ALA D 227 -1.33 -5.02 36.28
CA ALA D 227 -2.52 -4.62 35.54
C ALA D 227 -3.79 -5.10 36.23
N CYS D 228 -3.78 -6.33 36.73
CA CYS D 228 -4.96 -6.87 37.40
C CYS D 228 -5.31 -6.03 38.63
N ILE D 229 -4.31 -5.71 39.46
CA ILE D 229 -4.60 -4.97 40.69
C ILE D 229 -5.04 -3.55 40.34
N TYR D 230 -4.41 -2.92 39.36
CA TYR D 230 -4.80 -1.57 38.98
C TYR D 230 -6.23 -1.55 38.47
N LEU D 231 -6.59 -2.50 37.60
CA LEU D 231 -7.94 -2.54 37.05
C LEU D 231 -8.97 -2.84 38.13
N GLY D 232 -8.62 -3.72 39.08
CA GLY D 232 -9.53 -3.96 40.20
C GLY D 232 -9.76 -2.71 41.03
N TYR D 233 -8.69 -1.98 41.34
CA TYR D 233 -8.84 -0.74 42.09
C TYR D 233 -9.69 0.27 41.31
N TYR D 234 -9.46 0.36 40.00
CA TYR D 234 -10.24 1.30 39.19
C TYR D 234 -11.71 0.92 39.19
N PHE D 235 -12.02 -0.37 39.01
CA PHE D 235 -13.41 -0.80 39.02
C PHE D 235 -14.05 -0.51 40.37
N SER D 236 -13.29 -0.67 41.45
CA SER D 236 -13.79 -0.29 42.77
C SER D 236 -14.09 1.21 42.83
N LEU D 237 -13.17 2.03 42.31
CA LEU D 237 -13.35 3.47 42.36
C LEU D 237 -14.43 3.94 41.39
N SER D 238 -14.37 3.46 40.15
CA SER D 238 -15.22 3.98 39.08
C SER D 238 -16.64 3.40 39.18
N SER D 239 -17.22 3.57 40.36
CA SER D 239 -18.60 3.17 40.59
C SER D 239 -19.41 4.18 41.40
N LEU D 240 -18.77 5.16 42.04
CA LEU D 240 -19.48 6.08 42.93
C LEU D 240 -19.05 7.54 42.79
N SER D 241 -17.93 7.84 42.14
CA SER D 241 -17.34 9.17 42.21
C SER D 241 -17.05 9.72 40.82
N ASP D 242 -18.02 9.61 39.92
CA ASP D 242 -17.91 10.26 38.62
C ASP D 242 -18.47 11.68 38.63
N GLU D 243 -19.07 12.11 39.73
CA GLU D 243 -19.67 13.43 39.83
C GLU D 243 -18.58 14.47 40.15
N PHE D 244 -19.00 15.70 40.46
CA PHE D 244 -18.08 16.80 40.69
C PHE D 244 -18.79 17.85 41.52
N VAL D 245 -18.00 18.77 42.06
CA VAL D 245 -18.44 20.11 42.41
C VAL D 245 -17.27 21.03 42.08
N CYS D 246 -17.40 21.80 41.01
CA CYS D 246 -16.30 22.56 40.43
C CYS D 246 -16.52 24.04 40.68
N SER D 247 -15.49 24.71 41.19
CA SER D 247 -15.50 26.14 41.43
C SER D 247 -14.62 26.84 40.41
N ILE D 248 -15.09 27.98 39.92
CA ILE D 248 -14.45 28.70 38.82
C ILE D 248 -13.71 29.94 39.30
N LYS D 249 -14.05 30.46 40.48
CA LYS D 249 -13.53 31.76 40.94
C LYS D 249 -12.08 31.60 41.41
N SER D 250 -11.20 31.42 40.43
CA SER D 250 -9.78 31.13 40.73
C SER D 250 -8.95 32.39 40.96
N GLY D 251 -8.76 33.20 39.92
CA GLY D 251 -7.77 34.27 39.98
C GLY D 251 -8.29 35.67 40.24
N ILE D 252 -9.26 36.12 39.43
CA ILE D 252 -9.82 37.45 39.56
C ILE D 252 -11.32 37.43 39.80
N LEU D 253 -12.01 36.37 39.38
CA LEU D 253 -13.44 36.23 39.62
C LEU D 253 -13.76 35.97 41.09
N ARG D 254 -12.74 35.84 41.93
CA ARG D 254 -12.97 35.60 43.36
C ARG D 254 -13.85 36.67 43.97
N ASN D 255 -13.79 37.90 43.45
CA ASN D 255 -14.63 38.98 43.93
C ASN D 255 -15.83 39.26 43.02
N ASP D 256 -16.00 38.48 41.95
CA ASP D 256 -17.12 38.68 41.05
C ASP D 256 -18.42 38.27 41.73
N SER D 257 -19.54 38.72 41.15
CA SER D 257 -20.86 38.44 41.67
C SER D 257 -21.74 37.69 40.68
N THR D 258 -21.63 37.99 39.39
CA THR D 258 -22.47 37.29 38.40
C THR D 258 -22.17 35.80 38.38
N VAL D 259 -20.90 35.43 38.42
CA VAL D 259 -20.54 34.01 38.36
C VAL D 259 -21.04 33.31 39.62
N PRO D 260 -21.64 32.13 39.53
CA PRO D 260 -22.03 31.40 40.73
C PRO D 260 -20.85 30.63 41.31
N ASP D 261 -21.07 30.07 42.50
CA ASP D 261 -19.98 29.44 43.24
C ASP D 261 -19.64 28.07 42.68
N GLN D 262 -20.60 27.15 42.67
CA GLN D 262 -20.37 25.76 42.34
C GLN D 262 -21.12 25.35 41.09
N PHE D 263 -20.45 24.58 40.23
CA PHE D 263 -21.06 23.96 39.06
C PHE D 263 -21.04 22.45 39.26
N GLN D 264 -22.20 21.81 39.14
CA GLN D 264 -22.30 20.36 39.32
C GLN D 264 -21.93 19.68 38.02
N CYS D 265 -20.61 19.58 37.80
CA CYS D 265 -20.13 18.92 36.60
C CYS D 265 -20.17 17.41 36.81
N LYS D 266 -19.98 16.67 35.71
CA LYS D 266 -20.07 15.22 35.77
C LYS D 266 -19.31 14.60 34.62
N LEU D 267 -18.36 13.72 34.94
CA LEU D 267 -17.70 12.93 33.92
C LEU D 267 -18.69 11.99 33.25
N ILE D 268 -18.48 11.76 31.96
CA ILE D 268 -19.48 11.12 31.11
C ILE D 268 -19.02 9.73 30.66
N ALA D 269 -17.74 9.55 30.39
CA ALA D 269 -17.22 8.30 29.84
C ALA D 269 -16.71 7.37 30.94
N VAL D 270 -17.28 7.46 32.14
CA VAL D 270 -16.84 6.61 33.24
C VAL D 270 -17.41 5.21 33.13
N GLY D 271 -18.65 5.09 32.64
CA GLY D 271 -19.26 3.77 32.54
C GLY D 271 -18.54 2.87 31.53
N ILE D 272 -18.21 3.42 30.36
CA ILE D 272 -17.49 2.64 29.36
C ILE D 272 -16.14 2.21 29.90
N PHE D 273 -15.44 3.13 30.58
CA PHE D 273 -14.15 2.78 31.16
C PHE D 273 -14.31 1.68 32.20
N GLN D 274 -15.37 1.74 33.00
CA GLN D 274 -15.62 0.70 34.00
C GLN D 274 -15.84 -0.65 33.35
N LEU D 275 -16.64 -0.69 32.28
CA LEU D 275 -16.89 -1.95 31.58
C LEU D 275 -15.59 -2.50 30.98
N LEU D 276 -14.80 -1.64 30.34
CA LEU D 276 -13.54 -2.09 29.78
C LEU D 276 -12.61 -2.61 30.88
N SER D 277 -12.59 -1.92 32.02
CA SER D 277 -11.75 -2.35 33.13
C SER D 277 -12.16 -3.73 33.63
N VAL D 278 -13.46 -3.97 33.79
CA VAL D 278 -13.89 -5.27 34.30
C VAL D 278 -13.58 -6.37 33.29
N ILE D 279 -13.76 -6.08 31.99
CA ILE D 279 -13.46 -7.07 30.96
C ILE D 279 -11.98 -7.43 31.00
N ASN D 280 -11.11 -6.41 31.03
CA ASN D 280 -9.68 -6.67 31.07
C ASN D 280 -9.29 -7.42 32.34
N LEU D 281 -9.88 -7.04 33.48
CA LEU D 281 -9.56 -7.71 34.74
C LEU D 281 -9.91 -9.18 34.68
N VAL D 282 -11.11 -9.51 34.19
CA VAL D 282 -11.50 -10.92 34.15
C VAL D 282 -10.62 -11.68 33.16
N VAL D 283 -10.30 -11.08 32.02
CA VAL D 283 -9.47 -11.78 31.04
C VAL D 283 -8.09 -12.07 31.64
N TYR D 284 -7.48 -11.07 32.29
CA TYR D 284 -6.16 -11.28 32.85
C TYR D 284 -6.20 -12.25 34.03
N VAL D 285 -7.28 -12.24 34.82
CA VAL D 285 -7.39 -13.20 35.91
C VAL D 285 -7.44 -14.61 35.36
N LEU D 286 -8.19 -14.83 34.28
CA LEU D 286 -8.22 -16.16 33.66
C LEU D 286 -6.86 -16.50 33.06
N LEU D 287 -6.16 -15.52 32.51
CA LEU D 287 -4.92 -15.79 31.78
C LEU D 287 -3.74 -16.06 32.71
N ALA D 288 -3.70 -15.44 33.88
CA ALA D 288 -2.55 -15.57 34.77
C ALA D 288 -2.18 -17.01 35.09
N PRO D 289 -3.12 -17.89 35.45
CA PRO D 289 -2.73 -19.28 35.74
C PRO D 289 -2.02 -19.95 34.58
N VAL D 290 -2.36 -19.60 33.34
CA VAL D 290 -1.66 -20.16 32.20
C VAL D 290 -0.18 -19.77 32.23
N VAL D 291 0.09 -18.50 32.51
CA VAL D 291 1.48 -18.05 32.60
C VAL D 291 2.20 -18.76 33.73
N VAL D 292 1.53 -18.89 34.89
CA VAL D 292 2.15 -19.57 36.02
C VAL D 292 2.48 -21.02 35.66
N TYR D 293 1.55 -21.71 35.00
CA TYR D 293 1.78 -23.09 34.62
C TYR D 293 2.94 -23.21 33.63
N THR D 294 2.93 -22.40 32.58
CA THR D 294 3.99 -22.49 31.58
C THR D 294 5.33 -22.10 32.16
N LEU D 295 5.36 -21.30 33.23
CA LEU D 295 6.63 -20.94 33.85
C LEU D 295 7.44 -22.19 34.21
N PHE D 296 6.78 -23.26 34.62
CA PHE D 296 7.47 -24.49 35.00
C PHE D 296 7.99 -25.21 33.76
N VAL D 297 9.25 -24.95 33.41
CA VAL D 297 9.85 -25.61 32.24
C VAL D 297 9.89 -27.13 32.40
N PRO D 298 10.42 -27.69 33.49
CA PRO D 298 10.57 -29.16 33.55
C PRO D 298 9.27 -29.93 33.42
N PHE D 299 8.17 -29.41 33.97
CA PHE D 299 6.92 -30.15 33.91
C PHE D 299 6.34 -30.20 32.51
N ARG D 300 6.66 -29.20 31.67
CA ARG D 300 6.15 -29.17 30.31
C ARG D 300 6.77 -30.24 29.41
N GLN D 301 7.82 -30.92 29.87
CA GLN D 301 8.46 -31.98 29.10
C GLN D 301 7.69 -33.28 29.29
N LYS D 302 6.46 -33.28 28.77
CA LYS D 302 5.59 -34.44 28.90
C LYS D 302 6.07 -35.62 28.05
N THR D 303 6.47 -35.35 26.81
CA THR D 303 6.83 -36.39 25.86
C THR D 303 8.35 -36.42 25.67
N ASP D 304 8.91 -37.63 25.67
CA ASP D 304 10.35 -37.82 25.45
C ASP D 304 10.54 -38.09 23.96
N VAL D 305 10.82 -37.01 23.21
CA VAL D 305 10.88 -37.14 21.75
C VAL D 305 12.15 -37.86 21.32
N LEU D 306 13.26 -37.62 22.01
CA LEU D 306 14.51 -38.30 21.66
C LEU D 306 14.46 -39.80 21.91
N LYS D 307 13.44 -40.28 22.61
CA LYS D 307 13.22 -41.72 22.75
C LYS D 307 13.09 -42.39 21.38
N VAL D 308 12.67 -41.64 20.35
CA VAL D 308 12.56 -42.20 19.02
C VAL D 308 13.91 -42.28 18.34
N TYR D 309 14.71 -41.21 18.43
CA TYR D 309 16.04 -41.22 17.82
C TYR D 309 16.97 -42.17 18.56
N GLU D 310 16.60 -42.59 19.76
CA GLU D 310 17.32 -43.68 20.41
C GLU D 310 17.31 -44.95 19.56
N ILE D 311 16.32 -45.11 18.68
CA ILE D 311 16.15 -46.37 17.95
C ILE D 311 17.33 -46.62 17.02
N LEU D 312 17.83 -45.58 16.36
CA LEU D 312 18.84 -45.76 15.32
C LEU D 312 20.05 -46.52 15.91
N PRO D 313 20.57 -47.52 15.21
CA PRO D 313 21.71 -48.28 15.79
C PRO D 313 22.90 -47.41 16.10
N THR D 314 23.16 -46.39 15.28
CA THR D 314 24.32 -45.53 15.49
C THR D 314 24.12 -44.57 16.65
N PHE D 315 22.89 -44.36 17.11
CA PHE D 315 22.60 -43.45 18.21
C PHE D 315 22.69 -44.18 19.53
N ASP D 316 23.49 -43.64 20.45
CA ASP D 316 23.60 -44.22 21.78
C ASP D 316 22.30 -44.05 22.55
N VAL D 317 21.99 -45.03 23.41
CA VAL D 317 20.77 -45.02 24.19
C VAL D 317 20.97 -44.14 25.42
N LEU D 318 20.63 -42.85 25.30
CA LEU D 318 20.72 -41.90 26.39
C LEU D 318 19.35 -41.25 26.58
N HIS D 319 18.72 -41.51 27.72
CA HIS D 319 17.44 -40.90 28.05
C HIS D 319 17.69 -39.50 28.57
N PHE D 320 17.41 -38.50 27.73
CA PHE D 320 17.64 -37.10 28.10
C PHE D 320 16.39 -36.49 28.75
N LYS D 321 16.00 -37.11 29.87
CA LYS D 321 14.85 -36.63 30.65
C LYS D 321 15.39 -35.74 31.77
N SER D 322 15.79 -34.53 31.39
CA SER D 322 16.31 -33.56 32.34
C SER D 322 15.19 -33.10 33.27
N GLU D 323 15.27 -33.50 34.53
CA GLU D 323 14.28 -33.12 35.53
C GLU D 323 14.66 -31.87 36.30
N GLY D 324 15.80 -31.25 35.99
CA GLY D 324 16.22 -30.02 36.62
C GLY D 324 16.03 -28.82 35.71
N TYR D 325 16.40 -27.65 36.23
CA TYR D 325 16.31 -26.40 35.48
C TYR D 325 17.61 -26.20 34.71
N ASN D 326 17.64 -26.77 33.51
CA ASN D 326 18.81 -26.73 32.65
C ASN D 326 18.37 -26.40 31.22
N ASP D 327 19.28 -25.77 30.47
CA ASP D 327 18.96 -25.37 29.11
C ASP D 327 18.48 -26.55 28.28
N LEU D 328 18.99 -27.75 28.55
CA LEU D 328 18.53 -28.94 27.84
C LEU D 328 17.01 -29.06 27.92
N SER D 329 16.43 -28.75 29.08
CA SER D 329 14.98 -28.80 29.22
C SER D 329 14.30 -27.84 28.26
N LEU D 330 14.80 -26.60 28.20
CA LEU D 330 14.27 -25.65 27.22
C LEU D 330 14.52 -26.14 25.80
N TYR D 331 15.72 -26.65 25.54
CA TYR D 331 16.02 -27.20 24.22
C TYR D 331 15.12 -28.39 23.92
N ASN D 332 14.89 -29.26 24.90
CA ASN D 332 14.00 -30.39 24.69
C ASN D 332 12.60 -29.90 24.34
N LEU D 333 12.11 -28.89 25.05
CA LEU D 333 10.78 -28.35 24.75
C LEU D 333 10.71 -27.82 23.33
N PHE D 334 11.73 -27.05 22.91
CA PHE D 334 11.70 -26.50 21.55
C PHE D 334 11.79 -27.59 20.50
N LEU D 335 12.62 -28.62 20.73
CA LEU D 335 12.72 -29.71 19.77
C LEU D 335 11.42 -30.51 19.70
N GLU D 336 10.70 -30.63 20.83
CA GLU D 336 9.42 -31.31 20.79
C GLU D 336 8.46 -30.65 19.82
N GLU D 337 8.62 -29.35 19.59
CA GLU D 337 7.79 -28.66 18.60
C GLU D 337 8.39 -28.73 17.21
N ASN D 338 9.71 -28.56 17.11
CA ASN D 338 10.35 -28.43 15.80
C ASN D 338 10.71 -29.75 15.15
N ILE D 339 10.52 -30.88 15.82
CA ILE D 339 10.98 -32.15 15.25
C ILE D 339 10.20 -32.49 13.98
N SER D 340 8.96 -32.00 13.87
CA SER D 340 8.18 -32.26 12.66
C SER D 340 8.87 -31.72 11.42
N GLU D 341 9.78 -30.75 11.57
CA GLU D 341 10.54 -30.27 10.43
C GLU D 341 11.54 -31.31 9.94
N VAL D 342 11.95 -32.23 10.81
CA VAL D 342 12.95 -33.23 10.46
C VAL D 342 12.28 -34.42 9.78
N LYS D 343 12.81 -34.81 8.62
CA LYS D 343 12.24 -35.92 7.87
C LYS D 343 12.50 -37.26 8.54
N SER D 344 13.67 -37.43 9.18
CA SER D 344 14.04 -38.73 9.71
C SER D 344 13.09 -39.19 10.80
N TYR D 345 12.53 -38.26 11.59
CA TYR D 345 11.61 -38.66 12.64
C TYR D 345 10.44 -39.47 12.08
N LYS D 346 9.78 -38.93 11.05
CA LYS D 346 8.59 -39.60 10.53
C LYS D 346 8.90 -41.03 10.13
N CYS D 347 9.89 -41.21 9.25
CA CYS D 347 10.22 -42.56 8.79
C CYS D 347 10.67 -43.44 9.95
N LEU D 348 11.49 -42.90 10.85
CA LEU D 348 12.01 -43.71 11.95
C LEU D 348 10.90 -44.15 12.89
N LYS D 349 9.98 -43.23 13.23
CA LYS D 349 8.90 -43.59 14.15
C LYS D 349 8.08 -44.73 13.59
N VAL D 350 7.90 -44.79 12.28
CA VAL D 350 7.15 -45.88 11.67
C VAL D 350 7.86 -47.20 11.90
N LEU D 351 9.19 -47.20 11.85
CA LEU D 351 9.95 -48.44 11.99
C LEU D 351 9.67 -49.09 13.35
N GLU D 352 9.71 -48.31 14.43
CA GLU D 352 9.43 -48.86 15.74
C GLU D 352 8.02 -49.42 15.81
N ASN D 353 7.04 -48.69 15.27
CA ASN D 353 5.66 -49.16 15.29
C ASN D 353 5.52 -50.45 14.49
N ILE D 354 6.25 -50.57 13.38
CA ILE D 354 6.30 -51.84 12.67
C ILE D 354 6.87 -52.93 13.57
N LYS D 355 7.95 -52.60 14.29
CA LYS D 355 8.54 -53.56 15.22
C LYS D 355 7.56 -53.94 16.32
N SER D 356 6.82 -52.95 16.84
CA SER D 356 5.86 -53.21 17.91
C SER D 356 4.62 -53.95 17.43
N SER D 357 4.38 -54.02 16.11
CA SER D 357 3.21 -54.72 15.61
C SER D 357 3.30 -56.22 15.82
N GLY D 358 4.51 -56.75 16.05
CA GLY D 358 4.70 -58.17 16.26
C GLY D 358 5.23 -58.93 15.07
N GLN D 359 5.57 -58.24 13.97
CA GLN D 359 6.10 -58.90 12.80
C GLN D 359 7.60 -59.16 12.98
N GLY D 360 8.03 -60.39 12.69
CA GLY D 360 9.42 -60.75 12.84
C GLY D 360 10.27 -60.37 11.64
N ILE D 361 10.33 -59.07 11.36
CA ILE D 361 11.08 -58.54 10.23
C ILE D 361 12.37 -57.93 10.74
N ASP D 362 13.49 -58.28 10.13
CA ASP D 362 14.77 -57.73 10.54
C ASP D 362 14.79 -56.23 10.31
N PRO D 363 15.38 -55.45 11.22
CA PRO D 363 15.50 -54.00 10.97
C PRO D 363 16.30 -53.70 9.71
N MET D 364 17.28 -54.53 9.38
CA MET D 364 18.05 -54.30 8.15
C MET D 364 17.16 -54.41 6.92
N LEU D 365 16.28 -55.41 6.88
CA LEU D 365 15.37 -55.53 5.75
C LEU D 365 14.44 -54.33 5.67
N LEU D 366 13.98 -53.83 6.82
CA LEU D 366 13.17 -52.62 6.83
C LEU D 366 14.03 -51.37 6.59
N LEU D 367 15.28 -51.37 7.05
CA LEU D 367 16.15 -50.22 6.83
C LEU D 367 16.40 -50.01 5.34
N THR D 368 16.73 -51.08 4.61
CA THR D 368 16.90 -50.97 3.17
C THR D 368 15.59 -50.70 2.46
N ASN D 369 14.45 -50.93 3.12
CA ASN D 369 13.15 -50.57 2.60
C ASN D 369 12.84 -49.09 2.78
N LEU D 370 13.79 -48.30 3.28
CA LEU D 370 13.63 -46.87 3.45
C LEU D 370 14.59 -46.14 2.52
N GLY D 371 14.05 -45.19 1.74
CA GLY D 371 14.87 -44.45 0.82
C GLY D 371 15.71 -43.40 1.49
N MET D 372 16.84 -43.08 0.87
CA MET D 372 17.73 -42.06 1.40
C MET D 372 17.03 -40.70 1.39
N ILE D 373 17.24 -39.93 2.44
CA ILE D 373 16.64 -38.61 2.57
C ILE D 373 17.56 -37.58 1.93
N LYS D 374 17.03 -36.83 0.98
CA LYS D 374 17.81 -35.81 0.29
C LYS D 374 17.99 -34.59 1.18
N MET D 375 19.25 -34.18 1.36
CA MET D 375 19.58 -33.03 2.19
C MET D 375 19.66 -31.79 1.29
N ASP D 376 18.71 -30.88 1.44
CA ASP D 376 18.67 -29.67 0.64
C ASP D 376 19.39 -28.53 1.35
N ARG E 29 -5.81 -27.82 1.71
CA ARG E 29 -5.38 -28.55 2.90
C ARG E 29 -5.37 -27.63 4.10
N LEU E 30 -5.37 -28.24 5.29
CA LEU E 30 -5.46 -27.49 6.55
C LEU E 30 -6.76 -26.72 6.63
N GLU E 31 -7.81 -27.23 6.00
CA GLU E 31 -9.15 -26.66 6.07
C GLU E 31 -10.12 -27.70 5.50
N LEU E 32 -11.40 -27.33 5.51
CA LEU E 32 -12.45 -28.19 4.95
C LEU E 32 -13.40 -27.34 4.13
N ALA E 33 -14.08 -28.02 3.19
CA ALA E 33 -14.98 -27.31 2.29
C ALA E 33 -16.14 -26.66 3.05
N VAL E 34 -16.71 -27.38 4.02
CA VAL E 34 -17.88 -26.88 4.72
C VAL E 34 -17.50 -26.04 5.93
N ASP E 35 -16.48 -26.46 6.69
CA ASP E 35 -16.12 -25.74 7.90
C ASP E 35 -15.66 -24.32 7.59
N LYS E 36 -14.90 -24.13 6.51
CA LYS E 36 -14.39 -22.80 6.19
C LYS E 36 -15.53 -21.84 5.91
N MET E 37 -16.56 -22.29 5.18
CA MET E 37 -17.71 -21.42 4.93
C MET E 37 -18.40 -21.04 6.24
N VAL E 38 -18.50 -21.99 7.18
CA VAL E 38 -19.12 -21.70 8.46
C VAL E 38 -18.34 -20.62 9.21
N THR E 39 -17.03 -20.82 9.34
CA THR E 39 -16.22 -19.86 10.08
C THR E 39 -16.10 -18.53 9.37
N CYS E 40 -16.33 -18.49 8.05
CA CYS E 40 -16.35 -17.23 7.33
C CYS E 40 -17.66 -16.48 7.54
N ILE E 41 -18.79 -17.16 7.36
CA ILE E 41 -20.09 -16.50 7.50
C ILE E 41 -20.30 -16.03 8.94
N ALA E 42 -20.10 -16.93 9.91
CA ALA E 42 -20.45 -16.64 11.29
C ALA E 42 -19.61 -15.52 11.88
N VAL E 43 -18.47 -15.20 11.27
CA VAL E 43 -17.61 -14.11 11.73
C VAL E 43 -17.60 -12.92 10.78
N GLY E 44 -18.17 -13.05 9.59
CA GLY E 44 -18.24 -11.94 8.68
C GLY E 44 -19.55 -11.18 8.79
N LEU E 45 -20.66 -11.89 8.94
CA LEU E 45 -21.95 -11.22 9.00
C LEU E 45 -22.05 -10.25 10.17
N PRO E 46 -21.74 -10.64 11.41
CA PRO E 46 -21.78 -9.64 12.50
C PRO E 46 -20.89 -8.44 12.24
N LEU E 47 -19.70 -8.67 11.67
CA LEU E 47 -18.78 -7.58 11.40
C LEU E 47 -19.36 -6.63 10.37
N LEU E 48 -19.92 -7.16 9.29
CA LEU E 48 -20.55 -6.32 8.28
C LEU E 48 -21.70 -5.53 8.89
N LEU E 49 -22.51 -6.19 9.71
CA LEU E 49 -23.69 -5.54 10.27
C LEU E 49 -23.31 -4.40 11.20
N ILE E 50 -22.27 -4.58 12.02
CA ILE E 50 -21.90 -3.48 12.92
C ILE E 50 -21.11 -2.41 12.18
N SER E 51 -20.36 -2.79 11.14
CA SER E 51 -19.85 -1.78 10.21
C SER E 51 -20.97 -0.90 9.70
N LEU E 52 -22.09 -1.50 9.32
CA LEU E 52 -23.27 -0.78 8.85
C LEU E 52 -23.91 0.07 9.95
N ALA E 53 -23.94 -0.46 11.18
CA ALA E 53 -24.48 0.30 12.29
C ALA E 53 -23.68 1.57 12.53
N PHE E 54 -22.35 1.46 12.48
CA PHE E 54 -21.51 2.66 12.58
C PHE E 54 -21.73 3.59 11.40
N ALA E 55 -21.87 3.04 10.21
CA ALA E 55 -22.01 3.88 9.01
C ALA E 55 -23.29 4.70 9.05
N GLN E 56 -24.39 4.09 9.49
CA GLN E 56 -25.66 4.81 9.51
C GLN E 56 -25.58 6.08 10.33
N GLU E 57 -24.79 6.06 11.41
CA GLU E 57 -24.63 7.24 12.24
C GLU E 57 -23.95 8.39 11.50
N ILE E 58 -23.16 8.08 10.46
CA ILE E 58 -22.59 9.14 9.64
C ILE E 58 -23.69 9.91 8.93
N SER E 59 -24.65 9.19 8.33
CA SER E 59 -25.77 9.86 7.68
C SER E 59 -26.63 10.59 8.70
N ILE E 60 -27.26 9.84 9.60
CA ILE E 60 -28.02 10.42 10.70
C ILE E 60 -27.99 9.43 11.86
N GLY E 61 -27.56 9.89 13.03
CA GLY E 61 -27.58 9.06 14.20
C GLY E 61 -27.01 9.73 15.44
N THR E 62 -27.74 9.63 16.54
CA THR E 62 -27.26 10.05 17.85
C THR E 62 -27.96 9.19 18.88
N GLN E 63 -27.17 8.43 19.65
CA GLN E 63 -27.74 7.37 20.48
C GLN E 63 -28.88 7.88 21.35
N ILE E 64 -28.72 9.05 21.95
CA ILE E 64 -29.70 9.57 22.90
C ILE E 64 -30.09 10.99 22.53
N SER E 65 -31.27 11.39 22.98
CA SER E 65 -31.75 12.76 22.81
C SER E 65 -32.86 13.00 23.81
N CYS E 66 -32.65 13.93 24.74
CA CYS E 66 -33.64 14.29 25.74
C CYS E 66 -34.33 15.59 25.36
N PHE E 67 -35.53 15.78 25.91
CA PHE E 67 -36.36 16.95 25.63
C PHE E 67 -36.31 17.87 26.85
N SER E 68 -35.52 18.94 26.75
CA SER E 68 -35.41 19.91 27.82
C SER E 68 -36.29 21.12 27.54
N PRO E 69 -36.85 21.76 28.57
CA PRO E 69 -37.77 22.87 28.34
C PRO E 69 -37.12 24.00 27.55
N SER E 70 -37.97 24.91 27.07
CA SER E 70 -37.49 25.99 26.20
C SER E 70 -36.59 26.96 26.95
N SER E 71 -36.77 27.10 28.27
CA SER E 71 -35.96 28.04 29.03
C SER E 71 -34.49 27.66 28.98
N PHE E 72 -34.18 26.36 29.00
CA PHE E 72 -32.81 25.91 28.94
C PHE E 72 -32.12 26.44 27.68
N SER E 73 -30.88 26.91 27.86
CA SER E 73 -30.07 27.33 26.72
C SER E 73 -29.50 26.09 26.04
N TRP E 74 -28.63 26.30 25.05
CA TRP E 74 -28.08 25.18 24.29
C TRP E 74 -27.20 24.30 25.17
N ARG E 75 -26.29 24.91 25.93
CA ARG E 75 -25.33 24.14 26.72
C ARG E 75 -26.04 23.35 27.82
N GLN E 76 -27.05 23.95 28.46
CA GLN E 76 -27.78 23.22 29.50
C GLN E 76 -28.47 22.00 28.93
N ALA E 77 -29.09 22.13 27.75
CA ALA E 77 -29.73 20.99 27.12
C ALA E 77 -28.71 19.93 26.74
N ALA E 78 -27.54 20.34 26.24
CA ALA E 78 -26.49 19.37 25.95
C ALA E 78 -26.05 18.63 27.20
N PHE E 79 -25.94 19.36 28.32
CA PHE E 79 -25.61 18.69 29.58
C PHE E 79 -26.69 17.71 29.99
N VAL E 80 -27.95 18.06 29.80
CA VAL E 80 -29.03 17.14 30.15
C VAL E 80 -28.91 15.86 29.32
N ASP E 81 -28.69 16.01 28.01
CA ASP E 81 -28.52 14.84 27.16
C ASP E 81 -27.35 13.99 27.62
N SER E 82 -26.21 14.62 27.88
CA SER E 82 -25.04 13.86 28.31
C SER E 82 -25.29 13.15 29.64
N TYR E 83 -25.87 13.86 30.62
CA TYR E 83 -26.11 13.27 31.92
C TYR E 83 -27.03 12.06 31.81
N CYS E 84 -28.12 12.18 31.04
CA CYS E 84 -28.99 11.04 30.86
C CYS E 84 -28.31 9.93 30.06
N TRP E 85 -27.29 10.28 29.27
CA TRP E 85 -26.56 9.26 28.53
C TRP E 85 -25.71 8.38 29.46
N ALA E 86 -25.11 8.98 30.49
CA ALA E 86 -24.24 8.25 31.39
C ALA E 86 -24.95 7.72 32.63
N ALA E 87 -26.15 8.23 32.94
CA ALA E 87 -26.92 7.74 34.07
C ALA E 87 -27.72 6.49 33.72
N VAL E 88 -27.60 6.01 32.49
CA VAL E 88 -28.31 4.78 32.11
C VAL E 88 -27.79 3.59 32.91
N GLN E 89 -26.48 3.58 33.20
CA GLN E 89 -25.89 2.42 33.86
C GLN E 89 -26.40 2.21 35.27
N GLN E 90 -26.74 3.26 36.00
CA GLN E 90 -27.12 3.09 37.40
C GLN E 90 -28.55 2.56 37.50
N LYS E 91 -29.53 3.36 37.09
CA LYS E 91 -30.91 2.91 36.91
C LYS E 91 -31.74 4.10 36.48
N ASN E 92 -32.89 3.82 35.87
CA ASN E 92 -33.80 4.86 35.43
C ASN E 92 -35.18 4.26 35.22
N SER E 93 -36.21 5.03 35.56
CA SER E 93 -37.58 4.55 35.53
C SER E 93 -38.22 4.83 34.17
N LEU E 94 -39.19 3.98 33.82
CA LEU E 94 -39.99 4.14 32.61
C LEU E 94 -41.45 4.25 33.01
N GLN E 95 -42.15 5.24 32.47
CA GLN E 95 -43.56 5.42 32.80
C GLN E 95 -44.46 4.58 31.89
N SER E 96 -44.07 3.31 31.70
CA SER E 96 -44.98 2.32 31.13
C SER E 96 -44.77 0.94 31.72
N GLU E 97 -43.86 0.76 32.67
CA GLU E 97 -43.44 -0.55 33.15
C GLU E 97 -43.24 -0.47 34.66
N SER E 98 -42.57 -1.47 35.21
CA SER E 98 -42.29 -1.51 36.65
C SER E 98 -41.11 -0.59 36.97
N GLY E 99 -40.57 -0.71 38.17
CA GLY E 99 -39.52 0.17 38.65
C GLY E 99 -38.40 0.49 37.67
N ASN E 100 -37.74 -0.52 37.11
CA ASN E 100 -36.54 -0.34 36.27
C ASN E 100 -36.50 -1.46 35.20
N LEU E 101 -35.34 -1.63 34.46
CA LEU E 101 -35.19 -2.56 33.33
C LEU E 101 -33.73 -2.55 32.90
N PRO E 102 -33.13 -3.61 32.31
CA PRO E 102 -31.74 -3.51 31.83
C PRO E 102 -31.63 -2.64 30.58
N LEU E 103 -31.13 -1.40 30.72
CA LEU E 103 -31.09 -0.51 29.55
C LEU E 103 -29.69 -0.38 28.98
N TRP E 104 -28.65 -0.67 29.76
CA TRP E 104 -27.30 -0.48 29.25
C TRP E 104 -26.98 -1.42 28.10
N LEU E 105 -27.79 -2.46 27.90
CA LEU E 105 -27.60 -3.30 26.72
C LEU E 105 -27.71 -2.49 25.44
N HIS E 106 -28.59 -1.48 25.42
CA HIS E 106 -28.68 -0.61 24.25
C HIS E 106 -27.38 0.14 24.02
N LYS E 107 -26.64 0.43 25.09
CA LYS E 107 -25.35 1.11 24.93
C LYS E 107 -24.30 0.16 24.34
N PHE E 108 -24.25 -1.07 24.83
CA PHE E 108 -23.13 -1.98 24.56
C PHE E 108 -23.39 -2.95 23.41
N PHE E 109 -24.55 -2.90 22.78
CA PHE E 109 -24.85 -3.87 21.73
C PHE E 109 -23.80 -3.87 20.62
N PRO E 110 -23.32 -2.74 20.12
CA PRO E 110 -22.30 -2.78 19.06
C PRO E 110 -20.92 -3.17 19.55
N TYR E 111 -20.77 -3.51 20.84
CA TYR E 111 -19.53 -4.06 21.38
C TYR E 111 -19.65 -5.54 21.70
N ILE E 112 -20.83 -5.98 22.14
CA ILE E 112 -21.04 -7.40 22.41
C ILE E 112 -20.85 -8.21 21.15
N LEU E 113 -21.26 -7.67 20.00
CA LEU E 113 -21.08 -8.40 18.75
C LEU E 113 -19.61 -8.49 18.35
N LEU E 114 -18.83 -7.45 18.64
CA LEU E 114 -17.39 -7.54 18.44
C LEU E 114 -16.79 -8.61 19.33
N LEU E 115 -17.23 -8.68 20.59
CA LEU E 115 -16.78 -9.74 21.47
C LEU E 115 -17.12 -11.11 20.89
N PHE E 116 -18.35 -11.27 20.40
CA PHE E 116 -18.78 -12.54 19.83
C PHE E 116 -17.94 -12.91 18.62
N ALA E 117 -17.62 -11.93 17.78
CA ALA E 117 -16.78 -12.20 16.62
C ALA E 117 -15.39 -12.66 17.04
N ILE E 118 -14.81 -12.00 18.04
CA ILE E 118 -13.50 -12.41 18.54
C ILE E 118 -13.55 -13.84 19.04
N LEU E 119 -14.57 -14.16 19.83
CA LEU E 119 -14.70 -15.50 20.37
C LEU E 119 -14.90 -16.53 19.27
N LEU E 120 -15.70 -16.20 18.25
CA LEU E 120 -15.92 -17.14 17.15
C LEU E 120 -14.64 -17.40 16.36
N TYR E 121 -13.85 -16.36 16.13
CA TYR E 121 -12.62 -16.54 15.36
C TYR E 121 -11.48 -17.13 16.19
N LEU E 122 -11.60 -17.16 17.50
CA LEU E 122 -10.56 -17.79 18.32
C LEU E 122 -10.34 -19.27 17.99
N PRO E 123 -11.37 -20.12 17.97
CA PRO E 123 -11.13 -21.56 17.81
C PRO E 123 -10.42 -21.90 16.52
N PRO E 124 -10.81 -21.32 15.39
CA PRO E 124 -10.04 -21.58 14.16
C PRO E 124 -8.58 -21.19 14.28
N LEU E 125 -8.29 -20.09 14.96
CA LEU E 125 -6.89 -19.70 15.15
C LEU E 125 -6.14 -20.76 15.96
N PHE E 126 -6.73 -21.20 17.07
CA PHE E 126 -6.06 -22.20 17.89
C PHE E 126 -5.86 -23.49 17.09
N TRP E 127 -6.86 -23.88 16.30
CA TRP E 127 -6.73 -25.08 15.48
C TRP E 127 -5.59 -24.93 14.49
N ARG E 128 -5.49 -23.76 13.85
CA ARG E 128 -4.36 -23.49 12.97
C ARG E 128 -3.04 -23.57 13.71
N PHE E 129 -3.02 -23.25 15.01
CA PHE E 129 -1.79 -23.28 15.79
C PHE E 129 -1.56 -24.60 16.52
N ALA E 130 -2.43 -25.59 16.35
CA ALA E 130 -2.31 -26.85 17.09
C ALA E 130 -2.44 -28.11 16.24
N ALA E 131 -3.07 -28.04 15.06
CA ALA E 131 -3.26 -29.23 14.24
C ALA E 131 -2.77 -29.05 12.80
N ALA E 132 -2.61 -27.81 12.32
CA ALA E 132 -2.22 -27.63 10.92
C ALA E 132 -0.87 -28.25 10.61
N PRO E 133 0.20 -28.01 11.36
CA PRO E 133 1.50 -28.60 10.99
C PRO E 133 1.49 -30.11 10.97
N HIS E 134 0.85 -30.75 11.96
CA HIS E 134 0.83 -32.21 12.00
C HIS E 134 0.10 -32.78 10.79
N ILE E 135 -1.07 -32.21 10.46
CA ILE E 135 -1.82 -32.68 9.31
C ILE E 135 -1.02 -32.47 8.04
N CYS E 136 -0.39 -31.30 7.90
CA CYS E 136 0.42 -31.04 6.72
C CYS E 136 1.51 -32.09 6.55
N SER E 137 2.27 -32.33 7.62
CA SER E 137 3.38 -33.29 7.54
C SER E 137 2.87 -34.68 7.20
N ASP E 138 1.83 -35.14 7.90
CA ASP E 138 1.33 -36.49 7.69
C ASP E 138 0.77 -36.65 6.30
N LEU E 139 -0.02 -35.69 5.83
CA LEU E 139 -0.58 -35.79 4.50
C LEU E 139 0.53 -35.80 3.45
N LYS E 140 1.54 -34.92 3.61
CA LYS E 140 2.63 -34.88 2.64
C LYS E 140 3.36 -36.21 2.59
N PHE E 141 3.65 -36.80 3.75
CA PHE E 141 4.33 -38.09 3.77
C PHE E 141 3.48 -39.16 3.10
N ILE E 142 2.17 -39.17 3.39
CA ILE E 142 1.30 -40.20 2.82
C ILE E 142 1.25 -40.07 1.30
N MET E 143 1.13 -38.84 0.78
CA MET E 143 1.03 -38.67 -0.66
C MET E 143 2.34 -39.04 -1.33
N GLU E 144 3.48 -38.68 -0.71
CA GLU E 144 4.75 -39.07 -1.27
C GLU E 144 4.89 -40.59 -1.31
N GLU E 145 4.48 -41.27 -0.24
CA GLU E 145 4.56 -42.73 -0.22
C GLU E 145 3.65 -43.35 -1.28
N LEU E 146 2.45 -42.79 -1.45
CA LEU E 146 1.54 -43.32 -2.47
C LEU E 146 2.11 -43.11 -3.87
N ASP E 147 2.69 -41.94 -4.12
CA ASP E 147 3.32 -41.71 -5.42
C ASP E 147 4.47 -42.69 -5.65
N LYS E 148 5.27 -42.94 -4.61
CA LYS E 148 6.37 -43.90 -4.75
C LYS E 148 5.85 -45.29 -5.07
N VAL E 149 4.85 -45.76 -4.30
CA VAL E 149 4.34 -47.11 -4.51
C VAL E 149 3.68 -47.21 -5.88
N TYR E 150 3.15 -46.10 -6.40
CA TYR E 150 2.63 -46.11 -7.77
C TYR E 150 3.74 -46.35 -8.77
N ASN E 151 4.86 -45.64 -8.65
CA ASN E 151 5.96 -45.83 -9.58
C ASN E 151 6.58 -47.22 -9.45
N ARG E 152 6.75 -47.70 -8.22
CA ARG E 152 7.39 -49.01 -8.02
C ARG E 152 6.60 -50.10 -8.71
N ALA E 153 5.26 -50.00 -8.69
CA ALA E 153 4.44 -51.01 -9.34
C ALA E 153 4.75 -51.10 -10.83
N ILE E 154 4.88 -49.95 -11.50
CA ILE E 154 5.16 -49.95 -12.93
C ILE E 154 6.54 -50.54 -13.20
N LYS E 155 7.52 -50.21 -12.37
CA LYS E 155 8.85 -50.80 -12.53
C LYS E 155 8.79 -52.32 -12.43
N ALA E 156 8.07 -52.83 -11.42
CA ALA E 156 7.89 -54.28 -11.31
C ALA E 156 7.12 -54.82 -12.52
N ALA E 157 6.06 -54.12 -12.93
CA ALA E 157 5.30 -54.54 -14.10
C ALA E 157 6.16 -54.46 -15.35
N LYS E 158 6.92 -53.37 -15.51
CA LYS E 158 7.77 -53.23 -16.68
C LYS E 158 8.84 -54.32 -16.72
N SER E 159 9.46 -54.61 -15.58
CA SER E 159 10.50 -55.62 -15.53
C SER E 159 9.96 -57.00 -15.90
N ALA E 160 8.70 -57.28 -15.55
CA ALA E 160 8.12 -58.57 -15.89
C ALA E 160 8.04 -58.76 -17.41
N ARG E 161 7.62 -57.72 -18.12
CA ARG E 161 7.52 -57.81 -19.57
C ARG E 161 8.89 -58.01 -20.21
N ASP E 162 9.91 -57.31 -19.70
CA ASP E 162 11.24 -57.44 -20.29
C ASP E 162 11.77 -58.86 -20.17
N LEU E 163 11.54 -59.51 -19.02
CA LEU E 163 11.92 -60.90 -18.87
C LEU E 163 11.16 -61.78 -19.85
N ASP E 164 9.87 -61.52 -20.03
CA ASP E 164 9.08 -62.31 -20.98
C ASP E 164 9.59 -62.13 -22.40
N MET E 165 9.92 -60.90 -22.78
CA MET E 165 10.40 -60.61 -24.13
C MET E 165 11.72 -61.32 -24.39
N PHE E 191 9.89 -56.32 -2.92
CA PHE E 191 8.68 -55.72 -2.38
C PHE E 191 9.01 -54.91 -1.12
N LYS E 192 9.14 -53.60 -1.29
CA LYS E 192 9.42 -52.73 -0.16
C LYS E 192 8.29 -52.80 0.85
N TYR E 193 8.65 -52.75 2.13
CA TYR E 193 7.65 -52.90 3.18
C TYR E 193 6.61 -51.78 3.08
N PRO E 194 5.31 -52.06 3.29
CA PRO E 194 4.27 -51.02 3.23
C PRO E 194 4.39 -50.04 4.41
N ILE E 195 5.33 -49.10 4.31
CA ILE E 195 5.53 -48.14 5.40
C ILE E 195 4.26 -47.34 5.63
N VAL E 196 3.64 -46.83 4.56
CA VAL E 196 2.49 -45.96 4.71
C VAL E 196 1.28 -46.71 5.26
N GLU E 197 1.10 -47.96 4.82
CA GLU E 197 -0.06 -48.74 5.28
C GLU E 197 -0.01 -48.95 6.79
N GLN E 198 1.13 -49.41 7.30
CA GLN E 198 1.24 -49.63 8.74
C GLN E 198 1.26 -48.30 9.49
N TYR E 199 1.76 -47.24 8.84
CA TYR E 199 1.69 -45.91 9.46
C TYR E 199 0.25 -45.51 9.70
N LEU E 200 -0.62 -45.70 8.70
CA LEU E 200 -2.03 -45.46 8.89
C LEU E 200 -2.63 -46.40 9.94
N LYS E 201 -2.16 -47.65 9.97
CA LYS E 201 -2.64 -48.60 10.97
C LYS E 201 -2.36 -48.10 12.38
N THR E 202 -1.15 -47.59 12.62
CA THR E 202 -0.81 -47.11 13.95
C THR E 202 -1.51 -45.79 14.26
N LYS E 203 -1.71 -44.94 13.25
CA LYS E 203 -2.47 -43.71 13.47
C LYS E 203 -3.92 -44.01 13.82
N LYS E 204 -4.46 -45.12 13.32
CA LYS E 204 -5.83 -45.50 13.65
C LYS E 204 -6.02 -45.65 15.16
N ASN E 205 -4.96 -45.96 15.89
CA ASN E 205 -5.09 -46.22 17.32
C ASN E 205 -5.19 -44.94 18.15
N SER E 206 -4.54 -43.87 17.72
CA SER E 206 -4.49 -42.65 18.52
C SER E 206 -5.76 -41.82 18.34
N ASN E 207 -6.05 -40.97 19.33
CA ASN E 207 -7.25 -40.14 19.35
C ASN E 207 -6.92 -38.72 19.80
N ASN E 208 -5.87 -38.14 19.22
CA ASN E 208 -5.42 -36.80 19.59
C ASN E 208 -5.91 -35.72 18.62
N LEU E 209 -5.58 -35.85 17.33
CA LEU E 209 -6.07 -34.87 16.37
C LEU E 209 -7.59 -34.82 16.38
N ILE E 210 -8.24 -35.97 16.59
CA ILE E 210 -9.68 -35.99 16.69
C ILE E 210 -10.16 -35.20 17.90
N ILE E 211 -9.48 -35.35 19.04
CA ILE E 211 -9.92 -34.62 20.23
C ILE E 211 -9.80 -33.13 19.99
N LYS E 212 -8.71 -32.68 19.37
CA LYS E 212 -8.56 -31.25 19.11
C LYS E 212 -9.62 -30.75 18.12
N TYR E 213 -9.80 -31.48 17.01
CA TYR E 213 -10.73 -31.05 15.97
C TYR E 213 -12.18 -31.15 16.42
N ILE E 214 -12.47 -31.91 17.46
CA ILE E 214 -13.81 -31.97 18.03
C ILE E 214 -14.01 -30.89 19.08
N SER E 215 -12.98 -30.63 19.90
CA SER E 215 -13.08 -29.57 20.88
C SER E 215 -13.28 -28.21 20.20
N CYS E 216 -12.57 -27.97 19.10
CA CYS E 216 -12.72 -26.70 18.41
C CYS E 216 -14.15 -26.52 17.87
N ARG E 217 -14.69 -27.56 17.24
CA ARG E 217 -16.06 -27.49 16.74
C ARG E 217 -17.04 -27.29 17.88
N LEU E 218 -16.84 -27.98 19.00
CA LEU E 218 -17.73 -27.83 20.14
C LEU E 218 -17.68 -26.42 20.69
N LEU E 219 -16.49 -25.82 20.79
CA LEU E 219 -16.38 -24.45 21.25
C LEU E 219 -17.12 -23.50 20.31
N THR E 220 -16.95 -23.69 19.00
CA THR E 220 -17.64 -22.82 18.05
C THR E 220 -19.16 -22.96 18.19
N LEU E 221 -19.65 -24.19 18.33
CA LEU E 221 -21.09 -24.40 18.47
C LEU E 221 -21.61 -23.77 19.77
N ILE E 222 -20.86 -23.91 20.85
CA ILE E 222 -21.30 -23.34 22.13
C ILE E 222 -21.38 -21.82 22.03
N ILE E 223 -20.36 -21.21 21.41
CA ILE E 223 -20.39 -19.75 21.25
C ILE E 223 -21.55 -19.34 20.36
N ILE E 224 -21.83 -20.12 19.32
CA ILE E 224 -22.96 -19.82 18.44
C ILE E 224 -24.26 -19.87 19.23
N LEU E 225 -24.44 -20.88 20.08
CA LEU E 225 -25.65 -20.99 20.86
C LEU E 225 -25.78 -19.83 21.84
N LEU E 226 -24.68 -19.44 22.48
CA LEU E 226 -24.72 -18.29 23.39
C LEU E 226 -25.12 -17.03 22.64
N ALA E 227 -24.55 -16.82 21.45
CA ALA E 227 -24.93 -15.66 20.65
C ALA E 227 -26.40 -15.71 20.27
N CYS E 228 -26.89 -16.88 19.89
CA CYS E 228 -28.29 -17.02 19.52
C CYS E 228 -29.20 -16.63 20.67
N ILE E 229 -28.94 -17.18 21.87
CA ILE E 229 -29.81 -16.89 23.00
C ILE E 229 -29.72 -15.43 23.40
N TYR E 230 -28.51 -14.86 23.38
CA TYR E 230 -28.36 -13.46 23.74
C TYR E 230 -29.11 -12.56 22.76
N LEU E 231 -29.00 -12.84 21.47
CA LEU E 231 -29.69 -12.01 20.48
C LEU E 231 -31.20 -12.17 20.58
N GLY E 232 -31.67 -13.39 20.86
CA GLY E 232 -33.10 -13.57 21.08
C GLY E 232 -33.59 -12.76 22.27
N TYR E 233 -32.86 -12.80 23.38
CA TYR E 233 -33.25 -12.02 24.54
C TYR E 233 -33.24 -10.53 24.23
N TYR E 234 -32.23 -10.06 23.50
CA TYR E 234 -32.17 -8.65 23.16
C TYR E 234 -33.34 -8.23 22.28
N PHE E 235 -33.66 -9.05 21.27
CA PHE E 235 -34.81 -8.74 20.42
C PHE E 235 -36.10 -8.70 21.23
N SER E 236 -36.23 -9.62 22.19
CA SER E 236 -37.39 -9.57 23.09
C SER E 236 -37.41 -8.26 23.87
N LEU E 237 -36.26 -7.86 24.39
CA LEU E 237 -36.19 -6.62 25.18
C LEU E 237 -36.36 -5.40 24.29
N SER E 238 -35.63 -5.34 23.18
CA SER E 238 -35.60 -4.15 22.34
C SER E 238 -36.85 -4.06 21.47
N SER E 239 -38.00 -4.09 22.14
CA SER E 239 -39.29 -3.92 21.48
C SER E 239 -40.24 -2.99 22.23
N LEU E 240 -39.97 -2.67 23.49
CA LEU E 240 -40.91 -1.88 24.29
C LEU E 240 -40.26 -0.80 25.15
N SER E 241 -38.95 -0.82 25.37
CA SER E 241 -38.32 -0.04 26.43
C SER E 241 -37.14 0.77 25.91
N ASP E 242 -37.34 1.48 24.79
CA ASP E 242 -36.35 2.43 24.31
C ASP E 242 -36.54 3.82 24.89
N GLU E 243 -37.55 4.02 25.72
CA GLU E 243 -37.86 5.33 26.28
C GLU E 243 -37.10 5.54 27.59
N PHE E 244 -37.44 6.61 28.30
CA PHE E 244 -36.72 6.99 29.51
C PHE E 244 -37.63 7.86 30.37
N VAL E 245 -37.24 8.00 31.63
CA VAL E 245 -37.61 9.16 32.43
C VAL E 245 -36.39 9.51 33.25
N CYS E 246 -35.68 10.56 32.86
CA CYS E 246 -34.37 10.89 33.41
C CYS E 246 -34.48 12.12 34.29
N SER E 247 -33.93 12.03 35.51
CA SER E 247 -33.88 13.13 36.45
C SER E 247 -32.44 13.59 36.60
N ILE E 248 -32.26 14.91 36.74
CA ILE E 248 -30.94 15.53 36.70
C ILE E 248 -30.57 16.18 38.03
N LYS E 249 -31.34 15.96 39.08
CA LYS E 249 -31.08 16.61 40.38
C LYS E 249 -30.32 15.64 41.29
N SER E 250 -29.01 15.51 41.01
CA SER E 250 -28.19 14.51 41.73
C SER E 250 -27.42 15.10 42.90
N GLY E 251 -26.50 16.02 42.63
CA GLY E 251 -25.52 16.42 43.65
C GLY E 251 -25.82 17.69 44.41
N ILE E 252 -26.07 18.78 43.68
CA ILE E 252 -26.38 20.07 44.30
C ILE E 252 -27.69 20.65 43.81
N LEU E 253 -28.18 20.23 42.64
CA LEU E 253 -29.44 20.73 42.10
C LEU E 253 -30.66 20.16 42.82
N ARG E 254 -30.45 19.26 43.78
CA ARG E 254 -31.58 18.69 44.52
C ARG E 254 -32.44 19.79 45.13
N ASN E 255 -31.82 20.85 45.62
CA ASN E 255 -32.53 21.96 46.25
C ASN E 255 -32.84 23.08 45.26
N ASP E 256 -32.53 22.89 43.98
CA ASP E 256 -32.75 23.92 42.98
C ASP E 256 -34.22 24.01 42.61
N SER E 257 -34.57 25.07 41.88
CA SER E 257 -35.95 25.34 41.50
C SER E 257 -36.17 25.36 40.00
N THR E 258 -35.31 26.06 39.24
CA THR E 258 -35.57 26.22 37.81
C THR E 258 -35.54 24.89 37.08
N VAL E 259 -34.62 24.01 37.45
CA VAL E 259 -34.51 22.72 36.76
C VAL E 259 -35.78 21.91 37.01
N PRO E 260 -36.38 21.30 35.99
CA PRO E 260 -37.55 20.45 36.23
C PRO E 260 -37.13 19.07 36.70
N ASP E 261 -38.13 18.29 37.12
CA ASP E 261 -37.87 17.00 37.75
C ASP E 261 -37.48 15.94 36.74
N GLN E 262 -38.35 15.69 35.74
CA GLN E 262 -38.20 14.57 34.83
C GLN E 262 -38.01 15.08 33.41
N PHE E 263 -37.01 14.52 32.72
CA PHE E 263 -36.79 14.74 31.30
C PHE E 263 -37.10 13.43 30.56
N GLN E 264 -38.01 13.49 29.60
CA GLN E 264 -38.41 12.30 28.85
C GLN E 264 -37.43 12.09 27.70
N CYS E 265 -36.30 11.46 28.03
CA CYS E 265 -35.32 11.12 27.01
C CYS E 265 -35.78 9.88 26.24
N LYS E 266 -35.05 9.58 25.16
CA LYS E 266 -35.40 8.44 24.32
C LYS E 266 -34.18 8.02 23.53
N LEU E 267 -33.79 6.76 23.67
CA LEU E 267 -32.73 6.21 22.83
C LEU E 267 -33.20 6.17 21.37
N ILE E 268 -32.25 6.37 20.46
CA ILE E 268 -32.57 6.53 19.05
C ILE E 268 -32.10 5.36 18.20
N ALA E 269 -31.05 4.63 18.63
CA ALA E 269 -30.45 3.57 17.84
C ALA E 269 -30.93 2.19 18.28
N VAL E 270 -32.17 2.09 18.73
CA VAL E 270 -32.71 0.81 19.19
C VAL E 270 -33.35 0.02 18.05
N GLY E 271 -34.02 0.70 17.12
CA GLY E 271 -34.64 0.00 16.01
C GLY E 271 -33.63 -0.66 15.09
N ILE E 272 -32.56 0.05 14.76
CA ILE E 272 -31.52 -0.53 13.90
C ILE E 272 -30.87 -1.70 14.61
N PHE E 273 -30.60 -1.56 15.91
CA PHE E 273 -30.05 -2.67 16.68
C PHE E 273 -30.99 -3.86 16.67
N GLN E 274 -32.29 -3.62 16.78
CA GLN E 274 -33.27 -4.70 16.73
C GLN E 274 -33.21 -5.43 15.39
N LEU E 275 -33.15 -4.68 14.30
CA LEU E 275 -33.08 -5.32 12.98
C LEU E 275 -31.80 -6.14 12.83
N LEU E 276 -30.66 -5.57 13.24
CA LEU E 276 -29.41 -6.31 13.15
C LEU E 276 -29.46 -7.57 14.01
N SER E 277 -30.04 -7.47 15.20
CA SER E 277 -30.13 -8.62 16.10
C SER E 277 -30.98 -9.72 15.48
N VAL E 278 -32.12 -9.36 14.90
CA VAL E 278 -32.98 -10.40 14.32
C VAL E 278 -32.30 -11.04 13.11
N ILE E 279 -31.60 -10.24 12.30
CA ILE E 279 -30.89 -10.81 11.16
C ILE E 279 -29.83 -11.80 11.63
N ASN E 280 -29.02 -11.41 12.63
CA ASN E 280 -28.01 -12.31 13.13
C ASN E 280 -28.62 -13.56 13.75
N LEU E 281 -29.74 -13.40 14.46
CA LEU E 281 -30.38 -14.55 15.09
C LEU E 281 -30.84 -15.55 14.03
N VAL E 282 -31.51 -15.08 12.99
CA VAL E 282 -31.99 -16.00 11.96
C VAL E 282 -30.80 -16.67 11.26
N VAL E 283 -29.75 -15.90 10.98
CA VAL E 283 -28.59 -16.48 10.30
C VAL E 283 -27.97 -17.59 11.15
N TYR E 284 -27.75 -17.31 12.44
CA TYR E 284 -27.13 -18.32 13.29
C TYR E 284 -28.04 -19.52 13.51
N VAL E 285 -29.36 -19.30 13.58
CA VAL E 285 -30.28 -20.42 13.70
C VAL E 285 -30.16 -21.33 12.49
N LEU E 286 -30.09 -20.75 11.30
CA LEU E 286 -29.93 -21.56 10.09
C LEU E 286 -28.56 -22.24 10.07
N LEU E 287 -27.53 -21.56 10.58
CA LEU E 287 -26.16 -22.08 10.47
C LEU E 287 -25.88 -23.20 11.46
N ALA E 288 -26.46 -23.16 12.65
CA ALA E 288 -26.17 -24.15 13.68
C ALA E 288 -26.32 -25.59 13.21
N PRO E 289 -27.40 -25.97 12.52
CA PRO E 289 -27.50 -27.37 12.07
C PRO E 289 -26.35 -27.80 11.18
N VAL E 290 -25.77 -26.89 10.40
CA VAL E 290 -24.62 -27.24 9.58
C VAL E 290 -23.46 -27.68 10.46
N VAL E 291 -23.17 -26.91 11.52
CA VAL E 291 -22.09 -27.26 12.43
C VAL E 291 -22.40 -28.58 13.12
N VAL E 292 -23.66 -28.78 13.53
CA VAL E 292 -24.04 -30.03 14.17
C VAL E 292 -23.78 -31.21 13.23
N TYR E 293 -24.16 -31.07 11.97
CA TYR E 293 -23.95 -32.13 11.00
C TYR E 293 -22.46 -32.40 10.80
N THR E 294 -21.65 -31.34 10.70
CA THR E 294 -20.22 -31.54 10.53
C THR E 294 -19.59 -32.20 11.74
N LEU E 295 -20.15 -31.99 12.93
CA LEU E 295 -19.54 -32.53 14.14
C LEU E 295 -19.38 -34.05 14.07
N PHE E 296 -20.21 -34.73 13.28
CA PHE E 296 -20.12 -36.18 13.15
C PHE E 296 -19.03 -36.50 12.12
N VAL E 297 -17.84 -36.83 12.62
CA VAL E 297 -16.72 -37.11 11.72
C VAL E 297 -16.96 -38.36 10.88
N PRO E 298 -17.22 -39.54 11.46
CA PRO E 298 -17.31 -40.76 10.63
C PRO E 298 -18.38 -40.70 9.55
N PHE E 299 -19.51 -40.05 9.82
CA PHE E 299 -20.59 -40.02 8.84
C PHE E 299 -20.18 -39.26 7.59
N ARG E 300 -19.37 -38.20 7.75
CA ARG E 300 -18.96 -37.40 6.61
C ARG E 300 -18.14 -38.20 5.60
N GLN E 301 -17.55 -39.32 6.02
CA GLN E 301 -16.72 -40.12 5.12
C GLN E 301 -17.59 -40.90 4.15
N LYS E 302 -18.27 -40.18 3.25
CA LYS E 302 -19.20 -40.83 2.33
C LYS E 302 -18.46 -41.64 1.27
N THR E 303 -17.31 -41.15 0.81
CA THR E 303 -16.59 -41.77 -0.29
C THR E 303 -15.29 -42.36 0.22
N ASP E 304 -14.93 -43.53 -0.32
CA ASP E 304 -13.69 -44.23 0.04
C ASP E 304 -12.69 -44.00 -1.08
N VAL E 305 -11.89 -42.93 -0.94
CA VAL E 305 -10.96 -42.57 -2.01
C VAL E 305 -9.87 -43.63 -2.14
N LEU E 306 -9.46 -44.24 -1.03
CA LEU E 306 -8.42 -45.28 -1.08
C LEU E 306 -8.88 -46.53 -1.83
N LYS E 307 -10.18 -46.65 -2.10
CA LYS E 307 -10.66 -47.78 -2.90
C LYS E 307 -9.97 -47.81 -4.26
N VAL E 308 -9.57 -46.65 -4.77
CA VAL E 308 -8.92 -46.60 -6.07
C VAL E 308 -7.45 -46.98 -5.96
N TYR E 309 -6.74 -46.45 -4.96
CA TYR E 309 -5.36 -46.84 -4.74
C TYR E 309 -5.24 -48.33 -4.41
N GLU E 310 -6.33 -48.95 -3.95
CA GLU E 310 -6.32 -50.40 -3.80
C GLU E 310 -6.06 -51.11 -5.12
N ILE E 311 -6.30 -50.45 -6.25
CA ILE E 311 -6.15 -51.09 -7.55
C ILE E 311 -4.71 -51.56 -7.75
N LEU E 312 -3.75 -50.75 -7.36
CA LEU E 312 -2.35 -51.05 -7.67
C LEU E 312 -1.98 -52.42 -7.11
N PRO E 313 -1.36 -53.30 -7.91
CA PRO E 313 -0.97 -54.60 -7.36
C PRO E 313 -0.04 -54.50 -6.17
N THR E 314 0.81 -53.48 -6.15
CA THR E 314 1.74 -53.29 -5.05
C THR E 314 1.06 -52.84 -3.76
N PHE E 315 -0.22 -52.45 -3.83
CA PHE E 315 -0.96 -52.00 -2.66
C PHE E 315 -1.82 -53.14 -2.14
N ASP E 316 -1.67 -53.46 -0.86
CA ASP E 316 -2.47 -54.52 -0.26
C ASP E 316 -3.91 -54.05 -0.06
N VAL E 317 -4.85 -54.97 -0.23
CA VAL E 317 -6.27 -54.66 -0.17
C VAL E 317 -6.66 -54.52 1.29
N LEU E 318 -6.89 -53.28 1.74
CA LEU E 318 -7.37 -52.99 3.08
C LEU E 318 -8.39 -51.86 2.97
N HIS E 319 -9.64 -52.17 3.30
CA HIS E 319 -10.72 -51.17 3.26
C HIS E 319 -10.61 -50.33 4.52
N PHE E 320 -10.14 -49.09 4.36
CA PHE E 320 -9.93 -48.18 5.49
C PHE E 320 -11.21 -47.39 5.79
N LYS E 321 -12.27 -48.14 6.12
CA LYS E 321 -13.56 -47.55 6.47
C LYS E 321 -13.66 -47.51 8.00
N SER E 322 -13.17 -46.43 8.58
CA SER E 322 -13.19 -46.26 10.04
C SER E 322 -14.58 -45.80 10.47
N GLU E 323 -15.27 -46.66 11.23
CA GLU E 323 -16.58 -46.32 11.77
C GLU E 323 -16.49 -45.73 13.18
N GLY E 324 -15.29 -45.55 13.72
CA GLY E 324 -15.09 -45.00 15.03
C GLY E 324 -14.38 -43.65 14.98
N TYR E 325 -14.33 -43.01 16.16
CA TYR E 325 -13.70 -41.69 16.29
C TYR E 325 -12.20 -41.89 16.44
N ASN E 326 -11.54 -41.99 15.29
CA ASN E 326 -10.10 -42.18 15.23
C ASN E 326 -9.49 -41.19 14.25
N ASP E 327 -8.20 -40.90 14.45
CA ASP E 327 -7.52 -39.94 13.57
C ASP E 327 -7.61 -40.36 12.11
N LEU E 328 -7.70 -41.67 11.85
CA LEU E 328 -7.80 -42.14 10.47
C LEU E 328 -9.03 -41.57 9.79
N SER E 329 -10.17 -41.55 10.48
CA SER E 329 -11.38 -40.99 9.89
C SER E 329 -11.19 -39.53 9.52
N LEU E 330 -10.61 -38.73 10.43
CA LEU E 330 -10.28 -37.36 10.09
C LEU E 330 -9.26 -37.30 8.97
N TYR E 331 -8.26 -38.18 9.02
CA TYR E 331 -7.28 -38.23 7.94
C TYR E 331 -7.94 -38.66 6.64
N ASN E 332 -8.91 -39.56 6.70
CA ASN E 332 -9.64 -39.95 5.50
C ASN E 332 -10.42 -38.76 4.94
N LEU E 333 -11.05 -37.97 5.80
CA LEU E 333 -11.79 -36.80 5.33
C LEU E 333 -10.85 -35.79 4.67
N PHE E 334 -9.69 -35.55 5.28
CA PHE E 334 -8.71 -34.65 4.67
C PHE E 334 -8.21 -35.19 3.34
N LEU E 335 -7.96 -36.50 3.27
CA LEU E 335 -7.39 -37.10 2.07
C LEU E 335 -8.40 -37.11 0.94
N GLU E 336 -9.69 -37.22 1.25
CA GLU E 336 -10.70 -37.16 0.20
C GLU E 336 -10.64 -35.83 -0.52
N GLU E 337 -10.45 -34.74 0.23
CA GLU E 337 -10.31 -33.43 -0.39
C GLU E 337 -8.98 -33.29 -1.12
N ASN E 338 -7.89 -33.73 -0.50
CA ASN E 338 -6.56 -33.47 -1.02
C ASN E 338 -6.10 -34.48 -2.06
N ILE E 339 -6.91 -35.49 -2.38
CA ILE E 339 -6.48 -36.53 -3.31
C ILE E 339 -6.27 -35.96 -4.71
N SER E 340 -7.08 -34.97 -5.10
CA SER E 340 -6.92 -34.38 -6.42
C SER E 340 -5.51 -33.83 -6.64
N GLU E 341 -4.82 -33.47 -5.57
CA GLU E 341 -3.44 -33.00 -5.70
C GLU E 341 -2.52 -34.13 -6.17
N VAL E 342 -2.87 -35.38 -5.88
CA VAL E 342 -2.03 -36.52 -6.23
C VAL E 342 -2.35 -36.95 -7.65
N LYS E 343 -1.30 -37.13 -8.45
CA LYS E 343 -1.45 -37.47 -9.86
C LYS E 343 -1.76 -38.94 -10.09
N SER E 344 -1.28 -39.82 -9.21
CA SER E 344 -1.54 -41.24 -9.40
C SER E 344 -3.02 -41.56 -9.40
N TYR E 345 -3.81 -40.82 -8.62
CA TYR E 345 -5.24 -41.11 -8.52
C TYR E 345 -5.92 -40.98 -9.87
N LYS E 346 -5.64 -39.90 -10.60
CA LYS E 346 -6.36 -39.64 -11.84
C LYS E 346 -6.19 -40.77 -12.84
N CYS E 347 -4.94 -41.15 -13.11
CA CYS E 347 -4.71 -42.23 -14.08
C CYS E 347 -5.27 -43.56 -13.58
N LEU E 348 -5.08 -43.85 -12.29
CA LEU E 348 -5.51 -45.13 -11.75
C LEU E 348 -7.02 -45.29 -11.84
N LYS E 349 -7.77 -44.24 -11.49
CA LYS E 349 -9.22 -44.32 -11.55
C LYS E 349 -9.70 -44.63 -12.98
N VAL E 350 -8.98 -44.15 -13.97
CA VAL E 350 -9.36 -44.40 -15.37
C VAL E 350 -9.16 -45.87 -15.71
N LEU E 351 -8.07 -46.48 -15.24
CA LEU E 351 -7.81 -47.88 -15.54
C LEU E 351 -8.97 -48.76 -15.08
N GLU E 352 -9.45 -48.55 -13.85
CA GLU E 352 -10.59 -49.32 -13.37
C GLU E 352 -11.82 -49.04 -14.22
N ASN E 353 -12.03 -47.79 -14.61
CA ASN E 353 -13.12 -47.48 -15.52
C ASN E 353 -12.94 -48.18 -16.85
N ILE E 354 -11.71 -48.22 -17.37
CA ILE E 354 -11.43 -49.01 -18.57
C ILE E 354 -11.70 -50.48 -18.30
N LYS E 355 -11.23 -50.98 -17.15
CA LYS E 355 -11.48 -52.37 -16.80
C LYS E 355 -12.97 -52.64 -16.63
N SER E 356 -13.69 -51.71 -15.97
CA SER E 356 -15.13 -51.86 -15.80
C SER E 356 -15.90 -51.75 -17.11
N SER E 357 -15.27 -51.24 -18.17
CA SER E 357 -15.92 -51.18 -19.47
C SER E 357 -16.13 -52.56 -20.10
N GLY E 358 -15.52 -53.60 -19.53
CA GLY E 358 -15.69 -54.95 -20.02
C GLY E 358 -14.69 -55.40 -21.06
N GLN E 359 -13.84 -54.50 -21.53
CA GLN E 359 -12.84 -54.87 -22.54
C GLN E 359 -11.79 -55.77 -21.92
N GLY E 360 -11.49 -56.87 -22.61
CA GLY E 360 -10.53 -57.84 -22.11
C GLY E 360 -9.09 -57.43 -22.37
N ILE E 361 -8.72 -56.23 -21.91
CA ILE E 361 -7.36 -55.72 -22.05
C ILE E 361 -6.62 -55.99 -20.74
N ASP E 362 -5.48 -56.65 -20.83
CA ASP E 362 -4.74 -57.00 -19.63
C ASP E 362 -4.27 -55.73 -18.91
N PRO E 363 -4.25 -55.72 -17.58
CA PRO E 363 -3.76 -54.52 -16.88
C PRO E 363 -2.33 -54.16 -17.21
N MET E 364 -1.47 -55.17 -17.46
CA MET E 364 -0.09 -54.88 -17.83
C MET E 364 -0.01 -54.10 -19.13
N LEU E 365 -0.80 -54.49 -20.14
CA LEU E 365 -0.80 -53.76 -21.40
C LEU E 365 -1.28 -52.33 -21.21
N LEU E 366 -2.26 -52.12 -20.32
CA LEU E 366 -2.67 -50.76 -19.99
C LEU E 366 -1.69 -50.09 -19.04
N LEU E 367 -1.05 -50.85 -18.15
CA LEU E 367 -0.08 -50.26 -17.24
C LEU E 367 1.09 -49.67 -18.01
N THR E 368 1.61 -50.41 -18.99
CA THR E 368 2.69 -49.88 -19.83
C THR E 368 2.21 -48.72 -20.70
N ASN E 369 0.91 -48.60 -20.92
CA ASN E 369 0.34 -47.49 -21.67
C ASN E 369 0.25 -46.21 -20.85
N LEU E 370 0.84 -46.18 -19.66
CA LEU E 370 0.84 -45.01 -18.80
C LEU E 370 2.28 -44.55 -18.60
N GLY E 371 2.53 -43.27 -18.87
CA GLY E 371 3.85 -42.73 -18.69
C GLY E 371 4.19 -42.45 -17.23
N MET E 372 5.48 -42.36 -16.95
CA MET E 372 5.93 -42.08 -15.60
C MET E 372 5.54 -40.67 -15.19
N ILE E 373 5.10 -40.53 -13.95
CA ILE E 373 4.75 -39.23 -13.39
C ILE E 373 6.02 -38.63 -12.76
N LYS E 374 6.35 -37.42 -13.18
CA LYS E 374 7.59 -36.78 -12.74
C LYS E 374 7.41 -36.22 -11.34
N MET E 375 8.27 -36.64 -10.41
CA MET E 375 8.22 -36.15 -9.03
C MET E 375 8.96 -34.82 -8.96
N ASP E 376 8.22 -33.75 -8.71
CA ASP E 376 8.82 -32.43 -8.57
C ASP E 376 9.18 -32.15 -7.11
N ALA F 2 -18.50 4.23 3.27
CA ALA F 2 -18.96 3.23 4.28
C ALA F 2 -18.90 1.83 3.69
N ILE F 3 -19.91 1.00 3.97
CA ILE F 3 -19.89 -0.38 3.51
C ILE F 3 -19.77 -0.43 1.99
N ALA F 4 -20.48 0.47 1.30
CA ALA F 4 -20.44 0.48 -0.16
C ALA F 4 -19.03 0.77 -0.67
N GLN F 5 -18.35 1.73 -0.05
CA GLN F 5 -16.99 2.04 -0.46
C GLN F 5 -16.05 0.89 -0.16
N LEU F 6 -16.32 0.16 0.93
CA LEU F 6 -15.47 -0.95 1.30
C LEU F 6 -15.85 -2.22 0.55
N ALA F 7 -17.15 -2.51 0.49
CA ALA F 7 -17.60 -3.75 -0.15
C ALA F 7 -17.17 -3.79 -1.61
N THR F 8 -17.24 -2.66 -2.30
CA THR F 8 -16.81 -2.61 -3.69
C THR F 8 -15.31 -2.91 -3.80
N GLU F 9 -14.51 -2.42 -2.85
CA GLU F 9 -13.09 -2.73 -2.87
C GLU F 9 -12.86 -4.23 -2.72
N TYR F 10 -13.57 -4.88 -1.78
CA TYR F 10 -13.40 -6.31 -1.59
C TYR F 10 -13.95 -7.10 -2.79
N VAL F 11 -15.12 -6.72 -3.27
CA VAL F 11 -15.73 -7.45 -4.39
C VAL F 11 -14.93 -7.25 -5.66
N PHE F 12 -14.60 -5.99 -5.98
CA PHE F 12 -13.86 -5.72 -7.21
C PHE F 12 -12.45 -6.29 -7.14
N SER F 13 -11.78 -6.15 -5.99
CA SER F 13 -10.43 -6.69 -5.86
C SER F 13 -10.41 -8.19 -6.06
N ASP F 14 -11.39 -8.89 -5.48
CA ASP F 14 -11.48 -10.34 -5.69
C ASP F 14 -11.73 -10.66 -7.15
N PHE F 15 -12.55 -9.84 -7.82
CA PHE F 15 -12.84 -10.08 -9.23
C PHE F 15 -11.57 -10.05 -10.07
N LEU F 16 -10.72 -9.06 -9.86
CA LEU F 16 -9.53 -8.91 -10.68
C LEU F 16 -8.63 -10.14 -10.59
N LEU F 17 -8.67 -10.86 -9.47
CA LEU F 17 -7.86 -12.07 -9.34
C LEU F 17 -8.29 -13.12 -10.36
N LYS F 18 -9.59 -13.24 -10.62
CA LYS F 18 -10.09 -14.29 -11.49
C LYS F 18 -9.56 -14.13 -12.91
N GLU F 19 -9.35 -12.88 -13.35
CA GLU F 19 -9.05 -12.62 -14.76
C GLU F 19 -7.80 -13.34 -15.23
N PRO F 20 -6.63 -13.21 -14.57
CA PRO F 20 -5.40 -13.86 -15.04
C PRO F 20 -5.60 -15.35 -15.36
N ARG F 29 -10.46 -20.05 -18.08
CA ARG F 29 -10.95 -21.33 -17.56
C ARG F 29 -11.58 -21.14 -16.20
N LEU F 30 -12.38 -22.13 -15.80
CA LEU F 30 -13.13 -22.13 -14.54
C LEU F 30 -14.23 -21.08 -14.52
N GLU F 31 -14.52 -20.47 -15.66
CA GLU F 31 -15.62 -19.52 -15.79
C GLU F 31 -16.16 -19.62 -17.20
N LEU F 32 -16.97 -18.64 -17.60
CA LEU F 32 -17.53 -18.62 -18.94
C LEU F 32 -17.60 -17.17 -19.41
N ALA F 33 -17.65 -17.01 -20.74
CA ALA F 33 -17.66 -15.67 -21.31
C ALA F 33 -18.93 -14.91 -20.91
N VAL F 34 -20.08 -15.60 -20.91
CA VAL F 34 -21.36 -14.94 -20.65
C VAL F 34 -21.67 -14.88 -19.16
N ASP F 35 -21.44 -15.98 -18.43
CA ASP F 35 -21.77 -15.99 -17.00
C ASP F 35 -21.00 -14.92 -16.25
N LYS F 36 -19.72 -14.75 -16.57
CA LYS F 36 -18.90 -13.81 -15.83
C LYS F 36 -19.44 -12.40 -16.01
N MET F 37 -19.85 -12.04 -17.22
CA MET F 37 -20.42 -10.72 -17.45
C MET F 37 -21.64 -10.49 -16.57
N VAL F 38 -22.48 -11.51 -16.44
CA VAL F 38 -23.69 -11.39 -15.64
C VAL F 38 -23.33 -11.16 -14.17
N THR F 39 -22.46 -11.99 -13.62
CA THR F 39 -22.10 -11.84 -12.22
C THR F 39 -21.30 -10.57 -11.97
N CYS F 40 -20.69 -10.00 -13.02
CA CYS F 40 -20.01 -8.71 -12.88
C CYS F 40 -21.02 -7.57 -12.82
N ILE F 41 -21.90 -7.49 -13.81
CA ILE F 41 -22.85 -6.38 -13.88
C ILE F 41 -23.77 -6.41 -12.65
N ALA F 42 -24.39 -7.56 -12.38
CA ALA F 42 -25.44 -7.62 -11.39
C ALA F 42 -24.93 -7.42 -9.98
N VAL F 43 -23.61 -7.53 -9.77
CA VAL F 43 -23.03 -7.28 -8.46
C VAL F 43 -22.29 -5.95 -8.39
N GLY F 44 -21.96 -5.37 -9.54
CA GLY F 44 -21.24 -4.10 -9.54
C GLY F 44 -22.15 -2.89 -9.58
N LEU F 45 -23.24 -2.97 -10.35
CA LEU F 45 -24.11 -1.79 -10.48
C LEU F 45 -24.69 -1.34 -9.14
N PRO F 46 -25.36 -2.20 -8.36
CA PRO F 46 -25.90 -1.72 -7.07
C PRO F 46 -24.83 -1.14 -6.16
N LEU F 47 -23.65 -1.76 -6.11
CA LEU F 47 -22.59 -1.27 -5.24
C LEU F 47 -22.20 0.15 -5.62
N LEU F 48 -21.95 0.37 -6.92
CA LEU F 48 -21.55 1.71 -7.38
C LEU F 48 -22.65 2.72 -7.10
N LEU F 49 -23.90 2.34 -7.36
CA LEU F 49 -25.00 3.29 -7.17
C LEU F 49 -25.15 3.68 -5.71
N ILE F 50 -25.07 2.71 -4.79
CA ILE F 50 -25.20 3.06 -3.38
C ILE F 50 -23.98 3.82 -2.89
N SER F 51 -22.80 3.53 -3.43
CA SER F 51 -21.62 4.32 -3.07
C SER F 51 -21.81 5.78 -3.48
N LEU F 52 -22.34 6.01 -4.68
CA LEU F 52 -22.59 7.39 -5.09
C LEU F 52 -23.73 8.00 -4.30
N ALA F 53 -24.67 7.19 -3.82
CA ALA F 53 -25.69 7.70 -2.91
C ALA F 53 -25.08 8.21 -1.61
N PHE F 54 -24.11 7.46 -1.06
CA PHE F 54 -23.42 7.91 0.14
C PHE F 54 -22.62 9.17 -0.13
N ALA F 55 -21.98 9.25 -1.30
CA ALA F 55 -21.30 10.49 -1.67
C ALA F 55 -22.28 11.65 -1.80
N GLN F 56 -23.48 11.39 -2.30
CA GLN F 56 -24.51 12.42 -2.36
C GLN F 56 -24.92 12.86 -0.96
N GLU F 57 -25.01 11.91 -0.02
CA GLU F 57 -25.25 12.29 1.36
C GLU F 57 -24.10 13.13 1.92
N ILE F 58 -22.87 12.87 1.50
CA ILE F 58 -21.76 13.74 1.85
C ILE F 58 -22.03 15.16 1.34
N SER F 59 -22.39 15.29 0.06
CA SER F 59 -22.62 16.59 -0.53
C SER F 59 -23.78 17.31 0.17
N ILE F 60 -24.98 16.77 0.04
CA ILE F 60 -26.15 17.21 0.79
C ILE F 60 -27.00 15.98 1.06
N GLY F 61 -27.33 15.76 2.34
CA GLY F 61 -28.24 14.68 2.69
C GLY F 61 -28.61 14.62 4.14
N THR F 62 -29.91 14.54 4.40
CA THR F 62 -30.44 14.29 5.74
C THR F 62 -31.77 13.58 5.55
N GLN F 63 -31.83 12.31 5.97
CA GLN F 63 -32.98 11.47 5.65
C GLN F 63 -34.30 12.14 6.02
N ILE F 64 -34.36 12.73 7.22
CA ILE F 64 -35.61 13.24 7.75
C ILE F 64 -35.45 14.70 8.14
N SER F 65 -36.58 15.42 8.15
CA SER F 65 -36.60 16.80 8.61
C SER F 65 -38.03 17.14 9.02
N CYS F 66 -38.24 17.37 10.31
CA CYS F 66 -39.56 17.75 10.82
C CYS F 66 -39.65 19.26 11.00
N PHE F 67 -40.85 19.78 10.83
CA PHE F 67 -41.12 21.21 10.93
C PHE F 67 -41.69 21.48 12.33
N SER F 68 -40.86 22.06 13.20
CA SER F 68 -41.30 22.37 14.56
C SER F 68 -41.59 23.86 14.69
N PRO F 69 -42.58 24.24 15.51
CA PRO F 69 -42.94 25.67 15.61
C PRO F 69 -41.77 26.52 16.07
N SER F 70 -41.94 27.83 15.91
CA SER F 70 -40.85 28.77 16.16
C SER F 70 -40.48 28.83 17.64
N SER F 71 -41.42 28.51 18.53
CA SER F 71 -41.12 28.58 19.96
C SER F 71 -40.01 27.61 20.34
N PHE F 72 -40.00 26.42 19.73
CA PHE F 72 -38.98 25.43 20.05
C PHE F 72 -37.59 25.99 19.80
N SER F 73 -36.68 25.69 20.73
CA SER F 73 -35.28 26.08 20.56
C SER F 73 -34.59 25.07 19.64
N TRP F 74 -33.27 25.18 19.53
CA TRP F 74 -32.54 24.28 18.64
C TRP F 74 -32.60 22.84 19.12
N ARG F 75 -32.33 22.62 20.41
CA ARG F 75 -32.24 21.25 20.93
C ARG F 75 -33.60 20.56 20.92
N GLN F 76 -34.68 21.29 21.23
CA GLN F 76 -36.00 20.68 21.20
C GLN F 76 -36.35 20.22 19.79
N ALA F 77 -36.05 21.04 18.79
CA ALA F 77 -36.30 20.65 17.41
C ALA F 77 -35.44 19.46 17.00
N ALA F 78 -34.17 19.44 17.43
CA ALA F 78 -33.33 18.28 17.14
C ALA F 78 -33.91 17.02 17.75
N PHE F 79 -34.43 17.13 18.98
CA PHE F 79 -35.08 15.97 19.60
C PHE F 79 -36.30 15.55 18.82
N VAL F 80 -37.09 16.50 18.33
CA VAL F 80 -38.26 16.16 17.53
C VAL F 80 -37.84 15.38 16.29
N ASP F 81 -36.81 15.87 15.59
CA ASP F 81 -36.35 15.20 14.39
C ASP F 81 -35.88 13.78 14.72
N SER F 82 -35.07 13.63 15.78
CA SER F 82 -34.55 12.32 16.13
C SER F 82 -35.67 11.37 16.56
N TYR F 83 -36.63 11.88 17.33
CA TYR F 83 -37.74 11.03 17.78
C TYR F 83 -38.56 10.54 16.59
N CYS F 84 -38.94 11.44 15.70
CA CYS F 84 -39.69 11.03 14.52
C CYS F 84 -38.85 10.18 13.58
N TRP F 85 -37.53 10.24 13.70
CA TRP F 85 -36.68 9.37 12.89
C TRP F 85 -36.75 7.93 13.37
N ALA F 86 -36.82 7.72 14.68
CA ALA F 86 -36.88 6.40 15.26
C ALA F 86 -38.29 5.91 15.52
N ALA F 87 -39.30 6.76 15.36
CA ALA F 87 -40.69 6.36 15.51
C ALA F 87 -41.29 5.87 14.20
N VAL F 88 -40.51 5.83 13.13
CA VAL F 88 -41.00 5.30 11.86
C VAL F 88 -41.31 3.82 11.99
N GLN F 89 -40.51 3.11 12.79
CA GLN F 89 -40.58 1.65 12.82
C GLN F 89 -41.87 1.12 13.44
N GLN F 90 -42.58 1.92 14.24
CA GLN F 90 -43.75 1.41 14.96
C GLN F 90 -45.02 1.59 14.12
N LYS F 91 -45.40 2.85 13.88
CA LYS F 91 -46.42 3.20 12.90
C LYS F 91 -46.63 4.71 12.99
N ASN F 92 -47.18 5.27 11.92
CA ASN F 92 -47.45 6.70 11.88
C ASN F 92 -48.40 6.99 10.73
N SER F 93 -49.32 7.93 10.95
CA SER F 93 -50.37 8.23 9.99
C SER F 93 -49.91 9.26 8.97
N LEU F 94 -50.54 9.23 7.80
CA LEU F 94 -50.34 10.21 6.75
C LEU F 94 -51.67 10.87 6.45
N GLN F 95 -51.69 12.20 6.34
CA GLN F 95 -52.94 12.89 6.02
C GLN F 95 -53.16 12.97 4.51
N SER F 96 -52.94 11.83 3.85
CA SER F 96 -53.39 11.66 2.47
C SER F 96 -53.83 10.25 2.16
N GLU F 97 -53.81 9.33 3.12
CA GLU F 97 -54.00 7.90 2.88
C GLU F 97 -54.83 7.33 4.01
N SER F 98 -54.84 6.00 4.12
CA SER F 98 -55.52 5.31 5.20
C SER F 98 -54.67 5.37 6.46
N GLY F 99 -55.03 4.56 7.45
CA GLY F 99 -54.38 4.59 8.76
C GLY F 99 -52.87 4.66 8.74
N ASN F 100 -52.21 3.69 8.12
CA ASN F 100 -50.76 3.58 8.16
C ASN F 100 -50.23 3.11 6.81
N LEU F 101 -48.93 2.83 6.76
CA LEU F 101 -48.24 2.41 5.56
C LEU F 101 -46.85 1.90 5.92
N PRO F 102 -46.24 1.00 5.13
CA PRO F 102 -44.86 0.58 5.41
C PRO F 102 -43.87 1.66 4.99
N LEU F 103 -43.29 2.34 5.97
CA LEU F 103 -42.35 3.43 5.72
C LEU F 103 -40.90 3.06 5.98
N TRP F 104 -40.62 2.05 6.81
CA TRP F 104 -39.25 1.75 7.17
C TRP F 104 -38.42 1.28 5.97
N LEU F 105 -39.06 0.92 4.86
CA LEU F 105 -38.30 0.64 3.65
C LEU F 105 -37.46 1.84 3.24
N HIS F 106 -37.96 3.06 3.46
CA HIS F 106 -37.17 4.25 3.15
C HIS F 106 -35.91 4.32 4.01
N LYS F 107 -35.99 3.89 5.27
CA LYS F 107 -34.80 3.87 6.10
C LYS F 107 -33.78 2.86 5.61
N PHE F 108 -34.24 1.66 5.24
CA PHE F 108 -33.36 0.51 5.06
C PHE F 108 -33.03 0.21 3.61
N PHE F 109 -33.48 1.04 2.66
CA PHE F 109 -33.23 0.71 1.25
C PHE F 109 -31.76 0.56 0.92
N PRO F 110 -30.86 1.49 1.30
CA PRO F 110 -29.46 1.34 0.91
C PRO F 110 -28.77 0.14 1.55
N TYR F 111 -29.44 -0.58 2.45
CA TYR F 111 -28.92 -1.81 3.03
C TYR F 111 -29.52 -3.05 2.38
N ILE F 112 -30.76 -2.96 1.90
CA ILE F 112 -31.33 -4.06 1.13
C ILE F 112 -30.50 -4.30 -0.13
N LEU F 113 -29.99 -3.23 -0.74
CA LEU F 113 -29.13 -3.39 -1.90
C LEU F 113 -27.83 -4.10 -1.54
N LEU F 114 -27.28 -3.81 -0.36
CA LEU F 114 -26.11 -4.55 0.10
C LEU F 114 -26.44 -6.03 0.27
N LEU F 115 -27.59 -6.33 0.87
CA LEU F 115 -27.99 -7.73 1.03
C LEU F 115 -28.11 -8.41 -0.33
N PHE F 116 -28.73 -7.73 -1.29
CA PHE F 116 -28.90 -8.31 -2.62
C PHE F 116 -27.56 -8.53 -3.30
N ALA F 117 -26.62 -7.59 -3.14
CA ALA F 117 -25.31 -7.76 -3.73
C ALA F 117 -24.58 -8.96 -3.13
N ILE F 118 -24.65 -9.11 -1.81
CA ILE F 118 -24.02 -10.24 -1.15
C ILE F 118 -24.62 -11.55 -1.66
N LEU F 119 -25.96 -11.61 -1.71
CA LEU F 119 -26.62 -12.83 -2.17
C LEU F 119 -26.29 -13.13 -3.62
N LEU F 120 -26.15 -12.09 -4.45
CA LEU F 120 -25.87 -12.30 -5.86
C LEU F 120 -24.44 -12.76 -6.08
N TYR F 121 -23.49 -12.26 -5.28
CA TYR F 121 -22.11 -12.70 -5.40
C TYR F 121 -21.83 -14.03 -4.73
N LEU F 122 -22.74 -14.49 -3.85
CA LEU F 122 -22.53 -15.79 -3.21
C LEU F 122 -22.43 -16.94 -4.21
N PRO F 123 -23.34 -17.10 -5.16
CA PRO F 123 -23.33 -18.30 -6.01
C PRO F 123 -22.00 -18.47 -6.75
N PRO F 124 -21.45 -17.39 -7.34
CA PRO F 124 -20.13 -17.54 -7.98
C PRO F 124 -19.07 -18.00 -7.00
N LEU F 125 -19.09 -17.51 -5.76
CA LEU F 125 -18.11 -17.97 -4.77
C LEU F 125 -18.26 -19.45 -4.49
N PHE F 126 -19.50 -19.90 -4.28
CA PHE F 126 -19.73 -21.32 -4.05
C PHE F 126 -19.26 -22.15 -5.23
N TRP F 127 -19.52 -21.68 -6.45
CA TRP F 127 -19.06 -22.38 -7.63
C TRP F 127 -17.54 -22.48 -7.66
N ARG F 128 -16.86 -21.38 -7.31
CA ARG F 128 -15.41 -21.41 -7.21
C ARG F 128 -14.94 -22.38 -6.12
N PHE F 129 -15.76 -22.63 -5.11
CA PHE F 129 -15.41 -23.55 -4.03
C PHE F 129 -15.98 -24.95 -4.23
N ALA F 130 -16.65 -25.22 -5.35
CA ALA F 130 -17.27 -26.52 -5.56
C ALA F 130 -17.01 -27.15 -6.92
N ALA F 131 -16.65 -26.39 -7.95
CA ALA F 131 -16.50 -26.94 -9.29
C ALA F 131 -15.26 -26.48 -10.03
N ALA F 132 -14.41 -25.66 -9.42
CA ALA F 132 -13.22 -25.16 -10.10
C ALA F 132 -12.11 -26.21 -10.11
N PRO F 133 -11.79 -26.84 -8.98
CA PRO F 133 -10.66 -27.78 -8.97
C PRO F 133 -10.86 -28.99 -9.88
N HIS F 134 -12.03 -29.63 -9.81
CA HIS F 134 -12.28 -30.80 -10.63
C HIS F 134 -12.23 -30.46 -12.11
N ILE F 135 -12.84 -29.33 -12.49
CA ILE F 135 -12.83 -28.93 -13.89
C ILE F 135 -11.41 -28.63 -14.35
N CYS F 136 -10.63 -27.92 -13.52
CA CYS F 136 -9.25 -27.65 -13.87
C CYS F 136 -8.48 -28.94 -14.12
N SER F 137 -8.59 -29.88 -13.18
CA SER F 137 -7.85 -31.14 -13.31
C SER F 137 -8.27 -31.90 -14.56
N ASP F 138 -9.58 -32.01 -14.80
CA ASP F 138 -10.05 -32.77 -15.95
C ASP F 138 -9.62 -32.12 -17.25
N LEU F 139 -9.71 -30.79 -17.33
CA LEU F 139 -9.33 -30.11 -18.56
C LEU F 139 -7.83 -30.23 -18.81
N LYS F 140 -7.02 -30.12 -17.76
CA LYS F 140 -5.58 -30.28 -17.93
C LYS F 140 -5.26 -31.70 -18.40
N PHE F 141 -5.92 -32.70 -17.81
CA PHE F 141 -5.68 -34.08 -18.24
C PHE F 141 -6.05 -34.26 -19.70
N ILE F 142 -7.21 -33.74 -20.11
CA ILE F 142 -7.65 -33.92 -21.50
C ILE F 142 -6.69 -33.22 -22.46
N MET F 143 -6.26 -31.99 -22.12
CA MET F 143 -5.37 -31.27 -23.00
C MET F 143 -4.02 -31.98 -23.12
N GLU F 144 -3.50 -32.50 -21.99
CA GLU F 144 -2.24 -33.23 -22.05
C GLU F 144 -2.38 -34.50 -22.89
N GLU F 145 -3.50 -35.22 -22.72
CA GLU F 145 -3.70 -36.43 -23.51
C GLU F 145 -3.77 -36.11 -24.99
N LEU F 146 -4.47 -35.04 -25.34
CA LEU F 146 -4.58 -34.67 -26.74
C LEU F 146 -3.23 -34.27 -27.32
N ASP F 147 -2.45 -33.49 -26.56
CA ASP F 147 -1.12 -33.12 -27.02
C ASP F 147 -0.25 -34.36 -27.21
N LYS F 148 -0.35 -35.33 -26.30
CA LYS F 148 0.42 -36.55 -26.42
C LYS F 148 0.01 -37.34 -27.67
N VAL F 149 -1.30 -37.52 -27.88
CA VAL F 149 -1.74 -38.32 -29.01
C VAL F 149 -1.36 -37.65 -30.32
N TYR F 150 -1.39 -36.31 -30.36
CA TYR F 150 -0.93 -35.63 -31.56
C TYR F 150 0.53 -35.92 -31.83
N ASN F 151 1.37 -35.90 -30.79
CA ASN F 151 2.78 -36.21 -30.97
C ASN F 151 2.96 -37.64 -31.47
N ARG F 152 2.17 -38.58 -30.96
CA ARG F 152 2.26 -39.96 -31.42
C ARG F 152 1.94 -40.06 -32.90
N ALA F 153 0.98 -39.26 -33.38
CA ALA F 153 0.62 -39.32 -34.80
C ALA F 153 1.80 -38.96 -35.68
N ILE F 154 2.55 -37.92 -35.31
CA ILE F 154 3.72 -37.54 -36.09
C ILE F 154 4.78 -38.64 -36.05
N LYS F 155 5.01 -39.21 -34.87
CA LYS F 155 6.00 -40.28 -34.76
C LYS F 155 5.61 -41.48 -35.61
N ALA F 156 4.34 -41.88 -35.57
CA ALA F 156 3.88 -42.97 -36.42
C ALA F 156 3.96 -42.57 -37.89
N ALA F 157 3.58 -41.34 -38.22
CA ALA F 157 3.66 -40.87 -39.59
C ALA F 157 5.11 -40.78 -40.06
N LYS F 158 5.97 -40.17 -39.24
CA LYS F 158 7.37 -40.03 -39.62
C LYS F 158 8.05 -41.38 -39.77
N SER F 159 7.82 -42.29 -38.82
CA SER F 159 8.45 -43.61 -38.90
C SER F 159 8.02 -44.35 -40.16
N ALA F 160 6.78 -44.14 -40.60
CA ALA F 160 6.33 -44.76 -41.84
C ALA F 160 7.16 -44.28 -43.02
N ARG F 161 7.52 -42.99 -43.04
CA ARG F 161 8.36 -42.48 -44.12
C ARG F 161 9.74 -43.12 -44.11
N ASP F 162 10.33 -43.30 -42.93
CA ASP F 162 11.68 -43.86 -42.85
C ASP F 162 11.72 -45.28 -43.41
N LEU F 163 10.71 -46.10 -43.07
CA LEU F 163 10.66 -47.45 -43.62
C LEU F 163 10.51 -47.41 -45.13
N ASP F 164 9.69 -46.50 -45.65
CA ASP F 164 9.53 -46.37 -47.08
C ASP F 164 10.85 -45.98 -47.75
N MET F 165 11.58 -45.06 -47.14
CA MET F 165 12.85 -44.59 -47.69
C MET F 165 13.85 -45.74 -47.76
N PHE F 191 -0.25 -48.67 -31.31
CA PHE F 191 -1.34 -47.77 -30.99
C PHE F 191 -1.72 -47.85 -29.52
N LYS F 192 -1.42 -46.78 -28.78
CA LYS F 192 -1.75 -46.74 -27.36
C LYS F 192 -3.26 -46.73 -27.17
N TYR F 193 -3.71 -47.28 -26.05
CA TYR F 193 -5.13 -47.27 -25.75
C TYR F 193 -5.62 -45.82 -25.62
N PRO F 194 -6.75 -45.47 -26.24
CA PRO F 194 -7.21 -44.07 -26.15
C PRO F 194 -7.79 -43.76 -24.79
N ILE F 195 -6.91 -43.44 -23.84
CA ILE F 195 -7.35 -43.23 -22.46
C ILE F 195 -8.35 -42.08 -22.38
N VAL F 196 -8.05 -40.98 -23.06
CA VAL F 196 -8.91 -39.80 -22.99
C VAL F 196 -10.28 -40.10 -23.57
N GLU F 197 -10.33 -40.93 -24.62
CA GLU F 197 -11.61 -41.27 -25.24
C GLU F 197 -12.52 -41.96 -24.24
N GLN F 198 -12.03 -43.02 -23.60
CA GLN F 198 -12.83 -43.72 -22.61
C GLN F 198 -13.11 -42.86 -21.40
N TYR F 199 -12.18 -41.96 -21.04
CA TYR F 199 -12.43 -41.03 -19.95
C TYR F 199 -13.66 -40.18 -20.24
N LEU F 200 -13.73 -39.62 -21.45
CA LEU F 200 -14.88 -38.82 -21.84
C LEU F 200 -16.15 -39.68 -21.91
N LYS F 201 -16.02 -40.90 -22.41
CA LYS F 201 -17.17 -41.80 -22.43
C LYS F 201 -17.72 -42.01 -21.02
N THR F 202 -16.84 -42.23 -20.05
CA THR F 202 -17.27 -42.42 -18.66
C THR F 202 -17.89 -41.14 -18.10
N LYS F 203 -17.26 -39.99 -18.34
CA LYS F 203 -17.80 -38.74 -17.84
C LYS F 203 -19.17 -38.44 -18.40
N LYS F 204 -19.46 -38.93 -19.61
CA LYS F 204 -20.77 -38.70 -20.22
C LYS F 204 -21.89 -39.23 -19.33
N ASN F 205 -21.62 -40.23 -18.50
CA ASN F 205 -22.67 -40.85 -17.70
C ASN F 205 -22.99 -40.04 -16.44
N SER F 206 -22.01 -39.42 -15.83
CA SER F 206 -22.21 -38.74 -14.55
C SER F 206 -23.01 -37.46 -14.72
N ASN F 207 -23.64 -37.03 -13.64
CA ASN F 207 -24.52 -35.86 -13.63
C ASN F 207 -24.28 -35.02 -12.38
N ASN F 208 -23.01 -34.78 -12.06
CA ASN F 208 -22.64 -34.04 -10.85
C ASN F 208 -22.32 -32.58 -11.14
N LEU F 209 -21.33 -32.33 -12.01
CA LEU F 209 -20.95 -30.96 -12.32
C LEU F 209 -22.10 -30.20 -12.98
N ILE F 210 -22.88 -30.89 -13.80
CA ILE F 210 -24.06 -30.26 -14.39
C ILE F 210 -25.04 -29.86 -13.29
N ILE F 211 -25.25 -30.74 -12.31
CA ILE F 211 -26.14 -30.40 -11.20
C ILE F 211 -25.66 -29.14 -10.51
N LYS F 212 -24.36 -29.07 -10.19
CA LYS F 212 -23.84 -27.92 -9.46
C LYS F 212 -23.96 -26.64 -10.28
N TYR F 213 -23.56 -26.70 -11.56
CA TYR F 213 -23.53 -25.52 -12.40
C TYR F 213 -24.93 -25.05 -12.79
N ILE F 214 -25.93 -25.92 -12.73
CA ILE F 214 -27.31 -25.51 -12.95
C ILE F 214 -27.93 -24.97 -11.67
N SER F 215 -27.58 -25.57 -10.52
CA SER F 215 -28.08 -25.06 -9.25
C SER F 215 -27.59 -23.64 -9.00
N CYS F 216 -26.32 -23.37 -9.30
CA CYS F 216 -25.79 -22.03 -9.08
C CYS F 216 -26.54 -21.00 -9.94
N ARG F 217 -26.75 -21.33 -11.22
CA ARG F 217 -27.46 -20.42 -12.10
C ARG F 217 -28.91 -20.23 -11.65
N LEU F 218 -29.55 -21.30 -11.20
CA LEU F 218 -30.92 -21.18 -10.72
C LEU F 218 -31.00 -20.29 -9.49
N LEU F 219 -30.04 -20.43 -8.57
CA LEU F 219 -29.99 -19.57 -7.40
C LEU F 219 -29.82 -18.11 -7.81
N THR F 220 -28.91 -17.85 -8.74
CA THR F 220 -28.69 -16.48 -9.19
C THR F 220 -29.95 -15.90 -9.84
N LEU F 221 -30.63 -16.69 -10.68
CA LEU F 221 -31.84 -16.21 -11.33
C LEU F 221 -32.94 -15.95 -10.31
N ILE F 222 -33.08 -16.82 -9.30
CA ILE F 222 -34.09 -16.61 -8.27
C ILE F 222 -33.81 -15.33 -7.50
N ILE F 223 -32.54 -15.09 -7.16
CA ILE F 223 -32.18 -13.87 -6.45
C ILE F 223 -32.47 -12.66 -7.32
N ILE F 224 -32.19 -12.75 -8.62
CA ILE F 224 -32.45 -11.63 -9.51
C ILE F 224 -33.95 -11.35 -9.59
N LEU F 225 -34.76 -12.40 -9.66
CA LEU F 225 -36.21 -12.21 -9.70
C LEU F 225 -36.72 -11.57 -8.41
N LEU F 226 -36.20 -12.01 -7.26
CA LEU F 226 -36.58 -11.41 -5.99
C LEU F 226 -36.19 -9.94 -5.95
N ALA F 227 -34.99 -9.60 -6.43
CA ALA F 227 -34.58 -8.22 -6.49
C ALA F 227 -35.49 -7.40 -7.41
N CYS F 228 -35.85 -7.96 -8.55
CA CYS F 228 -36.71 -7.26 -9.49
C CYS F 228 -38.07 -6.96 -8.85
N ILE F 229 -38.67 -7.96 -8.21
CA ILE F 229 -39.99 -7.75 -7.63
C ILE F 229 -39.91 -6.75 -6.48
N TYR F 230 -38.86 -6.83 -5.65
CA TYR F 230 -38.73 -5.89 -4.54
C TYR F 230 -38.55 -4.46 -5.05
N LEU F 231 -37.69 -4.28 -6.06
CA LEU F 231 -37.48 -2.95 -6.61
C LEU F 231 -38.75 -2.40 -7.25
N GLY F 232 -39.49 -3.25 -7.96
CA GLY F 232 -40.76 -2.81 -8.51
C GLY F 232 -41.73 -2.37 -7.45
N TYR F 233 -41.85 -3.16 -6.38
CA TYR F 233 -42.75 -2.77 -5.28
C TYR F 233 -42.32 -1.46 -4.67
N TYR F 234 -41.02 -1.27 -4.44
CA TYR F 234 -40.56 -0.03 -3.83
C TYR F 234 -40.82 1.15 -4.76
N PHE F 235 -40.55 1.00 -6.05
CA PHE F 235 -40.83 2.08 -6.99
C PHE F 235 -42.30 2.44 -7.00
N SER F 236 -43.18 1.43 -6.91
CA SER F 236 -44.60 1.71 -6.78
C SER F 236 -44.89 2.46 -5.49
N LEU F 237 -44.29 2.04 -4.38
CA LEU F 237 -44.54 2.69 -3.10
C LEU F 237 -43.95 4.09 -3.05
N SER F 238 -42.69 4.23 -3.45
CA SER F 238 -41.95 5.49 -3.27
C SER F 238 -42.34 6.50 -4.34
N SER F 239 -43.64 6.77 -4.42
CA SER F 239 -44.17 7.79 -5.31
C SER F 239 -45.23 8.68 -4.67
N LEU F 240 -45.79 8.30 -3.52
CA LEU F 240 -46.88 9.05 -2.92
C LEU F 240 -46.77 9.21 -1.41
N SER F 241 -45.90 8.47 -0.72
CA SER F 241 -45.94 8.37 0.74
C SER F 241 -44.57 8.62 1.34
N ASP F 242 -43.89 9.67 0.88
CA ASP F 242 -42.71 10.16 1.59
C ASP F 242 -43.05 11.10 2.73
N GLU F 243 -44.32 11.48 2.88
CA GLU F 243 -44.73 12.43 3.89
C GLU F 243 -44.88 11.72 5.24
N PHE F 244 -45.43 12.41 6.22
CA PHE F 244 -45.39 11.95 7.61
C PHE F 244 -46.35 12.80 8.43
N VAL F 245 -46.80 12.23 9.54
CA VAL F 245 -47.40 12.99 10.63
C VAL F 245 -46.95 12.31 11.92
N CYS F 246 -46.06 12.98 12.66
CA CYS F 246 -45.40 12.40 13.81
C CYS F 246 -45.86 13.09 15.08
N SER F 247 -46.26 12.30 16.06
CA SER F 247 -46.70 12.79 17.37
C SER F 247 -45.62 12.49 18.39
N ILE F 248 -45.29 13.48 19.21
CA ILE F 248 -44.15 13.41 20.13
C ILE F 248 -44.59 13.30 21.58
N LYS F 249 -45.89 13.18 21.86
CA LYS F 249 -46.40 13.15 23.23
C LYS F 249 -46.47 11.69 23.72
N SER F 250 -45.29 11.09 23.87
CA SER F 250 -45.20 9.64 24.11
C SER F 250 -45.37 9.26 25.58
N GLY F 251 -44.40 9.65 26.43
CA GLY F 251 -44.35 9.11 27.78
C GLY F 251 -44.89 10.00 28.88
N ILE F 252 -44.40 11.24 28.96
CA ILE F 252 -44.83 12.17 29.98
C ILE F 252 -45.43 13.43 29.40
N LEU F 253 -45.11 13.78 28.15
CA LEU F 253 -45.63 14.98 27.52
C LEU F 253 -47.11 14.86 27.18
N ARG F 254 -47.69 13.67 27.31
CA ARG F 254 -49.11 13.49 27.02
C ARG F 254 -49.98 14.44 27.82
N ASN F 255 -49.53 14.81 29.02
CA ASN F 255 -50.24 15.78 29.85
C ASN F 255 -49.67 17.18 29.71
N ASP F 256 -48.77 17.40 28.75
CA ASP F 256 -48.16 18.71 28.56
C ASP F 256 -49.04 19.58 27.66
N SER F 257 -48.70 20.87 27.62
CA SER F 257 -49.45 21.86 26.86
C SER F 257 -48.62 22.57 25.79
N THR F 258 -47.38 22.94 26.09
CA THR F 258 -46.59 23.71 25.15
C THR F 258 -46.36 22.93 23.85
N VAL F 259 -46.02 21.65 23.97
CA VAL F 259 -45.73 20.87 22.77
C VAL F 259 -46.99 20.75 21.92
N PRO F 260 -46.91 20.89 20.60
CA PRO F 260 -48.10 20.69 19.76
C PRO F 260 -48.33 19.20 19.52
N ASP F 261 -49.42 18.90 18.80
CA ASP F 261 -49.84 17.52 18.63
C ASP F 261 -49.08 16.84 17.50
N GLN F 262 -49.15 17.38 16.29
CA GLN F 262 -48.62 16.73 15.10
C GLN F 262 -47.54 17.59 14.46
N PHE F 263 -46.45 16.95 14.05
CA PHE F 263 -45.37 17.59 13.30
C PHE F 263 -45.37 16.99 11.90
N GLN F 264 -45.49 17.84 10.88
CA GLN F 264 -45.53 17.39 9.49
C GLN F 264 -44.11 17.13 9.03
N CYS F 265 -43.58 15.97 9.42
CA CYS F 265 -42.26 15.58 9.00
C CYS F 265 -42.29 15.01 7.58
N LYS F 266 -41.12 14.97 6.95
CA LYS F 266 -41.02 14.51 5.57
C LYS F 266 -39.65 13.92 5.31
N LEU F 267 -39.61 12.70 4.82
CA LEU F 267 -38.36 12.10 4.37
C LEU F 267 -37.84 12.84 3.14
N ILE F 268 -36.52 12.87 3.01
CA ILE F 268 -35.86 13.75 2.04
C ILE F 268 -35.27 12.97 0.87
N ALA F 269 -34.70 11.79 1.12
CA ALA F 269 -33.94 11.07 0.11
C ALA F 269 -34.77 9.99 -0.57
N VAL F 270 -36.07 10.24 -0.76
CA VAL F 270 -36.90 9.25 -1.41
C VAL F 270 -36.78 9.33 -2.94
N GLY F 271 -36.55 10.53 -3.48
CA GLY F 271 -36.41 10.64 -4.92
C GLY F 271 -35.19 9.92 -5.45
N ILE F 272 -34.05 10.09 -4.77
CA ILE F 272 -32.82 9.41 -5.18
C ILE F 272 -33.00 7.90 -5.09
N PHE F 273 -33.60 7.43 -4.00
CA PHE F 273 -33.83 6.00 -3.85
C PHE F 273 -34.75 5.48 -4.94
N GLN F 274 -35.78 6.25 -5.30
CA GLN F 274 -36.68 5.85 -6.37
C GLN F 274 -35.94 5.72 -7.70
N LEU F 275 -35.09 6.71 -8.01
CA LEU F 275 -34.33 6.65 -9.26
C LEU F 275 -33.40 5.46 -9.29
N LEU F 276 -32.68 5.22 -8.18
CA LEU F 276 -31.79 4.07 -8.13
C LEU F 276 -32.56 2.77 -8.28
N SER F 277 -33.74 2.69 -7.65
CA SER F 277 -34.56 1.50 -7.74
C SER F 277 -35.00 1.24 -9.18
N VAL F 278 -35.44 2.29 -9.89
CA VAL F 278 -35.90 2.08 -11.26
C VAL F 278 -34.71 1.69 -12.15
N ILE F 279 -33.54 2.29 -11.93
CA ILE F 279 -32.37 1.92 -12.72
C ILE F 279 -32.03 0.46 -12.52
N ASN F 280 -31.98 0.01 -11.26
CA ASN F 280 -31.67 -1.39 -10.99
C ASN F 280 -32.74 -2.30 -11.56
N LEU F 281 -34.01 -1.89 -11.45
CA LEU F 281 -35.09 -2.72 -11.98
C LEU F 281 -34.95 -2.92 -13.48
N VAL F 282 -34.70 -1.84 -14.22
CA VAL F 282 -34.59 -1.98 -15.67
C VAL F 282 -33.35 -2.79 -16.04
N VAL F 283 -32.24 -2.58 -15.32
CA VAL F 283 -31.03 -3.33 -15.64
C VAL F 283 -31.26 -4.82 -15.42
N TYR F 284 -31.87 -5.19 -14.29
CA TYR F 284 -32.09 -6.60 -14.01
C TYR F 284 -33.14 -7.20 -14.94
N VAL F 285 -34.14 -6.40 -15.36
CA VAL F 285 -35.11 -6.89 -16.33
C VAL F 285 -34.41 -7.23 -17.63
N LEU F 286 -33.50 -6.37 -18.07
CA LEU F 286 -32.75 -6.68 -19.29
C LEU F 286 -31.82 -7.87 -19.09
N LEU F 287 -31.25 -8.00 -17.90
CA LEU F 287 -30.23 -9.04 -17.67
C LEU F 287 -30.84 -10.43 -17.49
N ALA F 288 -32.02 -10.54 -16.89
CA ALA F 288 -32.61 -11.84 -16.60
C ALA F 288 -32.69 -12.77 -17.81
N PRO F 289 -33.16 -12.32 -18.97
CA PRO F 289 -33.20 -13.24 -20.13
C PRO F 289 -31.84 -13.80 -20.50
N VAL F 290 -30.75 -13.07 -20.23
CA VAL F 290 -29.42 -13.61 -20.51
C VAL F 290 -29.17 -14.84 -19.64
N VAL F 291 -29.50 -14.74 -18.35
CA VAL F 291 -29.35 -15.89 -17.46
C VAL F 291 -30.25 -17.02 -17.90
N VAL F 292 -31.49 -16.70 -18.27
CA VAL F 292 -32.42 -17.74 -18.72
C VAL F 292 -31.84 -18.48 -19.92
N TYR F 293 -31.32 -17.74 -20.89
CA TYR F 293 -30.74 -18.37 -22.07
C TYR F 293 -29.54 -19.23 -21.70
N THR F 294 -28.58 -18.67 -20.97
CA THR F 294 -27.37 -19.42 -20.66
C THR F 294 -27.67 -20.63 -19.79
N LEU F 295 -28.83 -20.66 -19.12
CA LEU F 295 -29.20 -21.83 -18.33
C LEU F 295 -29.19 -23.10 -19.18
N PHE F 296 -29.66 -23.02 -20.42
CA PHE F 296 -29.73 -24.19 -21.28
C PHE F 296 -28.34 -24.61 -21.73
N VAL F 297 -27.76 -25.60 -21.04
CA VAL F 297 -26.40 -26.03 -21.36
C VAL F 297 -26.29 -26.60 -22.78
N PRO F 298 -27.10 -27.59 -23.18
CA PRO F 298 -26.87 -28.21 -24.50
C PRO F 298 -26.98 -27.24 -25.66
N PHE F 299 -27.89 -26.27 -25.58
CA PHE F 299 -28.08 -25.36 -26.70
C PHE F 299 -26.86 -24.46 -26.90
N ARG F 300 -26.16 -24.11 -25.83
CA ARG F 300 -24.97 -23.29 -25.96
C ARG F 300 -23.88 -23.98 -26.76
N GLN F 301 -23.94 -25.30 -26.89
CA GLN F 301 -22.95 -26.05 -27.67
C GLN F 301 -23.27 -25.88 -29.14
N LYS F 302 -22.84 -24.73 -29.69
CA LYS F 302 -23.14 -24.40 -31.08
C LYS F 302 -22.16 -25.04 -32.04
N THR F 303 -20.87 -25.02 -31.70
CA THR F 303 -19.81 -25.51 -32.57
C THR F 303 -19.28 -26.85 -32.06
N ASP F 304 -18.63 -27.60 -32.94
CA ASP F 304 -17.99 -28.87 -32.58
C ASP F 304 -16.48 -28.69 -32.75
N VAL F 305 -15.81 -28.36 -31.65
CA VAL F 305 -14.36 -28.16 -31.68
C VAL F 305 -13.64 -29.49 -31.88
N LEU F 306 -14.10 -30.56 -31.23
CA LEU F 306 -13.47 -31.86 -31.38
C LEU F 306 -13.59 -32.40 -32.80
N LYS F 307 -14.46 -31.82 -33.63
CA LYS F 307 -14.51 -32.20 -35.03
C LYS F 307 -13.17 -32.01 -35.71
N VAL F 308 -12.34 -31.11 -35.20
CA VAL F 308 -11.03 -30.88 -35.80
C VAL F 308 -10.03 -31.91 -35.32
N TYR F 309 -9.97 -32.14 -34.01
CA TYR F 309 -9.07 -33.17 -33.51
C TYR F 309 -9.46 -34.55 -34.01
N GLU F 310 -10.68 -34.71 -34.52
CA GLU F 310 -11.03 -35.92 -35.23
C GLU F 310 -10.13 -36.14 -36.44
N ILE F 311 -9.50 -35.09 -36.96
CA ILE F 311 -8.67 -35.22 -38.16
C ILE F 311 -7.51 -36.18 -37.90
N LEU F 312 -6.96 -36.15 -36.71
CA LEU F 312 -5.75 -36.91 -36.42
C LEU F 312 -5.99 -38.39 -36.71
N PRO F 313 -5.11 -39.06 -37.47
CA PRO F 313 -5.36 -40.47 -37.78
C PRO F 313 -5.46 -41.35 -36.54
N THR F 314 -4.69 -41.02 -35.49
CA THR F 314 -4.73 -41.81 -34.27
C THR F 314 -6.01 -41.60 -33.48
N PHE F 315 -6.77 -40.55 -33.78
CA PHE F 315 -7.99 -40.24 -33.04
C PHE F 315 -9.18 -40.94 -33.66
N ASP F 316 -9.95 -41.65 -32.83
CA ASP F 316 -11.14 -42.32 -33.32
C ASP F 316 -12.23 -41.29 -33.66
N VAL F 317 -12.97 -41.57 -34.73
CA VAL F 317 -13.99 -40.66 -35.23
C VAL F 317 -15.26 -40.87 -34.39
N LEU F 318 -15.42 -40.07 -33.34
CA LEU F 318 -16.60 -40.10 -32.49
C LEU F 318 -17.13 -38.69 -32.36
N HIS F 319 -18.30 -38.42 -32.95
CA HIS F 319 -18.91 -37.10 -32.90
C HIS F 319 -19.49 -36.88 -31.51
N PHE F 320 -18.92 -35.94 -30.77
CA PHE F 320 -19.31 -35.69 -29.38
C PHE F 320 -20.33 -34.55 -29.31
N LYS F 321 -21.49 -34.79 -29.92
CA LYS F 321 -22.61 -33.85 -29.88
C LYS F 321 -23.60 -34.35 -28.83
N SER F 322 -23.24 -34.14 -27.57
CA SER F 322 -24.09 -34.57 -26.45
C SER F 322 -25.33 -33.69 -26.41
N GLU F 323 -26.49 -34.27 -26.73
CA GLU F 323 -27.74 -33.56 -26.74
C GLU F 323 -28.50 -33.67 -25.42
N GLY F 324 -27.96 -34.41 -24.44
CA GLY F 324 -28.56 -34.52 -23.13
C GLY F 324 -27.82 -33.69 -22.09
N TYR F 325 -28.40 -33.68 -20.89
CA TYR F 325 -27.83 -32.93 -19.77
C TYR F 325 -26.80 -33.82 -19.08
N ASN F 326 -25.58 -33.78 -19.60
CA ASN F 326 -24.48 -34.59 -19.09
C ASN F 326 -23.25 -33.73 -18.93
N ASP F 327 -22.35 -34.16 -18.03
CA ASP F 327 -21.13 -33.39 -17.77
C ASP F 327 -20.34 -33.15 -19.05
N LEU F 328 -20.43 -34.06 -20.02
CA LEU F 328 -19.70 -33.88 -21.27
C LEU F 328 -20.11 -32.58 -21.96
N SER F 329 -21.41 -32.27 -21.95
CA SER F 329 -21.88 -31.03 -22.55
C SER F 329 -21.23 -29.81 -21.89
N LEU F 330 -21.21 -29.79 -20.55
CA LEU F 330 -20.51 -28.73 -19.85
C LEU F 330 -19.02 -28.78 -20.13
N TYR F 331 -18.44 -29.98 -20.14
CA TYR F 331 -17.03 -30.12 -20.49
C TYR F 331 -16.78 -29.65 -21.92
N ASN F 332 -17.71 -29.95 -22.83
CA ASN F 332 -17.58 -29.46 -24.20
C ASN F 332 -17.60 -27.94 -24.25
N LEU F 333 -18.51 -27.32 -23.49
CA LEU F 333 -18.60 -25.87 -23.48
C LEU F 333 -17.31 -25.24 -22.96
N PHE F 334 -16.74 -25.81 -21.90
CA PHE F 334 -15.49 -25.27 -21.37
C PHE F 334 -14.33 -25.50 -22.32
N LEU F 335 -14.26 -26.69 -22.93
CA LEU F 335 -13.22 -26.97 -23.92
C LEU F 335 -13.32 -26.04 -25.11
N GLU F 336 -14.54 -25.60 -25.44
CA GLU F 336 -14.69 -24.66 -26.55
C GLU F 336 -13.89 -23.40 -26.31
N GLU F 337 -13.97 -22.85 -25.09
CA GLU F 337 -13.24 -21.63 -24.78
C GLU F 337 -11.75 -21.90 -24.55
N ASN F 338 -11.42 -23.04 -23.96
CA ASN F 338 -10.03 -23.32 -23.58
C ASN F 338 -9.24 -24.03 -24.67
N ILE F 339 -9.82 -24.27 -25.84
CA ILE F 339 -9.11 -25.00 -26.88
C ILE F 339 -7.95 -24.19 -27.44
N SER F 340 -8.10 -22.87 -27.52
CA SER F 340 -7.03 -22.04 -28.05
C SER F 340 -5.74 -22.22 -27.28
N GLU F 341 -5.83 -22.62 -26.00
CA GLU F 341 -4.64 -22.88 -25.21
C GLU F 341 -3.85 -24.06 -25.78
N VAL F 342 -4.52 -24.99 -26.46
CA VAL F 342 -3.85 -26.17 -26.99
C VAL F 342 -3.22 -25.82 -28.33
N LYS F 343 -1.91 -26.04 -28.44
CA LYS F 343 -1.19 -25.72 -29.68
C LYS F 343 -1.52 -26.68 -30.81
N SER F 344 -1.93 -27.91 -30.49
CA SER F 344 -2.20 -28.88 -31.56
C SER F 344 -3.40 -28.47 -32.40
N TYR F 345 -4.39 -27.80 -31.81
CA TYR F 345 -5.58 -27.42 -32.56
C TYR F 345 -5.22 -26.49 -33.71
N LYS F 346 -4.38 -25.49 -33.46
CA LYS F 346 -4.09 -24.49 -34.48
C LYS F 346 -3.48 -25.14 -35.72
N CYS F 347 -2.41 -25.93 -35.53
CA CYS F 347 -1.79 -26.59 -36.67
C CYS F 347 -2.71 -27.65 -37.27
N LEU F 348 -3.44 -28.39 -36.44
CA LEU F 348 -4.33 -29.42 -36.95
C LEU F 348 -5.45 -28.81 -37.79
N LYS F 349 -6.01 -27.69 -37.35
CA LYS F 349 -7.05 -27.02 -38.13
C LYS F 349 -6.50 -26.57 -39.49
N VAL F 350 -5.22 -26.26 -39.57
CA VAL F 350 -4.62 -25.86 -40.85
C VAL F 350 -4.73 -27.00 -41.85
N LEU F 351 -4.48 -28.23 -41.40
CA LEU F 351 -4.46 -29.37 -42.31
C LEU F 351 -5.81 -29.62 -42.96
N GLU F 352 -6.90 -29.40 -42.23
CA GLU F 352 -8.22 -29.72 -42.75
C GLU F 352 -8.56 -28.88 -43.99
N ASN F 353 -8.32 -27.57 -43.90
CA ASN F 353 -8.81 -26.67 -44.92
C ASN F 353 -7.94 -26.64 -46.18
N ILE F 354 -6.65 -26.96 -46.05
CA ILE F 354 -5.86 -27.20 -47.26
C ILE F 354 -6.42 -28.40 -48.02
N LYS F 355 -6.79 -29.45 -47.28
CA LYS F 355 -7.48 -30.57 -47.90
C LYS F 355 -8.78 -30.13 -48.55
N SER F 356 -9.46 -29.13 -47.96
CA SER F 356 -10.68 -28.60 -48.54
C SER F 356 -10.39 -27.67 -49.72
N SER F 357 -9.23 -27.03 -49.74
CA SER F 357 -8.91 -26.11 -50.83
C SER F 357 -8.76 -26.83 -52.16
N GLY F 358 -8.60 -28.15 -52.15
CA GLY F 358 -8.53 -28.93 -53.37
C GLY F 358 -7.13 -29.30 -53.81
N GLN F 359 -6.09 -28.82 -53.12
CA GLN F 359 -4.73 -29.16 -53.50
C GLN F 359 -4.44 -30.61 -53.16
N GLY F 360 -4.06 -31.40 -54.17
CA GLY F 360 -3.78 -32.80 -53.98
C GLY F 360 -2.44 -33.06 -53.33
N ILE F 361 -2.30 -32.66 -52.07
CA ILE F 361 -1.08 -32.87 -51.31
C ILE F 361 -1.36 -33.93 -50.25
N ASP F 362 -0.57 -35.00 -50.24
CA ASP F 362 -0.84 -36.11 -49.35
C ASP F 362 -0.67 -35.66 -47.89
N PRO F 363 -1.51 -36.15 -46.98
CA PRO F 363 -1.37 -35.74 -45.57
C PRO F 363 -0.02 -36.13 -44.98
N MET F 364 0.56 -37.25 -45.39
CA MET F 364 1.84 -37.67 -44.85
C MET F 364 2.93 -36.64 -45.16
N LEU F 365 2.95 -36.12 -46.39
CA LEU F 365 3.88 -35.05 -46.71
C LEU F 365 3.61 -33.82 -45.84
N LEU F 366 2.34 -33.51 -45.61
CA LEU F 366 1.99 -32.41 -44.73
C LEU F 366 2.23 -32.76 -43.27
N LEU F 367 1.99 -34.01 -42.88
CA LEU F 367 2.15 -34.41 -41.48
C LEU F 367 3.62 -34.35 -41.06
N THR F 368 4.51 -34.93 -41.87
CA THR F 368 5.93 -34.82 -41.60
C THR F 368 6.41 -33.37 -41.67
N ASN F 369 5.61 -32.49 -42.26
CA ASN F 369 5.95 -31.10 -42.44
C ASN F 369 5.52 -30.21 -41.27
N LEU F 370 5.03 -30.82 -40.19
CA LEU F 370 4.59 -30.07 -39.01
C LEU F 370 5.66 -30.17 -37.94
N GLY F 371 6.19 -29.03 -37.50
CA GLY F 371 7.21 -29.04 -36.48
C GLY F 371 6.68 -29.59 -35.17
N MET F 372 7.55 -30.29 -34.45
CA MET F 372 7.15 -30.91 -33.20
C MET F 372 6.89 -29.83 -32.15
N ILE F 373 5.83 -30.03 -31.37
CA ILE F 373 5.41 -29.07 -30.36
C ILE F 373 6.12 -29.41 -29.05
N LYS F 374 6.87 -28.45 -28.52
CA LYS F 374 7.60 -28.65 -27.27
C LYS F 374 6.64 -28.61 -26.09
N MET F 375 6.65 -29.66 -25.28
CA MET F 375 5.79 -29.76 -24.11
C MET F 375 6.57 -29.24 -22.90
N ASP F 376 6.12 -28.12 -22.35
CA ASP F 376 6.78 -27.50 -21.20
C ASP F 376 6.14 -27.98 -19.91
N ARG G 29 -0.53 -5.37 -27.16
CA ARG G 29 -1.39 -6.37 -27.80
C ARG G 29 -2.72 -6.49 -27.06
N LEU G 30 -3.67 -7.16 -27.70
CA LEU G 30 -5.03 -7.31 -27.20
C LEU G 30 -5.77 -5.98 -27.15
N GLU G 31 -5.18 -4.93 -27.72
CA GLU G 31 -5.80 -3.62 -27.84
C GLU G 31 -5.26 -2.97 -29.09
N LEU G 32 -5.50 -1.66 -29.24
CA LEU G 32 -5.01 -0.93 -30.39
C LEU G 32 -4.57 0.45 -29.94
N ALA G 33 -3.69 1.07 -30.73
CA ALA G 33 -3.17 2.38 -30.37
C ALA G 33 -4.29 3.42 -30.27
N VAL G 34 -5.22 3.39 -31.22
CA VAL G 34 -6.25 4.41 -31.27
C VAL G 34 -7.38 4.10 -30.30
N ASP G 35 -7.88 2.86 -30.34
CA ASP G 35 -9.06 2.51 -29.55
C ASP G 35 -8.78 2.65 -28.05
N LYS G 36 -7.57 2.29 -27.61
CA LYS G 36 -7.25 2.40 -26.20
C LYS G 36 -7.34 3.85 -25.73
N MET G 37 -6.87 4.79 -26.55
CA MET G 37 -6.98 6.20 -26.19
C MET G 37 -8.43 6.63 -26.08
N VAL G 38 -9.28 6.13 -26.98
CA VAL G 38 -10.69 6.53 -26.98
C VAL G 38 -11.36 6.09 -25.69
N THR G 39 -11.18 4.82 -25.32
CA THR G 39 -11.83 4.31 -24.11
C THR G 39 -11.29 4.99 -22.86
N CYS G 40 -10.03 5.44 -22.88
CA CYS G 40 -9.49 6.22 -21.77
C CYS G 40 -10.19 7.57 -21.64
N ILE G 41 -10.27 8.31 -22.74
CA ILE G 41 -10.84 9.66 -22.68
C ILE G 41 -12.34 9.59 -22.46
N ALA G 42 -13.02 8.69 -23.19
CA ALA G 42 -14.47 8.62 -23.11
C ALA G 42 -14.98 8.13 -21.76
N VAL G 43 -14.14 7.45 -20.98
CA VAL G 43 -14.50 7.02 -19.64
C VAL G 43 -13.76 7.80 -18.56
N GLY G 44 -12.69 8.50 -18.91
CA GLY G 44 -11.92 9.24 -17.93
C GLY G 44 -12.49 10.62 -17.64
N LEU G 45 -12.85 11.34 -18.70
CA LEU G 45 -13.36 12.70 -18.51
C LEU G 45 -14.61 12.74 -17.65
N PRO G 46 -15.65 11.95 -17.90
CA PRO G 46 -16.83 12.01 -17.02
C PRO G 46 -16.50 11.75 -15.57
N LEU G 47 -15.56 10.85 -15.28
CA LEU G 47 -15.18 10.60 -13.89
C LEU G 47 -14.45 11.79 -13.29
N LEU G 48 -13.46 12.33 -14.01
CA LEU G 48 -12.69 13.45 -13.48
C LEU G 48 -13.58 14.67 -13.27
N LEU G 49 -14.54 14.89 -14.15
CA LEU G 49 -15.37 16.09 -14.05
C LEU G 49 -16.21 16.10 -12.78
N ILE G 50 -16.90 14.98 -12.50
CA ILE G 50 -17.68 14.93 -11.26
C ILE G 50 -16.76 14.96 -10.05
N SER G 51 -15.59 14.32 -10.15
CA SER G 51 -14.67 14.30 -9.01
C SER G 51 -14.28 15.71 -8.61
N LEU G 52 -14.03 16.58 -9.58
CA LEU G 52 -13.78 17.98 -9.26
C LEU G 52 -15.07 18.73 -8.96
N ALA G 53 -16.22 18.21 -9.38
CA ALA G 53 -17.50 18.78 -8.94
C ALA G 53 -17.67 18.59 -7.45
N PHE G 54 -17.36 17.39 -6.95
CA PHE G 54 -17.38 17.15 -5.51
C PHE G 54 -16.31 17.98 -4.81
N ALA G 55 -15.14 18.13 -5.43
CA ALA G 55 -14.06 18.90 -4.83
C ALA G 55 -14.49 20.34 -4.61
N GLN G 56 -15.20 20.92 -5.57
CA GLN G 56 -15.66 22.30 -5.42
C GLN G 56 -16.64 22.42 -4.26
N GLU G 57 -17.52 21.43 -4.09
CA GLU G 57 -18.51 21.49 -3.02
C GLU G 57 -17.86 21.49 -1.64
N ILE G 58 -16.64 20.94 -1.51
CA ILE G 58 -15.95 20.97 -0.22
C ILE G 58 -15.62 22.41 0.15
N SER G 59 -15.05 23.16 -0.80
CA SER G 59 -14.67 24.55 -0.51
C SER G 59 -15.91 25.38 -0.19
N ILE G 60 -16.79 25.56 -1.17
CA ILE G 60 -18.08 26.20 -0.97
C ILE G 60 -19.10 25.52 -1.89
N GLY G 61 -20.19 25.04 -1.32
CA GLY G 61 -21.22 24.41 -2.14
C GLY G 61 -22.40 23.92 -1.34
N THR G 62 -23.60 24.21 -1.86
CA THR G 62 -24.84 23.71 -1.28
C THR G 62 -25.88 23.75 -2.40
N GLN G 63 -26.37 22.57 -2.80
CA GLN G 63 -27.17 22.46 -4.01
C GLN G 63 -28.35 23.44 -3.99
N ILE G 64 -29.11 23.48 -2.90
CA ILE G 64 -30.31 24.31 -2.82
C ILE G 64 -30.18 25.26 -1.65
N SER G 65 -30.89 26.39 -1.76
CA SER G 65 -30.94 27.36 -0.66
C SER G 65 -32.21 28.20 -0.86
N CYS G 66 -33.16 28.05 0.06
CA CYS G 66 -34.40 28.83 0.01
C CYS G 66 -34.33 30.00 0.98
N PHE G 67 -35.01 31.08 0.62
CA PHE G 67 -35.03 32.31 1.41
C PHE G 67 -36.31 32.32 2.25
N SER G 68 -36.17 31.98 3.52
CA SER G 68 -37.32 31.98 4.42
C SER G 68 -37.37 33.29 5.21
N PRO G 69 -38.56 33.79 5.53
CA PRO G 69 -38.65 35.09 6.21
C PRO G 69 -37.94 35.09 7.54
N SER G 70 -37.77 36.29 8.10
CA SER G 70 -37.01 36.45 9.32
C SER G 70 -37.71 35.82 10.52
N SER G 71 -39.03 35.68 10.47
CA SER G 71 -39.75 35.10 11.59
C SER G 71 -39.31 33.67 11.85
N PHE G 72 -39.09 32.90 10.79
CA PHE G 72 -38.66 31.52 10.95
C PHE G 72 -37.37 31.45 11.75
N SER G 73 -37.29 30.47 12.65
CA SER G 73 -36.07 30.22 13.41
C SER G 73 -35.08 29.46 12.54
N TRP G 74 -33.96 29.03 13.13
CA TRP G 74 -32.94 28.33 12.36
C TRP G 74 -33.48 27.00 11.82
N ARG G 75 -34.21 26.25 12.64
CA ARG G 75 -34.65 24.93 12.24
C ARG G 75 -35.74 24.98 11.19
N GLN G 76 -36.75 25.84 11.38
CA GLN G 76 -37.79 25.97 10.37
C GLN G 76 -37.19 26.32 9.01
N ALA G 77 -36.14 27.16 9.01
CA ALA G 77 -35.49 27.52 7.77
C ALA G 77 -34.78 26.33 7.14
N ALA G 78 -34.23 25.44 7.97
CA ALA G 78 -33.55 24.26 7.44
C ALA G 78 -34.56 23.28 6.85
N PHE G 79 -35.76 23.20 7.43
CA PHE G 79 -36.79 22.34 6.86
C PHE G 79 -37.25 22.85 5.51
N VAL G 80 -37.38 24.17 5.37
CA VAL G 80 -37.82 24.74 4.09
C VAL G 80 -36.83 24.39 3.00
N ASP G 81 -35.53 24.52 3.28
CA ASP G 81 -34.52 24.11 2.32
C ASP G 81 -34.63 22.63 2.02
N SER G 82 -34.85 21.81 3.05
CA SER G 82 -34.95 20.37 2.86
C SER G 82 -36.19 20.01 2.06
N TYR G 83 -37.36 20.52 2.46
CA TYR G 83 -38.59 20.15 1.76
C TYR G 83 -38.51 20.48 0.28
N CYS G 84 -38.15 21.72 -0.05
CA CYS G 84 -38.04 22.10 -1.45
C CYS G 84 -36.97 21.30 -2.18
N TRP G 85 -35.98 20.78 -1.46
CA TRP G 85 -34.98 19.93 -2.10
C TRP G 85 -35.59 18.62 -2.56
N ALA G 86 -36.63 18.14 -1.88
CA ALA G 86 -37.29 16.90 -2.25
C ALA G 86 -38.56 17.11 -3.05
N ALA G 87 -39.17 18.30 -2.98
CA ALA G 87 -40.35 18.60 -3.78
C ALA G 87 -40.02 18.88 -5.23
N VAL G 88 -38.74 18.77 -5.62
CA VAL G 88 -38.37 18.96 -7.02
C VAL G 88 -38.89 17.82 -7.87
N GLN G 89 -38.86 16.60 -7.33
CA GLN G 89 -39.19 15.42 -8.12
C GLN G 89 -40.65 15.37 -8.55
N GLN G 90 -41.55 16.09 -7.87
CA GLN G 90 -42.97 16.05 -8.23
C GLN G 90 -43.26 17.12 -9.27
N LYS G 91 -43.13 18.39 -8.91
CA LYS G 91 -43.24 19.51 -9.84
C LYS G 91 -43.10 20.79 -9.03
N ASN G 92 -42.76 21.88 -9.73
CA ASN G 92 -42.67 23.19 -9.09
C ASN G 92 -42.70 24.26 -10.17
N SER G 93 -43.35 25.37 -9.86
CA SER G 93 -43.56 26.45 -10.81
C SER G 93 -42.43 27.46 -10.75
N LEU G 94 -42.17 28.10 -11.90
CA LEU G 94 -41.18 29.16 -12.01
C LEU G 94 -41.87 30.42 -12.54
N GLN G 95 -41.64 31.55 -11.89
CA GLN G 95 -42.31 32.78 -12.29
C GLN G 95 -41.54 33.50 -13.40
N SER G 96 -41.15 32.73 -14.41
CA SER G 96 -40.70 33.30 -15.68
C SER G 96 -41.10 32.43 -16.87
N GLU G 97 -41.84 31.34 -16.66
CA GLU G 97 -42.04 30.32 -17.68
C GLU G 97 -43.49 29.86 -17.61
N SER G 98 -43.77 28.73 -18.26
CA SER G 98 -45.09 28.11 -18.23
C SER G 98 -45.25 27.36 -16.92
N GLY G 99 -46.26 26.49 -16.85
CA GLY G 99 -46.63 25.83 -15.61
C GLY G 99 -45.49 25.12 -14.89
N ASN G 100 -44.73 24.29 -15.61
CA ASN G 100 -43.71 23.45 -14.99
C ASN G 100 -42.49 23.38 -15.90
N LEU G 101 -41.54 22.53 -15.52
CA LEU G 101 -40.29 22.32 -16.25
C LEU G 101 -39.57 21.13 -15.64
N PRO G 102 -38.78 20.37 -16.41
CA PRO G 102 -38.01 19.27 -15.81
C PRO G 102 -36.80 19.81 -15.05
N LEU G 103 -36.89 19.79 -13.72
CA LEU G 103 -35.83 20.30 -12.87
C LEU G 103 -34.99 19.22 -12.21
N TRP G 104 -35.53 18.00 -12.07
CA TRP G 104 -34.79 16.96 -11.36
C TRP G 104 -33.52 16.55 -12.08
N LEU G 105 -33.34 16.92 -13.35
CA LEU G 105 -32.06 16.69 -14.01
C LEU G 105 -30.93 17.38 -13.29
N HIS G 106 -31.23 18.49 -12.60
CA HIS G 106 -30.20 19.16 -11.80
C HIS G 106 -29.78 18.31 -10.61
N LYS G 107 -30.72 17.55 -10.03
CA LYS G 107 -30.37 16.67 -8.92
C LYS G 107 -29.49 15.52 -9.38
N PHE G 108 -29.87 14.88 -10.49
CA PHE G 108 -29.27 13.61 -10.89
C PHE G 108 -28.09 13.76 -11.84
N PHE G 109 -27.70 14.97 -12.22
CA PHE G 109 -26.60 15.11 -13.16
C PHE G 109 -25.33 14.40 -12.69
N PRO G 110 -24.91 14.50 -11.43
CA PRO G 110 -23.76 13.70 -10.98
C PRO G 110 -24.05 12.22 -10.80
N TYR G 111 -25.27 11.77 -11.10
CA TYR G 111 -25.59 10.35 -11.20
C TYR G 111 -25.57 9.85 -12.64
N ILE G 112 -26.03 10.66 -13.59
CA ILE G 112 -26.04 10.25 -14.99
C ILE G 112 -24.63 10.07 -15.50
N LEU G 113 -23.70 10.93 -15.06
CA LEU G 113 -22.32 10.81 -15.54
C LEU G 113 -21.68 9.50 -15.08
N LEU G 114 -22.10 9.00 -13.92
CA LEU G 114 -21.69 7.64 -13.55
C LEU G 114 -22.25 6.62 -14.53
N LEU G 115 -23.50 6.80 -14.94
CA LEU G 115 -24.12 5.85 -15.86
C LEU G 115 -23.37 5.80 -17.18
N PHE G 116 -23.01 6.96 -17.72
CA PHE G 116 -22.27 6.98 -18.99
C PHE G 116 -20.88 6.36 -18.82
N ALA G 117 -20.22 6.64 -17.70
CA ALA G 117 -18.91 6.04 -17.47
C ALA G 117 -19.01 4.52 -17.40
N ILE G 118 -20.04 4.01 -16.72
CA ILE G 118 -20.21 2.56 -16.60
C ILE G 118 -20.53 1.96 -17.96
N LEU G 119 -21.48 2.57 -18.68
CA LEU G 119 -21.90 2.02 -19.96
C LEU G 119 -20.77 2.03 -20.97
N LEU G 120 -20.01 3.11 -21.04
CA LEU G 120 -18.93 3.20 -22.04
C LEU G 120 -17.86 2.16 -21.78
N TYR G 121 -17.56 1.87 -20.51
CA TYR G 121 -16.52 0.90 -20.19
C TYR G 121 -16.98 -0.53 -20.42
N LEU G 122 -18.29 -0.78 -20.54
CA LEU G 122 -18.77 -2.14 -20.70
C LEU G 122 -18.28 -2.79 -21.98
N PRO G 123 -18.41 -2.19 -23.16
CA PRO G 123 -17.95 -2.84 -24.39
C PRO G 123 -16.50 -3.26 -24.29
N PRO G 124 -15.57 -2.34 -23.99
CA PRO G 124 -14.16 -2.76 -23.93
C PRO G 124 -13.90 -3.87 -22.92
N LEU G 125 -14.62 -3.87 -21.79
CA LEU G 125 -14.51 -5.00 -20.87
C LEU G 125 -15.02 -6.28 -21.51
N PHE G 126 -16.13 -6.19 -22.25
CA PHE G 126 -16.65 -7.36 -22.94
C PHE G 126 -15.63 -7.90 -23.94
N TRP G 127 -14.97 -7.01 -24.66
CA TRP G 127 -13.93 -7.45 -25.60
C TRP G 127 -12.78 -8.13 -24.86
N ARG G 128 -12.47 -7.67 -23.65
CA ARG G 128 -11.38 -8.28 -22.89
C ARG G 128 -11.77 -9.64 -22.33
N PHE G 129 -13.03 -10.03 -22.43
CA PHE G 129 -13.50 -11.33 -21.96
C PHE G 129 -13.94 -12.24 -23.10
N ALA G 130 -14.04 -11.71 -24.33
CA ALA G 130 -14.52 -12.49 -25.47
C ALA G 130 -13.57 -12.52 -26.65
N ALA G 131 -12.56 -11.65 -26.70
CA ALA G 131 -11.60 -11.66 -27.81
C ALA G 131 -10.16 -11.49 -27.38
N ALA G 132 -9.87 -11.40 -26.07
CA ALA G 132 -8.49 -11.27 -25.63
C ALA G 132 -7.78 -12.62 -25.70
N PRO G 133 -8.34 -13.69 -25.14
CA PRO G 133 -7.64 -14.98 -25.20
C PRO G 133 -7.47 -15.49 -26.63
N HIS G 134 -8.52 -15.44 -27.43
CA HIS G 134 -8.43 -15.94 -28.80
C HIS G 134 -7.33 -15.21 -29.57
N ILE G 135 -7.28 -13.88 -29.45
CA ILE G 135 -6.24 -13.11 -30.12
C ILE G 135 -4.88 -13.48 -29.54
N CYS G 136 -4.78 -13.55 -28.20
CA CYS G 136 -3.49 -13.79 -27.56
C CYS G 136 -2.84 -15.05 -28.10
N SER G 137 -3.61 -16.13 -28.23
CA SER G 137 -3.06 -17.38 -28.75
C SER G 137 -2.68 -17.24 -30.23
N ASP G 138 -3.58 -16.66 -31.03
CA ASP G 138 -3.39 -16.67 -32.48
C ASP G 138 -2.12 -15.92 -32.89
N LEU G 139 -1.91 -14.73 -32.33
CA LEU G 139 -0.71 -13.97 -32.68
C LEU G 139 0.55 -14.72 -32.25
N LYS G 140 0.53 -15.30 -31.05
CA LYS G 140 1.69 -16.03 -30.57
C LYS G 140 2.05 -17.18 -31.51
N PHE G 141 1.04 -17.93 -31.97
CA PHE G 141 1.31 -19.02 -32.90
C PHE G 141 1.87 -18.51 -34.21
N ILE G 142 1.32 -17.40 -34.72
CA ILE G 142 1.82 -16.83 -35.97
C ILE G 142 3.26 -16.39 -35.80
N MET G 143 3.59 -15.79 -34.66
CA MET G 143 4.97 -15.37 -34.42
C MET G 143 5.92 -16.55 -34.38
N GLU G 144 5.54 -17.63 -33.69
CA GLU G 144 6.41 -18.80 -33.62
C GLU G 144 6.60 -19.42 -34.99
N GLU G 145 5.52 -19.51 -35.77
CA GLU G 145 5.64 -20.08 -37.12
C GLU G 145 6.59 -19.26 -37.97
N LEU G 146 6.50 -17.93 -37.90
CA LEU G 146 7.45 -17.09 -38.61
C LEU G 146 8.86 -17.25 -38.05
N ASP G 147 8.97 -17.45 -36.74
CA ASP G 147 10.27 -17.70 -36.14
C ASP G 147 10.88 -19.00 -36.67
N LYS G 148 10.07 -20.06 -36.75
CA LYS G 148 10.57 -21.33 -37.24
C LYS G 148 10.90 -21.26 -38.72
N VAL G 149 10.00 -20.66 -39.52
CA VAL G 149 10.23 -20.60 -40.96
C VAL G 149 11.46 -19.74 -41.27
N TYR G 150 11.67 -18.67 -40.50
CA TYR G 150 12.86 -17.86 -40.69
C TYR G 150 14.12 -18.66 -40.39
N ASN G 151 14.10 -19.45 -39.31
CA ASN G 151 15.25 -20.30 -39.00
C ASN G 151 15.46 -21.35 -40.08
N ARG G 152 14.37 -21.91 -40.61
CA ARG G 152 14.49 -22.94 -41.63
C ARG G 152 15.19 -22.42 -42.87
N ALA G 153 14.96 -21.14 -43.21
CA ALA G 153 15.62 -20.56 -44.37
C ALA G 153 17.14 -20.57 -44.21
N ILE G 154 17.62 -20.22 -43.02
CA ILE G 154 19.07 -20.24 -42.78
C ILE G 154 19.60 -21.66 -42.91
N LYS G 155 18.89 -22.63 -42.35
CA LYS G 155 19.32 -24.03 -42.47
C LYS G 155 19.37 -24.46 -43.93
N ALA G 156 18.34 -24.12 -44.70
CA ALA G 156 18.34 -24.46 -46.12
C ALA G 156 19.47 -23.74 -46.86
N ALA G 157 19.68 -22.46 -46.55
CA ALA G 157 20.74 -21.71 -47.21
C ALA G 157 22.11 -22.20 -46.79
N LYS G 158 22.32 -22.40 -45.49
CA LYS G 158 23.63 -22.84 -45.01
C LYS G 158 23.98 -24.23 -45.54
N SER G 159 23.02 -25.14 -45.53
CA SER G 159 23.27 -26.48 -46.04
C SER G 159 23.63 -26.46 -47.52
N ALA G 160 23.03 -25.54 -48.28
CA ALA G 160 23.37 -25.42 -49.69
C ALA G 160 24.84 -25.04 -49.87
N ARG G 161 25.33 -24.11 -49.06
CA ARG G 161 26.73 -23.69 -49.18
C ARG G 161 27.67 -24.84 -48.81
N ASP G 162 27.29 -25.65 -47.82
CA ASP G 162 28.15 -26.76 -47.42
C ASP G 162 28.35 -27.75 -48.57
N LEU G 163 27.27 -28.06 -49.30
CA LEU G 163 27.41 -28.91 -50.48
C LEU G 163 28.27 -28.23 -51.54
N ASP G 164 28.11 -26.91 -51.69
CA ASP G 164 28.92 -26.18 -52.67
C ASP G 164 30.41 -26.29 -52.33
N MET G 165 30.75 -26.16 -51.06
CA MET G 165 32.15 -26.27 -50.63
C MET G 165 32.62 -27.71 -50.72
N PHE G 191 11.38 -29.11 -47.87
CA PHE G 191 10.68 -27.86 -47.57
C PHE G 191 9.50 -28.10 -46.65
N LYS G 192 9.60 -27.58 -45.41
CA LYS G 192 8.52 -27.74 -44.46
C LYS G 192 7.33 -26.91 -44.89
N TYR G 193 6.15 -27.53 -44.86
CA TYR G 193 4.94 -26.89 -45.34
C TYR G 193 4.68 -25.61 -44.56
N PRO G 194 4.34 -24.50 -45.23
CA PRO G 194 4.11 -23.22 -44.51
C PRO G 194 2.77 -23.20 -43.79
N ILE G 195 2.75 -23.78 -42.59
CA ILE G 195 1.50 -23.98 -41.86
C ILE G 195 0.79 -22.64 -41.65
N VAL G 196 1.56 -21.59 -41.33
CA VAL G 196 0.96 -20.29 -41.04
C VAL G 196 0.16 -19.78 -42.23
N GLU G 197 0.64 -20.02 -43.44
CA GLU G 197 -0.01 -19.45 -44.62
C GLU G 197 -1.47 -19.86 -44.69
N GLN G 198 -1.76 -21.16 -44.57
CA GLN G 198 -3.14 -21.63 -44.69
C GLN G 198 -3.94 -21.33 -43.43
N TYR G 199 -3.29 -21.13 -42.29
CA TYR G 199 -3.99 -20.61 -41.12
C TYR G 199 -4.59 -19.25 -41.43
N LEU G 200 -3.80 -18.38 -42.07
CA LEU G 200 -4.30 -17.06 -42.46
C LEU G 200 -5.37 -17.18 -43.55
N LYS G 201 -5.19 -18.09 -44.50
CA LYS G 201 -6.18 -18.27 -45.55
C LYS G 201 -7.52 -18.69 -44.95
N THR G 202 -7.49 -19.52 -43.91
CA THR G 202 -8.73 -19.97 -43.29
C THR G 202 -9.39 -18.84 -42.50
N LYS G 203 -8.59 -18.10 -41.72
CA LYS G 203 -9.14 -16.98 -40.98
C LYS G 203 -9.63 -15.88 -41.90
N LYS G 204 -9.14 -15.84 -43.15
CA LYS G 204 -9.70 -14.93 -44.14
C LYS G 204 -11.16 -15.25 -44.43
N ASN G 205 -11.60 -16.48 -44.14
CA ASN G 205 -12.97 -16.89 -44.43
C ASN G 205 -13.91 -16.67 -43.24
N SER G 206 -13.41 -16.77 -42.02
CA SER G 206 -14.24 -16.60 -40.85
C SER G 206 -14.64 -15.14 -40.67
N ASN G 207 -15.76 -14.93 -39.97
CA ASN G 207 -16.25 -13.60 -39.65
C ASN G 207 -16.68 -13.60 -38.19
N ASN G 208 -15.79 -14.08 -37.32
CA ASN G 208 -16.09 -14.20 -35.89
C ASN G 208 -15.56 -13.03 -35.08
N LEU G 209 -14.27 -12.71 -35.23
CA LEU G 209 -13.70 -11.62 -34.43
C LEU G 209 -14.12 -10.26 -34.96
N ILE G 210 -14.31 -10.13 -36.29
CA ILE G 210 -14.72 -8.85 -36.84
C ILE G 210 -16.07 -8.42 -36.28
N ILE G 211 -17.02 -9.36 -36.21
CA ILE G 211 -18.33 -9.03 -35.67
C ILE G 211 -18.22 -8.60 -34.22
N LYS G 212 -17.34 -9.25 -33.45
CA LYS G 212 -17.13 -8.84 -32.07
C LYS G 212 -16.42 -7.49 -31.99
N TYR G 213 -15.46 -7.25 -32.88
CA TYR G 213 -14.70 -6.01 -32.85
C TYR G 213 -15.40 -4.87 -33.58
N ILE G 214 -16.51 -5.15 -34.27
CA ILE G 214 -17.31 -4.08 -34.86
C ILE G 214 -18.53 -3.77 -33.99
N SER G 215 -19.10 -4.79 -33.35
CA SER G 215 -20.18 -4.54 -32.39
C SER G 215 -19.68 -3.72 -31.21
N CYS G 216 -18.48 -4.01 -30.74
CA CYS G 216 -17.93 -3.28 -29.60
C CYS G 216 -17.79 -1.79 -29.91
N ARG G 217 -17.21 -1.47 -31.07
CA ARG G 217 -17.07 -0.07 -31.46
C ARG G 217 -18.43 0.59 -31.65
N LEU G 218 -19.35 -0.10 -32.33
CA LEU G 218 -20.67 0.47 -32.57
C LEU G 218 -21.36 0.82 -31.27
N LEU G 219 -21.28 -0.07 -30.27
CA LEU G 219 -21.85 0.23 -28.97
C LEU G 219 -21.17 1.44 -28.33
N THR G 220 -19.85 1.55 -28.50
CA THR G 220 -19.14 2.70 -27.95
C THR G 220 -19.49 3.98 -28.72
N LEU G 221 -19.94 3.83 -29.97
CA LEU G 221 -20.39 5.01 -30.72
C LEU G 221 -21.83 5.36 -30.37
N ILE G 222 -22.70 4.35 -30.26
CA ILE G 222 -24.10 4.64 -29.94
C ILE G 222 -24.20 5.28 -28.57
N ILE G 223 -23.42 4.79 -27.61
CA ILE G 223 -23.44 5.40 -26.28
C ILE G 223 -22.91 6.83 -26.33
N ILE G 224 -21.82 7.04 -27.08
CA ILE G 224 -21.23 8.38 -27.15
C ILE G 224 -22.24 9.37 -27.70
N LEU G 225 -22.94 8.99 -28.76
CA LEU G 225 -23.95 9.88 -29.34
C LEU G 225 -25.07 10.15 -28.35
N LEU G 226 -25.48 9.11 -27.60
CA LEU G 226 -26.49 9.32 -26.56
C LEU G 226 -25.99 10.31 -25.51
N ALA G 227 -24.69 10.28 -25.21
CA ALA G 227 -24.12 11.27 -24.30
C ALA G 227 -24.14 12.65 -24.92
N CYS G 228 -23.77 12.77 -26.21
CA CYS G 228 -23.74 14.07 -26.85
C CYS G 228 -25.13 14.71 -26.86
N ILE G 229 -26.15 13.93 -27.23
CA ILE G 229 -27.50 14.48 -27.32
C ILE G 229 -28.00 14.91 -25.94
N TYR G 230 -27.79 14.07 -24.92
CA TYR G 230 -28.26 14.43 -23.59
C TYR G 230 -27.58 15.69 -23.07
N LEU G 231 -26.26 15.72 -23.11
CA LEU G 231 -25.54 16.89 -22.60
C LEU G 231 -25.91 18.14 -23.38
N GLY G 232 -26.16 17.99 -24.68
CA GLY G 232 -26.67 19.12 -25.44
C GLY G 232 -28.01 19.60 -24.93
N TYR G 233 -28.92 18.66 -24.62
CA TYR G 233 -30.21 19.04 -24.07
C TYR G 233 -30.05 19.70 -22.70
N TYR G 234 -29.19 19.13 -21.84
CA TYR G 234 -29.01 19.69 -20.51
C TYR G 234 -28.45 21.10 -20.58
N PHE G 235 -27.46 21.33 -21.44
CA PHE G 235 -26.91 22.67 -21.58
C PHE G 235 -27.97 23.65 -22.02
N SER G 236 -28.83 23.24 -22.96
CA SER G 236 -29.95 24.08 -23.35
C SER G 236 -30.87 24.36 -22.17
N LEU G 237 -31.15 23.33 -21.36
CA LEU G 237 -32.02 23.51 -20.21
C LEU G 237 -31.32 24.28 -19.10
N SER G 238 -30.05 23.96 -18.84
CA SER G 238 -29.33 24.55 -17.70
C SER G 238 -28.76 25.93 -18.08
N SER G 239 -29.66 26.80 -18.54
CA SER G 239 -29.32 28.18 -18.83
C SER G 239 -30.36 29.18 -18.36
N LEU G 240 -31.56 28.75 -17.96
CA LEU G 240 -32.64 29.68 -17.65
C LEU G 240 -33.47 29.32 -16.42
N SER G 241 -33.43 28.09 -15.92
CA SER G 241 -34.44 27.59 -14.99
C SER G 241 -33.80 26.99 -13.75
N ASP G 242 -32.86 27.70 -13.14
CA ASP G 242 -32.31 27.29 -11.85
C ASP G 242 -33.09 27.87 -10.69
N GLU G 243 -34.10 28.69 -10.94
CA GLU G 243 -34.88 29.34 -9.89
C GLU G 243 -35.99 28.39 -9.43
N PHE G 244 -36.90 28.91 -8.59
CA PHE G 244 -37.94 28.10 -7.98
C PHE G 244 -39.07 29.01 -7.52
N VAL G 245 -40.22 28.39 -7.28
CA VAL G 245 -41.23 28.94 -6.38
C VAL G 245 -41.80 27.76 -5.62
N CYS G 246 -41.39 27.59 -4.37
CA CYS G 246 -41.66 26.38 -3.60
C CYS G 246 -42.73 26.64 -2.56
N SER G 247 -43.75 25.80 -2.55
CA SER G 247 -44.83 25.85 -1.55
C SER G 247 -44.63 24.74 -0.54
N ILE G 248 -44.92 25.03 0.72
CA ILE G 248 -44.65 24.12 1.82
C ILE G 248 -45.91 23.67 2.54
N LYS G 249 -47.09 24.14 2.13
CA LYS G 249 -48.35 23.82 2.81
C LYS G 249 -48.93 22.53 2.21
N SER G 250 -48.33 21.41 2.59
CA SER G 250 -48.66 20.12 1.97
C SER G 250 -49.69 19.32 2.75
N GLY G 251 -49.35 18.91 3.98
CA GLY G 251 -50.15 17.91 4.67
C GLY G 251 -51.11 18.43 5.72
N ILE G 252 -50.61 19.25 6.64
CA ILE G 252 -51.44 19.80 7.71
C ILE G 252 -51.38 21.31 7.78
N LEU G 253 -50.39 21.94 7.17
CA LEU G 253 -50.22 23.39 7.19
C LEU G 253 -51.14 24.10 6.20
N ARG G 254 -52.14 23.43 5.64
CA ARG G 254 -52.93 24.02 4.57
C ARG G 254 -53.76 25.21 5.07
N ASN G 255 -54.34 25.07 6.26
CA ASN G 255 -55.00 26.11 7.04
C ASN G 255 -54.11 26.66 8.15
N ASP G 256 -52.80 26.52 8.02
CA ASP G 256 -51.88 27.32 8.81
C ASP G 256 -51.87 28.75 8.31
N SER G 257 -51.48 29.68 9.18
CA SER G 257 -51.46 31.10 8.85
C SER G 257 -50.08 31.72 8.97
N THR G 258 -49.27 31.28 9.93
CA THR G 258 -47.95 31.87 10.10
C THR G 258 -47.05 31.60 8.90
N VAL G 259 -47.08 30.37 8.39
CA VAL G 259 -46.23 30.00 7.25
C VAL G 259 -46.65 30.80 6.03
N PRO G 260 -45.71 31.37 5.26
CA PRO G 260 -46.09 32.05 4.03
C PRO G 260 -46.30 31.05 2.89
N ASP G 261 -46.81 31.56 1.78
CA ASP G 261 -47.19 30.70 0.67
C ASP G 261 -45.97 30.22 -0.13
N GLN G 262 -45.21 31.16 -0.68
CA GLN G 262 -44.17 30.85 -1.65
C GLN G 262 -42.80 31.24 -1.12
N PHE G 263 -41.84 30.34 -1.26
CA PHE G 263 -40.43 30.60 -0.96
C PHE G 263 -39.66 30.58 -2.27
N GLN G 264 -38.93 31.66 -2.55
CA GLN G 264 -38.15 31.76 -3.78
C GLN G 264 -36.81 31.04 -3.55
N CYS G 265 -36.86 29.72 -3.68
CA CYS G 265 -35.64 28.94 -3.60
C CYS G 265 -34.85 29.06 -4.90
N LYS G 266 -33.63 28.53 -4.89
CA LYS G 266 -32.76 28.64 -6.05
C LYS G 266 -31.70 27.55 -5.99
N LEU G 267 -31.68 26.67 -6.99
CA LEU G 267 -30.59 25.74 -7.13
C LEU G 267 -29.28 26.50 -7.33
N ILE G 268 -28.20 25.94 -6.79
CA ILE G 268 -26.98 26.70 -6.59
C ILE G 268 -25.85 26.10 -7.43
N ALA G 269 -25.93 24.80 -7.69
CA ALA G 269 -24.89 24.06 -8.40
C ALA G 269 -25.24 23.88 -9.88
N VAL G 270 -25.98 24.82 -10.46
CA VAL G 270 -26.28 24.75 -11.89
C VAL G 270 -25.18 25.40 -12.72
N GLY G 271 -24.57 26.47 -12.20
CA GLY G 271 -23.50 27.12 -12.95
C GLY G 271 -22.34 26.17 -13.24
N ILE G 272 -21.93 25.40 -12.24
CA ILE G 272 -20.84 24.45 -12.44
C ILE G 272 -21.29 23.32 -13.34
N PHE G 273 -22.48 22.76 -13.09
CA PHE G 273 -22.97 21.67 -13.92
C PHE G 273 -23.07 22.08 -15.37
N GLN G 274 -23.45 23.33 -15.63
CA GLN G 274 -23.54 23.81 -17.00
C GLN G 274 -22.17 23.79 -17.67
N LEU G 275 -21.13 24.27 -16.96
CA LEU G 275 -19.79 24.29 -17.55
C LEU G 275 -19.25 22.88 -17.74
N LEU G 276 -19.53 21.97 -16.80
CA LEU G 276 -19.11 20.59 -16.98
C LEU G 276 -19.80 19.95 -18.16
N SER G 277 -21.08 20.27 -18.36
CA SER G 277 -21.83 19.67 -19.47
C SER G 277 -21.26 20.09 -20.82
N VAL G 278 -20.94 21.38 -20.97
CA VAL G 278 -20.40 21.85 -22.25
C VAL G 278 -19.01 21.29 -22.48
N ILE G 279 -18.21 21.15 -21.41
CA ILE G 279 -16.87 20.61 -21.56
C ILE G 279 -16.92 19.17 -22.06
N ASN G 280 -17.85 18.37 -21.53
CA ASN G 280 -18.03 17.01 -22.04
C ASN G 280 -18.55 17.05 -23.47
N LEU G 281 -19.50 17.94 -23.76
CA LEU G 281 -20.12 17.93 -25.08
C LEU G 281 -19.10 18.20 -26.18
N VAL G 282 -18.21 19.16 -25.96
CA VAL G 282 -17.23 19.50 -26.98
C VAL G 282 -16.26 18.35 -27.21
N VAL G 283 -15.88 17.65 -26.13
CA VAL G 283 -14.94 16.55 -26.26
C VAL G 283 -15.58 15.39 -27.01
N TYR G 284 -16.78 14.98 -26.60
CA TYR G 284 -17.43 13.86 -27.26
C TYR G 284 -17.74 14.19 -28.73
N VAL G 285 -17.93 15.48 -29.04
CA VAL G 285 -18.10 15.87 -30.43
C VAL G 285 -16.79 15.72 -31.18
N LEU G 286 -15.69 16.17 -30.58
CA LEU G 286 -14.37 16.00 -31.20
C LEU G 286 -13.97 14.54 -31.24
N LEU G 287 -14.29 13.77 -30.20
CA LEU G 287 -13.87 12.38 -30.12
C LEU G 287 -14.68 11.47 -31.04
N ALA G 288 -15.96 11.79 -31.26
CA ALA G 288 -16.82 10.93 -32.06
C ALA G 288 -16.23 10.59 -33.43
N PRO G 289 -15.71 11.54 -34.21
CA PRO G 289 -15.14 11.16 -35.52
C PRO G 289 -14.03 10.13 -35.41
N VAL G 290 -13.22 10.17 -34.34
CA VAL G 290 -12.16 9.18 -34.19
C VAL G 290 -12.76 7.77 -34.10
N VAL G 291 -13.85 7.63 -33.36
CA VAL G 291 -14.52 6.32 -33.29
C VAL G 291 -15.10 5.96 -34.65
N VAL G 292 -15.60 6.94 -35.40
CA VAL G 292 -16.13 6.67 -36.73
C VAL G 292 -15.03 6.21 -37.66
N TYR G 293 -13.88 6.90 -37.63
CA TYR G 293 -12.78 6.52 -38.50
C TYR G 293 -12.27 5.12 -38.16
N THR G 294 -11.95 4.89 -36.89
CA THR G 294 -11.39 3.61 -36.49
C THR G 294 -12.35 2.46 -36.75
N LEU G 295 -13.65 2.75 -36.87
CA LEU G 295 -14.62 1.71 -37.18
C LEU G 295 -14.26 0.98 -38.46
N PHE G 296 -13.82 1.72 -39.48
CA PHE G 296 -13.44 1.13 -40.75
C PHE G 296 -12.16 0.32 -40.56
N VAL G 297 -12.28 -0.99 -40.56
CA VAL G 297 -11.15 -1.90 -40.33
C VAL G 297 -10.24 -1.96 -41.55
N PRO G 298 -10.75 -2.35 -42.72
CA PRO G 298 -9.84 -2.56 -43.87
C PRO G 298 -9.03 -1.33 -44.23
N PHE G 299 -9.61 -0.14 -44.13
CA PHE G 299 -8.87 1.07 -44.50
C PHE G 299 -7.70 1.32 -43.54
N ARG G 300 -7.83 0.93 -42.28
CA ARG G 300 -6.75 1.15 -41.32
C ARG G 300 -5.50 0.37 -41.68
N GLN G 301 -5.61 -0.67 -42.52
CA GLN G 301 -4.45 -1.42 -42.96
C GLN G 301 -3.70 -0.57 -43.99
N LYS G 302 -2.94 0.40 -43.46
CA LYS G 302 -2.18 1.30 -44.33
C LYS G 302 -0.84 0.69 -44.72
N THR G 303 -0.32 -0.22 -43.92
CA THR G 303 0.98 -0.84 -44.16
C THR G 303 0.82 -2.35 -44.27
N ASP G 304 1.55 -2.95 -45.20
CA ASP G 304 1.55 -4.40 -45.41
C ASP G 304 2.86 -4.93 -44.87
N VAL G 305 2.87 -5.28 -43.57
CA VAL G 305 4.09 -5.70 -42.91
C VAL G 305 4.59 -7.02 -43.49
N LEU G 306 3.67 -7.91 -43.85
CA LEU G 306 4.07 -9.20 -44.39
C LEU G 306 4.81 -9.07 -45.72
N LYS G 307 4.76 -7.90 -46.36
CA LYS G 307 5.52 -7.68 -47.58
C LYS G 307 7.02 -7.85 -47.35
N VAL G 308 7.48 -7.71 -46.10
CA VAL G 308 8.89 -7.92 -45.81
C VAL G 308 9.19 -9.40 -45.61
N TYR G 309 8.34 -10.10 -44.86
CA TYR G 309 8.58 -11.52 -44.62
C TYR G 309 8.45 -12.35 -45.90
N GLU G 310 7.87 -11.77 -46.95
CA GLU G 310 7.89 -12.43 -48.26
C GLU G 310 9.31 -12.55 -48.80
N ILE G 311 10.25 -11.74 -48.30
CA ILE G 311 11.62 -11.78 -48.78
C ILE G 311 12.22 -13.16 -48.55
N LEU G 312 11.89 -13.80 -47.44
CA LEU G 312 12.47 -15.08 -47.11
C LEU G 312 12.22 -16.08 -48.24
N PRO G 313 13.23 -16.80 -48.71
CA PRO G 313 12.99 -17.80 -49.76
C PRO G 313 11.97 -18.86 -49.35
N THR G 314 11.92 -19.20 -48.06
CA THR G 314 11.01 -20.23 -47.58
C THR G 314 9.57 -19.76 -47.52
N PHE G 315 9.30 -18.46 -47.65
CA PHE G 315 7.96 -17.90 -47.55
C PHE G 315 7.39 -17.70 -48.94
N ASP G 316 6.16 -18.17 -49.16
CA ASP G 316 5.50 -18.01 -50.43
C ASP G 316 5.13 -16.56 -50.67
N VAL G 317 5.17 -16.14 -51.93
CA VAL G 317 4.86 -14.76 -52.32
C VAL G 317 3.33 -14.65 -52.38
N LEU G 318 2.75 -14.01 -51.37
CA LEU G 318 1.30 -13.80 -51.31
C LEU G 318 1.04 -12.41 -50.73
N HIS G 319 0.30 -11.60 -51.48
CA HIS G 319 -0.06 -10.25 -51.02
C HIS G 319 -1.29 -10.38 -50.14
N PHE G 320 -1.11 -10.22 -48.83
CA PHE G 320 -2.21 -10.33 -47.87
C PHE G 320 -2.86 -8.98 -47.64
N LYS G 321 -3.51 -8.48 -48.71
CA LYS G 321 -4.23 -7.22 -48.67
C LYS G 321 -5.72 -7.52 -48.74
N SER G 322 -6.33 -7.69 -47.56
CA SER G 322 -7.73 -8.06 -47.46
C SER G 322 -8.59 -6.82 -47.49
N GLU G 323 -9.26 -6.58 -48.63
CA GLU G 323 -10.14 -5.44 -48.76
C GLU G 323 -11.46 -5.66 -48.02
N GLY G 324 -11.95 -6.90 -47.97
CA GLY G 324 -13.22 -7.20 -47.34
C GLY G 324 -13.12 -7.25 -45.84
N TYR G 325 -14.30 -7.39 -45.21
CA TYR G 325 -14.41 -7.45 -43.75
C TYR G 325 -14.19 -8.90 -43.31
N ASN G 326 -12.91 -9.27 -43.17
CA ASN G 326 -12.52 -10.61 -42.77
C ASN G 326 -11.59 -10.51 -41.56
N ASP G 327 -11.59 -11.58 -40.76
CA ASP G 327 -10.74 -11.61 -39.57
C ASP G 327 -9.29 -11.31 -39.91
N LEU G 328 -8.82 -11.76 -41.08
CA LEU G 328 -7.45 -11.47 -41.49
C LEU G 328 -7.17 -9.98 -41.43
N SER G 329 -8.10 -9.16 -41.93
CA SER G 329 -7.90 -7.72 -41.89
C SER G 329 -7.71 -7.22 -40.47
N LEU G 330 -8.55 -7.70 -39.54
CA LEU G 330 -8.36 -7.35 -38.14
C LEU G 330 -7.04 -7.88 -37.60
N TYR G 331 -6.70 -9.12 -37.96
CA TYR G 331 -5.43 -9.68 -37.49
C TYR G 331 -4.26 -8.89 -38.05
N ASN G 332 -4.38 -8.43 -39.29
CA ASN G 332 -3.32 -7.60 -39.86
C ASN G 332 -3.11 -6.33 -39.03
N LEU G 333 -4.21 -5.68 -38.63
CA LEU G 333 -4.09 -4.49 -37.80
C LEU G 333 -3.42 -4.82 -36.48
N PHE G 334 -3.80 -5.94 -35.86
CA PHE G 334 -3.15 -6.35 -34.62
C PHE G 334 -1.69 -6.72 -34.86
N LEU G 335 -1.40 -7.45 -35.94
CA LEU G 335 -0.04 -7.91 -36.18
C LEU G 335 0.90 -6.75 -36.47
N GLU G 336 0.45 -5.78 -37.27
CA GLU G 336 1.31 -4.62 -37.56
C GLU G 336 1.80 -3.96 -36.28
N GLU G 337 0.97 -3.92 -35.25
CA GLU G 337 1.38 -3.32 -33.99
C GLU G 337 2.43 -4.15 -33.27
N ASN G 338 2.26 -5.48 -33.29
CA ASN G 338 3.10 -6.38 -32.51
C ASN G 338 4.29 -6.94 -33.30
N ILE G 339 4.44 -6.56 -34.57
CA ILE G 339 5.56 -7.09 -35.34
C ILE G 339 6.89 -6.70 -34.73
N SER G 340 6.93 -5.56 -34.03
CA SER G 340 8.17 -5.13 -33.41
C SER G 340 8.70 -6.14 -32.40
N GLU G 341 7.83 -7.02 -31.88
CA GLU G 341 8.28 -8.04 -30.95
C GLU G 341 9.08 -9.12 -31.65
N VAL G 342 8.87 -9.30 -32.95
CA VAL G 342 9.57 -10.34 -33.70
C VAL G 342 10.96 -9.85 -34.09
N LYS G 343 11.95 -10.71 -33.87
CA LYS G 343 13.33 -10.39 -34.22
C LYS G 343 13.61 -10.54 -35.71
N SER G 344 12.94 -11.47 -36.40
CA SER G 344 13.22 -11.69 -37.81
C SER G 344 12.90 -10.47 -38.65
N TYR G 345 11.88 -9.69 -38.25
CA TYR G 345 11.48 -8.54 -39.04
C TYR G 345 12.62 -7.54 -39.17
N LYS G 346 13.30 -7.24 -38.06
CA LYS G 346 14.32 -6.21 -38.09
C LYS G 346 15.45 -6.57 -39.05
N CYS G 347 16.02 -7.77 -38.90
CA CYS G 347 17.13 -8.17 -39.76
C CYS G 347 16.67 -8.31 -41.20
N LEU G 348 15.51 -8.91 -41.43
CA LEU G 348 15.05 -9.14 -42.80
C LEU G 348 14.81 -7.83 -43.53
N LYS G 349 14.22 -6.84 -42.86
CA LYS G 349 14.00 -5.55 -43.50
C LYS G 349 15.31 -4.91 -43.91
N VAL G 350 16.36 -5.07 -43.08
CA VAL G 350 17.67 -4.55 -43.43
C VAL G 350 18.18 -5.22 -44.71
N LEU G 351 17.89 -6.50 -44.88
CA LEU G 351 18.34 -7.21 -46.07
C LEU G 351 17.77 -6.58 -47.33
N GLU G 352 16.48 -6.24 -47.32
CA GLU G 352 15.88 -5.61 -48.50
C GLU G 352 16.50 -4.25 -48.79
N ASN G 353 16.72 -3.44 -47.74
CA ASN G 353 17.30 -2.13 -47.96
C ASN G 353 18.70 -2.24 -48.55
N ILE G 354 19.51 -3.17 -48.05
CA ILE G 354 20.83 -3.40 -48.63
C ILE G 354 20.69 -3.88 -50.07
N LYS G 355 19.76 -4.81 -50.32
CA LYS G 355 19.49 -5.23 -51.69
C LYS G 355 19.00 -4.07 -52.53
N SER G 356 18.10 -3.25 -51.98
CA SER G 356 17.66 -2.04 -52.67
C SER G 356 18.76 -1.00 -52.78
N SER G 357 19.85 -1.15 -52.03
CA SER G 357 20.98 -0.23 -52.14
C SER G 357 21.69 -0.32 -53.48
N GLY G 358 21.41 -1.35 -54.28
CA GLY G 358 21.99 -1.48 -55.59
C GLY G 358 23.29 -2.26 -55.65
N GLN G 359 23.73 -2.85 -54.55
CA GLN G 359 24.95 -3.65 -54.54
C GLN G 359 24.65 -5.08 -54.95
N GLY G 360 25.50 -5.63 -55.82
CA GLY G 360 25.30 -6.96 -56.34
C GLY G 360 25.74 -8.05 -55.39
N ILE G 361 25.39 -7.93 -54.12
CA ILE G 361 25.71 -8.95 -53.12
C ILE G 361 24.64 -10.03 -53.16
N ASP G 362 25.06 -11.27 -53.35
CA ASP G 362 24.11 -12.36 -53.43
C ASP G 362 23.40 -12.54 -52.09
N PRO G 363 22.10 -12.86 -52.09
CA PRO G 363 21.39 -13.02 -50.81
C PRO G 363 21.97 -14.11 -49.92
N MET G 364 22.51 -15.18 -50.52
CA MET G 364 23.08 -16.26 -49.71
C MET G 364 24.26 -15.76 -48.88
N LEU G 365 25.11 -14.92 -49.47
CA LEU G 365 26.26 -14.40 -48.75
C LEU G 365 25.82 -13.58 -47.53
N LEU G 366 24.76 -12.79 -47.69
CA LEU G 366 24.23 -12.02 -46.57
C LEU G 366 23.49 -12.91 -45.58
N LEU G 367 22.86 -13.98 -46.04
CA LEU G 367 22.11 -14.86 -45.14
C LEU G 367 23.03 -15.53 -44.14
N THR G 368 24.12 -16.14 -44.62
CA THR G 368 25.06 -16.78 -43.72
C THR G 368 25.72 -15.78 -42.78
N ASN G 369 25.73 -14.50 -43.15
CA ASN G 369 26.29 -13.46 -42.28
C ASN G 369 25.43 -13.23 -41.04
N LEU G 370 24.12 -13.38 -41.15
CA LEU G 370 23.21 -13.13 -40.04
C LEU G 370 23.27 -14.28 -39.04
N GLY G 371 23.33 -13.95 -37.75
CA GLY G 371 23.37 -14.97 -36.73
C GLY G 371 22.03 -15.63 -36.51
N MET G 372 22.07 -16.83 -35.95
CA MET G 372 20.85 -17.57 -35.67
C MET G 372 20.14 -16.96 -34.46
N ILE G 373 18.84 -16.72 -34.59
CA ILE G 373 18.06 -16.07 -33.54
C ILE G 373 17.65 -17.12 -32.52
N LYS G 374 17.96 -16.87 -31.25
CA LYS G 374 17.60 -17.79 -30.19
C LYS G 374 16.11 -17.65 -29.87
N MET G 375 15.43 -18.80 -29.77
CA MET G 375 14.00 -18.84 -29.46
C MET G 375 13.86 -19.11 -27.97
N ASP G 376 13.44 -18.08 -27.22
CA ASP G 376 13.29 -18.20 -25.78
C ASP G 376 11.88 -18.67 -25.42
C1 NAG H . -46.58 43.38 -7.20
C2 NAG H . -46.90 42.82 -8.58
C3 NAG H . -48.40 42.60 -8.76
C4 NAG H . -48.97 41.80 -7.60
C5 NAG H . -48.56 42.41 -6.26
C6 NAG H . -49.03 41.53 -5.10
C7 NAG H . -46.41 43.32 -10.91
C8 NAG H . -45.96 44.34 -11.92
N2 NAG H . -46.42 43.70 -9.63
O3 NAG H . -48.65 41.90 -9.97
O4 NAG H . -50.40 41.78 -7.71
O5 NAG H . -47.15 42.55 -6.18
O6 NAG H . -48.17 41.71 -3.98
O7 NAG H . -46.74 42.19 -11.23
C01 AJP I . 1.24 19.54 1.44
C02 AJP I . 2.42 20.48 1.33
C03 AJP I . 2.42 21.25 0.00
C04 AJP I . 2.59 20.28 -1.16
C05 AJP I . 3.68 19.27 -0.90
C06 AJP I . 4.64 19.00 -2.05
C07 AJP I . 4.08 17.72 -2.71
C08 AJP I . 2.77 17.47 -1.92
O09 AJP I . 3.07 18.02 -0.62
C10 AJP I . 2.58 15.95 -1.84
C11 AJP I . 3.59 15.42 -2.88
C12 AJP I . 4.81 16.34 -2.67
C13 AJP I . 5.76 16.07 -3.83
C14 AJP I . 6.15 14.59 -3.89
C15 AJP I . 4.95 13.64 -3.97
C16 AJP I . 3.93 13.94 -2.85
C17 AJP I . 2.69 13.06 -3.00
C18 AJP I . 3.06 11.59 -2.99
C19 AJP I . 4.03 11.27 -4.12
C20 AJP I . 5.33 12.13 -4.04
C21 AJP I . 6.19 11.84 -5.30
C22 AJP I . 5.87 10.52 -5.98
C23 AJP I . 5.57 9.44 -4.96
C24 AJP I . 4.30 9.77 -4.20
O25 AJP I . 5.42 8.16 -5.61
C26 AJP I . 4.98 7.07 -4.85
C27 AJP I . 5.04 5.82 -5.72
C28 AJP I . 4.54 4.64 -4.90
C29 AJP I . 5.36 4.49 -3.63
C30 AJP I . 5.43 5.79 -2.83
O31 AJP I . 5.81 6.89 -3.70
C32 AJP I . 4.12 6.15 -2.17
O33 AJP I . 4.26 7.30 -1.34
O34 AJP I . 6.69 4.09 -3.98
C35 AJP I . 7.29 3.08 -3.19
C36 AJP I . 6.66 1.75 -3.58
C37 AJP I . 7.21 0.64 -2.68
C38 AJP I . 6.98 1.00 -1.23
C39 AJP I . 7.58 2.38 -0.88
O40 AJP I . 7.07 3.38 -1.81
C41 AJP I . 9.10 2.44 -0.94
O42 AJP I . 9.70 1.55 -0.01
O43 AJP I . 7.53 0.00 -0.37
O44 AJP I . 8.63 0.44 -2.84
C45 AJP I . 9.08 -0.24 -3.98
C46 AJP I . 10.57 -0.51 -3.84
C47 AJP I . 10.80 -1.43 -2.65
C48 AJP I . 9.97 -2.70 -2.79
C49 AJP I . 8.51 -2.32 -3.01
O50 AJP I . 8.37 -1.46 -4.15
O51 AJP I . 10.07 -3.51 -1.62
O52 AJP I . 12.19 -1.77 -2.56
O53 AJP I . 11.07 -1.08 -5.05
O54 AJP I . 6.93 1.51 -4.96
C55 AJP I . 6.34 0.37 -5.53
C56 AJP I . 6.76 0.24 -6.99
C57 AJP I . 6.30 -1.11 -7.46
C58 AJP I . 4.78 -1.13 -7.42
C59 AJP I . 4.22 -0.74 -6.03
O60 AJP I . 4.92 0.42 -5.47
C61 AJP I . 4.30 -1.86 -5.01
O62 AJP I . 5.45 -2.68 -5.14
O63 AJP I . 4.29 -2.41 -7.79
O64 AJP I . 6.77 -1.36 -8.79
C65 AJP I . 7.45 -2.58 -8.99
C66 AJP I . 8.87 -2.46 -8.43
C67 AJP I . 9.71 -3.68 -8.78
C68 AJP I . 9.60 -4.05 -10.25
C69 AJP I . 8.16 -4.07 -10.76
O70 AJP I . 7.49 -2.85 -10.39
C71 AJP I . 7.34 -5.23 -10.23
O72 AJP I . 5.97 -5.09 -10.59
O73 AJP I . 10.19 -5.33 -10.47
O74 AJP I . 9.36 -4.78 -7.94
O75 AJP I . 8.85 -2.30 -7.02
O76 AJP I . 8.18 0.40 -7.13
O77 AJP I . 4.61 3.46 -5.69
O78 AJP I . 6.36 5.63 -6.22
O79 AJP I . 4.75 10.69 -6.86
C80 AJP I . 6.15 11.73 -2.80
C81 AJP I . 5.50 16.07 -1.32
O82 AJP I . 2.87 15.46 -0.55
C83 AJP I . 6.12 18.98 -1.71
O84 AJP I . 4.46 19.69 0.23
C85 AJP I . 3.73 19.73 1.45
O12 PC1 J . -5.36 -0.57 -17.31
P PC1 J . -6.31 0.16 -16.41
O14 PC1 J . -7.79 0.09 -16.67
O13 PC1 J . -5.86 1.70 -16.42
C11 PC1 J . -6.12 2.54 -17.58
C12 PC1 J . -5.71 3.96 -17.26
N PC1 J . -6.03 5.02 -18.29
C13 PC1 J . -5.40 4.68 -19.59
C14 PC1 J . -7.50 5.12 -18.47
C15 PC1 J . -5.52 6.33 -17.83
O11 PC1 J . -6.03 -0.27 -14.88
C1 PC1 J . -6.95 0.13 -13.82
C2 PC1 J . -7.26 1.61 -13.88
O21 PC1 J . -7.22 2.20 -12.56
C21 PC1 J . -6.03 2.35 -11.97
O22 PC1 J . -5.06 1.69 -12.28
C22 PC1 J . -6.02 3.46 -10.97
C23 PC1 J . -7.02 3.29 -9.87
C24 PC1 J . -7.12 4.51 -8.98
C25 PC1 J . -8.02 4.34 -7.79
C26 PC1 J . -8.13 5.55 -6.90
C27 PC1 J . -9.05 5.38 -5.72
C28 PC1 J . -9.30 6.63 -4.93
C29 PC1 J . -10.45 6.52 -3.96
C2A PC1 J . -10.71 7.77 -3.16
C2B PC1 J . -12.14 7.94 -2.73
C2C PC1 J . -12.37 9.13 -1.84
C2D PC1 J . -11.93 8.93 -0.41
C2E PC1 J . -11.53 10.21 0.29
C2F PC1 J . -12.16 10.40 1.65
C2G PC1 J . -11.93 11.76 2.23
C2H PC1 J . -12.05 11.85 3.73
C2I PC1 J . -11.79 13.25 4.26
C3 PC1 J . -8.64 1.91 -14.45
O31 PC1 J . -8.54 3.09 -15.28
C31 PC1 J . -9.62 3.45 -15.97
O32 PC1 J . -9.58 3.75 -17.13
C32 PC1 J . -10.87 3.51 -15.13
C33 PC1 J . -10.76 4.44 -13.97
C34 PC1 J . -10.31 5.83 -14.37
C35 PC1 J . -10.57 6.90 -13.33
C36 PC1 J . -9.98 6.60 -11.97
C37 PC1 J . -10.94 6.80 -10.83
C38 PC1 J . -10.43 6.31 -9.50
C39 PC1 J . -11.24 6.80 -8.32
C3A PC1 J . -11.02 8.25 -7.99
C3B PC1 J . -11.92 8.79 -6.91
C3C PC1 J . -11.49 10.12 -6.35
C3D PC1 J . -12.43 10.70 -5.34
C3E PC1 J . -11.81 11.72 -4.43
C3F PC1 J . -12.75 12.32 -3.41
C3G PC1 J . -12.07 13.06 -2.29
C3H PC1 J . -13.01 13.71 -1.30
C3I PC1 J . -14.06 12.76 -0.73
C1 NAG K . -22.98 60.53 0.54
C2 NAG K . -21.93 61.16 -0.37
C3 NAG K . -22.32 62.59 -0.72
C4 NAG K . -23.74 62.65 -1.24
C5 NAG K . -24.71 61.96 -0.28
C6 NAG K . -26.12 61.91 -0.84
C7 NAG K . -19.51 60.96 -0.43
C8 NAG K . -18.23 61.01 0.36
N2 NAG K . -20.63 61.15 0.26
O3 NAG K . -21.42 63.10 -1.72
O4 NAG K . -24.13 64.02 -1.41
O5 NAG K . -24.28 60.63 -0.02
O6 NAG K . -26.80 60.76 -0.32
O7 NAG K . -19.51 60.74 -1.64
O12 PC1 L . 16.50 8.31 -3.13
P PC1 L . 15.52 9.30 -2.58
O14 PC1 L . 15.79 10.77 -2.72
O13 PC1 L . 15.32 8.94 -1.02
C11 PC1 L . 16.42 9.07 -0.09
C12 PC1 L . 15.93 8.70 1.29
N PC1 L . 16.92 8.76 2.43
C13 PC1 L . 18.05 7.83 2.16
C14 PC1 L . 17.44 10.14 2.59
C15 PC1 L . 16.25 8.35 3.69
O11 PC1 L . 14.07 8.96 -3.19
C1 PC1 L . 12.94 9.87 -2.98
C2 PC1 L . 12.84 10.31 -1.53
O21 PC1 L . 11.45 10.36 -1.10
C21 PC1 L . 10.81 9.19 -0.89
O22 PC1 L . 11.14 8.17 -1.42
C22 PC1 L . 9.73 9.32 0.14
C23 PC1 L . 8.73 10.39 -0.17
C24 PC1 L . 7.77 10.65 0.98
C25 PC1 L . 6.70 11.67 0.65
C26 PC1 L . 5.78 12.00 1.80
C27 PC1 L . 4.71 13.02 1.44
C28 PC1 L . 3.84 13.46 2.59
C29 PC1 L . 3.00 14.67 2.28
C2A PC1 L . 2.11 15.13 3.42
C2B PC1 L . 1.76 16.60 3.37
C2C PC1 L . 0.65 17.00 4.32
C2D PC1 L . -0.74 16.65 3.83
C2E PC1 L . -1.80 16.65 4.90
C2F PC1 L . -2.42 18.00 5.16
C2G PC1 L . -3.24 18.06 6.44
C2H PC1 L . -4.68 17.60 6.30
C2I PC1 L . -5.43 17.60 7.62
C3 PC1 L . 13.42 11.69 -1.29
O31 PC1 L . 14.24 11.61 -0.10
C31 PC1 L . 15.05 12.64 0.17
O32 PC1 L . 16.13 12.50 0.67
C32 PC1 L . 14.45 13.98 -0.14
C33 PC1 L . 13.22 14.29 0.67
C34 PC1 L . 13.40 13.99 2.15
C35 PC1 L . 12.28 14.50 3.02
C36 PC1 L . 10.91 13.96 2.66
C37 PC1 L . 9.82 14.98 2.69
C38 PC1 L . 8.53 14.54 2.05
C39 PC1 L . 7.34 15.36 2.46
C3A PC1 L . 6.84 15.07 3.85
C3B PC1 L . 5.77 16.00 4.33
C3C PC1 L . 5.02 15.50 5.55
C3D PC1 L . 4.16 16.55 6.19
C3E PC1 L . 2.97 16.03 6.95
C3F PC1 L . 2.04 17.10 7.45
C3G PC1 L . 0.74 16.59 8.04
C3H PC1 L . -0.13 17.66 8.64
C3I PC1 L . -0.27 18.89 7.77
C1 NAG M . -9.51 58.07 22.83
C2 NAG M . -8.06 58.43 23.21
C3 NAG M . -7.71 59.88 22.98
C4 NAG M . -8.27 60.39 21.66
C5 NAG M . -9.77 60.14 21.64
C6 NAG M . -10.42 60.72 20.38
C7 NAG M . -6.83 57.38 25.04
C8 NAG M . -6.71 57.24 26.53
N2 NAG M . -7.84 58.13 24.62
O3 NAG M . -6.28 60.01 22.97
O4 NAG M . -7.98 61.78 21.52
O5 NAG M . -10.00 58.74 21.67
O6 NAG M . -11.79 60.30 20.32
O7 NAG M . -6.04 56.85 24.27
C1 NAG N . -13.85 43.16 46.57
C2 NAG N . -13.38 42.43 47.83
C3 NAG N . -13.10 43.40 48.96
C4 NAG N . -12.19 44.52 48.48
C5 NAG N . -12.80 45.21 47.28
C6 NAG N . -11.88 46.30 46.73
C7 NAG N . -14.06 40.18 48.46
C8 NAG N . -15.18 39.32 48.97
N2 NAG N . -14.37 41.46 48.26
O3 NAG N . -12.48 42.70 50.05
O4 NAG N . -11.99 45.46 49.55
O5 NAG N . -13.03 44.28 46.23
O6 NAG N . -12.23 46.59 45.38
O7 NAG N . -12.95 39.73 48.26
C01 AJP O . -13.87 -3.30 12.51
C02 AJP O . -13.72 -4.53 13.37
C03 AJP O . -13.09 -4.22 14.74
C04 AJP O . -11.61 -3.91 14.58
C05 AJP O . -10.88 -5.01 13.86
C06 AJP O . -9.74 -5.68 14.63
C07 AJP O . -8.46 -5.19 13.92
C08 AJP O . -8.99 -4.00 13.09
O09 AJP O . -10.29 -4.45 12.69
C10 AJP O . -8.05 -3.87 11.88
C11 AJP O . -6.95 -4.92 12.14
C12 AJP O . -7.70 -6.05 12.88
C13 AJP O . -6.63 -6.98 13.44
C14 AJP O . -5.72 -7.52 12.32
C15 AJP O . -5.08 -6.41 11.47
C16 AJP O . -6.12 -5.39 10.96
C17 AJP O . -5.43 -4.25 10.24
C18 AJP O . -4.60 -4.75 9.07
C19 AJP O . -3.56 -5.75 9.55
C20 AJP O . -4.18 -6.96 10.31
C21 AJP O . -3.03 -7.81 10.90
C22 AJP O . -1.68 -7.58 10.21
C23 AJP O . -1.86 -7.44 8.72
C24 AJP O . -2.65 -6.19 8.38
O25 AJP O . -0.57 -7.38 8.06
C26 AJP O . -0.58 -7.35 6.66
C27 AJP O . 0.86 -7.37 6.18
C28 AJP O . 0.89 -7.37 4.66
C29 AJP O . 0.06 -8.54 4.11
C30 AJP O . -1.34 -8.55 4.70
O31 AJP O . -1.28 -8.48 6.14
C32 AJP O . -2.21 -7.40 4.22
O33 AJP O . -3.49 -7.42 4.84
O34 AJP O . 0.71 -9.77 4.46
C35 AJP O . 0.79 -10.77 3.46
C36 AJP O . 1.84 -10.33 2.44
C37 AJP O . 1.91 -11.33 1.29
C38 AJP O . 0.53 -11.48 0.68
C39 AJP O . -0.53 -11.86 1.74
O40 AJP O . -0.48 -10.91 2.83
C41 AJP O . -0.34 -13.24 2.34
O42 AJP O . -0.48 -14.27 1.35
O43 AJP O . 0.56 -12.46 -0.36
O44 AJP O . 2.34 -12.64 1.70
C45 AJP O . 3.71 -12.83 1.94
C46 AJP O . 3.96 -14.32 2.15
C47 AJP O . 3.61 -15.08 0.88
C48 AJP O . 4.37 -14.51 -0.30
C49 AJP O . 4.11 -13.01 -0.39
O50 AJP O . 4.47 -12.36 0.84
O51 AJP O . 3.94 -15.13 -1.53
O52 AJP O . 3.91 -16.47 1.04
O53 AJP O . 5.32 -14.53 2.52
O54 AJP O . 3.11 -10.24 3.12
C55 AJP O . 4.17 -9.67 2.38
C56 AJP O . 5.42 -9.63 3.25
C57 AJP O . 6.55 -9.09 2.40
C58 AJP O . 6.21 -7.71 1.89
C59 AJP O . 4.84 -7.67 1.16
O60 AJP O . 3.83 -8.36 1.96
C61 AJP O . 4.85 -8.31 -0.21
O62 AJP O . 5.78 -9.38 -0.37
O63 AJP O . 7.22 -7.25 1.00
O64 AJP O . 7.75 -8.99 3.19
C65 AJP O . 8.93 -9.34 2.52
C66 AJP O . 9.30 -10.77 2.92
C67 AJP O . 10.59 -11.19 2.23
C68 AJP O . 11.69 -10.16 2.43
C69 AJP O . 11.23 -8.71 2.16
O70 AJP O . 9.98 -8.45 2.85
C71 AJP O . 11.02 -8.37 0.70
O72 AJP O . 10.54 -7.04 0.54
O73 AJP O . 12.80 -10.46 1.58
O74 AJP O . 10.34 -11.44 0.84
O75 AJP O . 8.23 -11.67 2.60
O76 AJP O . 5.73 -10.93 3.74
O77 AJP O . 2.23 -7.45 4.20
O78 AJP O . 1.54 -8.49 6.73
O79 AJP O . -1.06 -6.39 10.73
C80 AJP O . -4.99 -7.83 9.34
C81 AJP O . -8.63 -6.82 11.93
O82 AJP O . -8.74 -4.18 10.68
C83 AJP O . -9.85 -7.17 14.86
O84 AJP O . -11.80 -6.04 13.49
C85 AJP O . -12.88 -5.58 12.68
C1 NAG P . -31.30 22.70 50.98
C2 NAG P . -31.58 21.22 51.22
C3 NAG P . -30.95 20.77 52.51
C4 NAG P . -29.47 21.13 52.56
C5 NAG P . -29.22 22.58 52.14
C6 NAG P . -27.73 22.83 51.96
C7 NAG P . -33.54 19.89 50.66
C8 NAG P . -35.03 19.76 50.77
N2 NAG P . -33.01 20.97 51.24
O3 NAG P . -31.10 19.35 52.65
O4 NAG P . -28.99 20.93 53.89
O5 NAG P . -29.89 22.90 50.92
O6 NAG P . -27.53 23.98 51.12
O7 NAG P . -32.87 19.06 50.09
O12 PC1 Q . -6.27 -15.65 5.49
P PC1 Q . -7.21 -14.67 6.13
O14 PC1 Q . -8.22 -15.15 7.15
O13 PC1 Q . -7.99 -13.93 4.93
C11 PC1 Q . -8.87 -14.67 4.04
C12 PC1 Q . -9.42 -13.70 3.02
N PC1 Q . -10.36 -14.27 1.97
C13 PC1 Q . -9.69 -15.35 1.20
C14 PC1 Q . -11.58 -14.84 2.62
C15 PC1 Q . -10.78 -13.19 1.03
O11 PC1 Q . -6.35 -13.48 6.76
C1 PC1 Q . -6.96 -12.46 7.59
C2 PC1 Q . -8.24 -11.93 6.97
O21 PC1 Q . -8.38 -10.50 7.18
C21 PC1 Q . -7.62 -9.68 6.44
O22 PC1 Q . -6.53 -9.99 6.04
C22 PC1 Q . -8.32 -8.39 6.11
C23 PC1 Q . -8.81 -7.65 7.31
C24 PC1 Q . -9.62 -6.41 6.96
C25 PC1 Q . -9.91 -5.53 8.15
C26 PC1 Q . -10.72 -4.29 7.85
C27 PC1 Q . -10.69 -3.28 8.98
C28 PC1 Q . -11.69 -2.16 8.90
C29 PC1 Q . -11.36 -1.01 9.84
C2A PC1 Q . -12.47 -0.01 10.04
C2B PC1 Q . -13.48 -0.38 11.10
C2C PC1 Q . -14.42 0.74 11.50
C2D PC1 Q . -13.75 1.91 12.18
C2E PC1 Q . -14.14 3.26 11.64
C2F PC1 Q . -15.40 3.83 12.25
C2G PC1 Q . -15.98 5.02 11.52
C2H PC1 Q . -15.47 6.37 11.94
C2I PC1 Q . -16.14 7.52 11.21
C3 PC1 Q . -9.49 -12.57 7.53
O31 PC1 Q . -10.33 -12.95 6.43
C31 PC1 Q . -11.38 -13.75 6.67
O32 PC1 Q . -11.75 -14.58 5.90
C32 PC1 Q . -12.09 -13.42 7.96
C33 PC1 Q . -12.68 -12.04 7.99
C34 PC1 Q . -13.50 -11.72 6.76
C35 PC1 Q . -14.26 -10.41 6.85
C36 PC1 Q . -13.39 -9.20 7.05
C37 PC1 Q . -13.98 -8.16 7.97
C38 PC1 Q . -12.99 -7.13 8.44
C39 PC1 Q . -13.63 -5.92 9.07
C3A PC1 Q . -14.34 -5.03 8.09
C3B PC1 Q . -14.98 -3.82 8.71
C3C PC1 Q . -15.07 -2.66 7.75
C3D PC1 Q . -16.14 -1.65 8.05
C3E PC1 Q . -15.66 -0.23 8.18
C3F PC1 Q . -16.80 0.75 8.40
C3G PC1 Q . -16.38 2.20 8.38
C3H PC1 Q . -17.50 3.17 8.71
C3I PC1 Q . -18.13 2.93 10.05
C1 NAG R . -51.60 14.84 34.71
C2 NAG R . -52.10 13.57 35.37
C3 NAG R . -51.85 13.58 36.88
C4 NAG R . -50.43 14.00 37.20
C5 NAG R . -50.05 15.27 36.46
C6 NAG R . -48.59 15.63 36.70
C7 NAG R . -54.11 12.21 35.38
C8 NAG R . -55.59 12.17 35.14
N2 NAG R . -53.52 13.37 35.13
O3 NAG R . -52.10 12.28 37.42
O4 NAG R . -50.32 14.21 38.62
O5 NAG R . -50.25 15.10 35.05
O6 NAG R . -48.15 16.58 35.72
O7 NAG R . -53.49 11.23 35.77
C01 AJP S . -15.96 8.38 -5.99
C02 AJP S . -16.74 8.38 -7.29
C03 AJP S . -17.95 7.45 -7.24
C04 AJP S . -17.49 6.01 -7.05
C05 AJP S . -16.36 5.67 -8.00
C06 AJP S . -16.49 4.32 -8.73
C07 AJP S . -15.64 3.35 -7.88
C08 AJP S . -15.22 4.22 -6.67
O09 AJP S . -15.16 5.54 -7.23
C10 AJP S . -13.83 3.71 -6.24
C11 AJP S . -13.69 2.39 -7.01
C12 AJP S . -14.29 2.75 -8.38
C13 AJP S . -14.41 1.44 -9.16
C14 AJP S . -13.06 0.74 -9.29
C15 AJP S . -12.40 0.46 -7.94
C16 AJP S . -12.31 1.73 -7.07
C17 AJP S . -11.80 1.38 -5.68
C18 AJP S . -10.44 0.70 -5.75
C19 AJP S . -10.50 -0.57 -6.61
C20 AJP S . -11.03 -0.28 -8.04
C21 AJP S . -11.22 -1.65 -8.76
C22 AJP S . -10.30 -2.75 -8.25
C23 AJP S . -8.96 -2.19 -7.81
C24 AJP S . -9.15 -1.29 -6.60
O25 AJP S . -8.05 -3.24 -7.49
C26 AJP S . -6.75 -2.87 -7.10
C27 AJP S . -5.94 -4.12 -6.80
C28 AJP S . -4.54 -3.71 -6.38
C29 AJP S . -3.89 -2.83 -7.43
C30 AJP S . -4.78 -1.65 -7.82
O31 AJP S . -6.12 -2.11 -8.14
C32 AJP S . -4.90 -0.60 -6.74
O33 AJP S . -5.76 0.45 -7.13
O34 AJP S . -3.64 -3.63 -8.60
C35 AJP S . -2.42 -3.44 -9.27
C36 AJP S . -1.31 -4.09 -8.44
C37 AJP S . 0.04 -3.84 -9.10
C38 AJP S . 0.25 -2.35 -9.29
C39 AJP S . -0.91 -1.71 -10.07
O40 AJP S . -2.17 -2.04 -9.42
C41 AJP S . -1.02 -2.13 -11.52
O42 AJP S . 0.11 -1.71 -12.27
O43 AJP S . 1.48 -2.11 -9.97
O44 AJP S . 0.13 -4.47 -10.39
C45 AJP S . 0.42 -5.85 -10.41
C46 AJP S . 0.67 -6.28 -11.85
C47 AJP S . 1.88 -5.54 -12.40
C48 AJP S . 3.08 -5.76 -11.50
C49 AJP S . 2.72 -5.39 -10.07
O50 AJP S . 1.58 -6.12 -9.62
O51 AJP S . 4.19 -4.96 -11.93
O52 AJP S . 2.17 -5.99 -13.74
O53 AJP S . 0.84 -7.69 -11.91
O54 AJP S . -1.59 -5.50 -8.32
C55 AJP S . -0.76 -6.22 -7.44
C56 AJP S . -1.21 -7.67 -7.42
C57 AJP S . -0.24 -8.43 -6.55
C58 AJP S . -0.25 -7.85 -5.14
C59 AJP S . -0.01 -6.34 -5.14
O60 AJP S . -0.83 -5.67 -6.14
C61 AJP S . 1.43 -5.94 -5.40
O62 AJP S . 2.14 -6.82 -6.26
O63 AJP S . 0.73 -8.51 -4.34
O64 AJP S . -0.62 -9.82 -6.47
C65 AJP S . 0.46 -10.72 -6.47
C66 AJP S . 0.61 -11.26 -7.89
C67 AJP S . 1.76 -12.28 -7.94
C68 AJP S . 1.61 -13.33 -6.85
C69 AJP S . 1.31 -12.74 -5.46
O70 AJP S . 0.23 -11.78 -5.56
C71 AJP S . 2.49 -12.05 -4.80
O72 AJP S . 2.12 -11.52 -3.54
O73 AJP S . 2.81 -14.12 -6.79
O74 AJP S . 3.01 -11.59 -7.87
O75 AJP S . 0.83 -10.20 -8.81
O76 AJP S . -1.22 -8.22 -8.74
O77 AJP S . -3.76 -4.87 -6.11
O78 AJP S . -5.94 -4.97 -7.95
O79 AJP S . -10.91 -3.43 -7.15
C80 AJP S . -10.02 0.56 -8.84
C81 AJP S . -13.42 3.75 -9.15
O82 AJP S . -12.82 4.64 -6.61
C83 AJP S . -16.19 4.35 -10.22
O84 AJP S . -16.22 6.68 -8.98
C85 AJP S . -15.86 7.96 -8.45
C1 NAG T . -59.21 24.27 7.67
C2 NAG T . -59.47 23.30 6.56
C3 NAG T . -60.28 22.17 7.17
C4 NAG T . -59.51 21.53 8.29
C5 NAG T . -59.04 22.59 9.29
C6 NAG T . -58.23 21.85 10.35
C7 NAG T . -59.85 24.08 4.26
C8 NAG T . -60.93 24.72 3.46
N2 NAG T . -60.28 23.86 5.50
O3 NAG T . -60.60 21.20 6.17
O4 NAG T . -60.40 20.60 8.94
O5 NAG T . -58.35 23.69 8.66
O6 NAG T . -57.60 22.72 11.29
O7 NAG T . -58.73 23.80 3.85
#